data_2IGW
# 
_entry.id   2IGW 
# 
_audit_conform.dict_name       mmcif_pdbx.dic 
_audit_conform.dict_version    5.377 
_audit_conform.dict_location   http://mmcif.pdb.org/dictionaries/ascii/mmcif_pdbx.dic 
# 
loop_
_database_2.database_id 
_database_2.database_code 
_database_2.pdbx_database_accession 
_database_2.pdbx_DOI 
PDB   2IGW         pdb_00002igw 10.2210/pdb2igw/pdb 
RCSB  RCSB039555   ?            ?                   
WWPDB D_1000039555 ?            ?                   
# 
_pdbx_database_status.status_code                     REL 
_pdbx_database_status.entry_id                        2IGW 
_pdbx_database_status.recvd_initial_deposition_date   2006-09-25 
_pdbx_database_status.deposit_site                    RCSB 
_pdbx_database_status.process_site                    RCSB 
_pdbx_database_status.status_code_sf                  REL 
_pdbx_database_status.status_code_mr                  ? 
_pdbx_database_status.SG_entry                        ? 
_pdbx_database_status.pdb_format_compatible           Y 
_pdbx_database_status.status_code_cs                  ? 
_pdbx_database_status.status_code_nmr_data            ? 
_pdbx_database_status.methods_development_category    ? 
# 
_audit_author.name           'Kan, D.' 
_audit_author.pdbx_ordinal   1 
# 
_citation.id                        primary 
_citation.title                     'Experimental Determination of van der Waals Energies in a Biological System.' 
_citation.journal_abbrev            Angew.Chem.Int.Ed.Engl. 
_citation.journal_volume            46 
_citation.page_first                6453 
_citation.page_last                 6456 
_citation.year                      2007 
_citation.journal_id_ASTM           ? 
_citation.country                   GE 
_citation.journal_id_ISSN           1433-7851 
_citation.journal_id_CSD            9999 
_citation.book_publisher            ? 
_citation.pdbx_database_id_PubMed   17654646 
_citation.pdbx_database_id_DOI      10.1002/anie.200702084 
# 
loop_
_citation_author.citation_id 
_citation_author.name 
_citation_author.ordinal 
_citation_author.identifier_ORCID 
primary 'Wear, M.A.'       1 ? 
primary 'Kan, D.'          2 ? 
primary 'Rabu, A.'         3 ? 
primary 'Walkinshaw, M.D.' 4 ? 
# 
_cell.entry_id           2IGW 
_cell.length_a           62.724 
_cell.length_b           62.724 
_cell.length_c           122.756 
_cell.angle_alpha        90.00 
_cell.angle_beta         90.00 
_cell.angle_gamma        90.00 
_cell.Z_PDB              8 
_cell.pdbx_unique_axis   ? 
_cell.length_a_esd       ? 
_cell.length_b_esd       ? 
_cell.length_c_esd       ? 
_cell.angle_alpha_esd    ? 
_cell.angle_beta_esd     ? 
_cell.angle_gamma_esd    ? 
# 
_symmetry.entry_id                         2IGW 
_symmetry.space_group_name_H-M             'P 41 21 2' 
_symmetry.pdbx_full_space_group_name_H-M   ? 
_symmetry.cell_setting                     ? 
_symmetry.Int_Tables_number                92 
_symmetry.space_group_name_Hall            ? 
# 
loop_
_entity.id 
_entity.type 
_entity.src_method 
_entity.pdbx_description 
_entity.formula_weight 
_entity.pdbx_number_of_molecules 
_entity.pdbx_ec 
_entity.pdbx_mutation 
_entity.pdbx_fragment 
_entity.details 
1 polymer     man 'Peptidyl-prolyl cis-trans isomerase 3' 18576.182 1   5.2.1.8 ? ? ? 
2 non-polymer syn GLYCINE                                 75.067    1   ?       ? ? ? 
3 non-polymer syn PROLINE                                 115.130   1   ?       ? ? ? 
4 water       nat water                                   18.015    135 ?       ? ? ? 
# 
_entity_name_com.entity_id   1 
_entity_name_com.name        'PPIase, Rotamase, Cyclophilin-3' 
# 
_entity_poly.entity_id                      1 
_entity_poly.type                           'polypeptide(L)' 
_entity_poly.nstd_linkage                   no 
_entity_poly.nstd_monomer                   no 
_entity_poly.pdbx_seq_one_letter_code       
;MSRSKVFFDITIGGKASGRIVMELYDDVVPKTAGNFRALCTGENGIGKSGKPLHFKGSKFHRIIPNFMIQGGDFTRGNGT
GGESIYGEKFPDENFKEKHTGPGVLSMANAGPNTNGSQFFLCTVKTEWLDGKHVVFGRVVEGLDVVKAVESNGSQSGKPV
KDCMIADCGQLKA
;
_entity_poly.pdbx_seq_one_letter_code_can   
;MSRSKVFFDITIGGKASGRIVMELYDDVVPKTAGNFRALCTGENGIGKSGKPLHFKGSKFHRIIPNFMIQGGDFTRGNGT
GGESIYGEKFPDENFKEKHTGPGVLSMANAGPNTNGSQFFLCTVKTEWLDGKHVVFGRVVEGLDVVKAVESNGSQSGKPV
KDCMIADCGQLKA
;
_entity_poly.pdbx_strand_id                 A 
_entity_poly.pdbx_target_identifier         ? 
# 
loop_
_entity_poly_seq.entity_id 
_entity_poly_seq.num 
_entity_poly_seq.mon_id 
_entity_poly_seq.hetero 
1 1   MET n 
1 2   SER n 
1 3   ARG n 
1 4   SER n 
1 5   LYS n 
1 6   VAL n 
1 7   PHE n 
1 8   PHE n 
1 9   ASP n 
1 10  ILE n 
1 11  THR n 
1 12  ILE n 
1 13  GLY n 
1 14  GLY n 
1 15  LYS n 
1 16  ALA n 
1 17  SER n 
1 18  GLY n 
1 19  ARG n 
1 20  ILE n 
1 21  VAL n 
1 22  MET n 
1 23  GLU n 
1 24  LEU n 
1 25  TYR n 
1 26  ASP n 
1 27  ASP n 
1 28  VAL n 
1 29  VAL n 
1 30  PRO n 
1 31  LYS n 
1 32  THR n 
1 33  ALA n 
1 34  GLY n 
1 35  ASN n 
1 36  PHE n 
1 37  ARG n 
1 38  ALA n 
1 39  LEU n 
1 40  CYS n 
1 41  THR n 
1 42  GLY n 
1 43  GLU n 
1 44  ASN n 
1 45  GLY n 
1 46  ILE n 
1 47  GLY n 
1 48  LYS n 
1 49  SER n 
1 50  GLY n 
1 51  LYS n 
1 52  PRO n 
1 53  LEU n 
1 54  HIS n 
1 55  PHE n 
1 56  LYS n 
1 57  GLY n 
1 58  SER n 
1 59  LYS n 
1 60  PHE n 
1 61  HIS n 
1 62  ARG n 
1 63  ILE n 
1 64  ILE n 
1 65  PRO n 
1 66  ASN n 
1 67  PHE n 
1 68  MET n 
1 69  ILE n 
1 70  GLN n 
1 71  GLY n 
1 72  GLY n 
1 73  ASP n 
1 74  PHE n 
1 75  THR n 
1 76  ARG n 
1 77  GLY n 
1 78  ASN n 
1 79  GLY n 
1 80  THR n 
1 81  GLY n 
1 82  GLY n 
1 83  GLU n 
1 84  SER n 
1 85  ILE n 
1 86  TYR n 
1 87  GLY n 
1 88  GLU n 
1 89  LYS n 
1 90  PHE n 
1 91  PRO n 
1 92  ASP n 
1 93  GLU n 
1 94  ASN n 
1 95  PHE n 
1 96  LYS n 
1 97  GLU n 
1 98  LYS n 
1 99  HIS n 
1 100 THR n 
1 101 GLY n 
1 102 PRO n 
1 103 GLY n 
1 104 VAL n 
1 105 LEU n 
1 106 SER n 
1 107 MET n 
1 108 ALA n 
1 109 ASN n 
1 110 ALA n 
1 111 GLY n 
1 112 PRO n 
1 113 ASN n 
1 114 THR n 
1 115 ASN n 
1 116 GLY n 
1 117 SER n 
1 118 GLN n 
1 119 PHE n 
1 120 PHE n 
1 121 LEU n 
1 122 CYS n 
1 123 THR n 
1 124 VAL n 
1 125 LYS n 
1 126 THR n 
1 127 GLU n 
1 128 TRP n 
1 129 LEU n 
1 130 ASP n 
1 131 GLY n 
1 132 LYS n 
1 133 HIS n 
1 134 VAL n 
1 135 VAL n 
1 136 PHE n 
1 137 GLY n 
1 138 ARG n 
1 139 VAL n 
1 140 VAL n 
1 141 GLU n 
1 142 GLY n 
1 143 LEU n 
1 144 ASP n 
1 145 VAL n 
1 146 VAL n 
1 147 LYS n 
1 148 ALA n 
1 149 VAL n 
1 150 GLU n 
1 151 SER n 
1 152 ASN n 
1 153 GLY n 
1 154 SER n 
1 155 GLN n 
1 156 SER n 
1 157 GLY n 
1 158 LYS n 
1 159 PRO n 
1 160 VAL n 
1 161 LYS n 
1 162 ASP n 
1 163 CYS n 
1 164 MET n 
1 165 ILE n 
1 166 ALA n 
1 167 ASP n 
1 168 CYS n 
1 169 GLY n 
1 170 GLN n 
1 171 LEU n 
1 172 LYS n 
1 173 ALA n 
# 
_entity_src_gen.entity_id                          1 
_entity_src_gen.pdbx_src_id                        1 
_entity_src_gen.pdbx_alt_source_flag               sample 
_entity_src_gen.pdbx_seq_type                      ? 
_entity_src_gen.pdbx_beg_seq_num                   ? 
_entity_src_gen.pdbx_end_seq_num                   ? 
_entity_src_gen.gene_src_common_name               ? 
_entity_src_gen.gene_src_genus                     Caenorhabditis 
_entity_src_gen.pdbx_gene_src_gene                 ? 
_entity_src_gen.gene_src_species                   ? 
_entity_src_gen.gene_src_strain                    ? 
_entity_src_gen.gene_src_tissue                    ? 
_entity_src_gen.gene_src_tissue_fraction           ? 
_entity_src_gen.gene_src_details                   ? 
_entity_src_gen.pdbx_gene_src_fragment             ? 
_entity_src_gen.pdbx_gene_src_scientific_name      'Caenorhabditis elegans' 
_entity_src_gen.pdbx_gene_src_ncbi_taxonomy_id     6239 
_entity_src_gen.pdbx_gene_src_variant              ? 
_entity_src_gen.pdbx_gene_src_cell_line            ? 
_entity_src_gen.pdbx_gene_src_atcc                 ? 
_entity_src_gen.pdbx_gene_src_organ                ? 
_entity_src_gen.pdbx_gene_src_organelle            ? 
_entity_src_gen.pdbx_gene_src_cell                 ? 
_entity_src_gen.pdbx_gene_src_cellular_location    ? 
_entity_src_gen.host_org_common_name               ? 
_entity_src_gen.pdbx_host_org_scientific_name      'Escherichia coli' 
_entity_src_gen.pdbx_host_org_ncbi_taxonomy_id     562 
_entity_src_gen.host_org_genus                     Escherichia 
_entity_src_gen.pdbx_host_org_gene                 ? 
_entity_src_gen.pdbx_host_org_organ                ? 
_entity_src_gen.host_org_species                   ? 
_entity_src_gen.pdbx_host_org_tissue               ? 
_entity_src_gen.pdbx_host_org_tissue_fraction      ? 
_entity_src_gen.pdbx_host_org_strain               ? 
_entity_src_gen.pdbx_host_org_variant              ? 
_entity_src_gen.pdbx_host_org_cell_line            ? 
_entity_src_gen.pdbx_host_org_atcc                 ? 
_entity_src_gen.pdbx_host_org_culture_collection   ? 
_entity_src_gen.pdbx_host_org_cell                 ? 
_entity_src_gen.pdbx_host_org_organelle            ? 
_entity_src_gen.pdbx_host_org_cellular_location    ? 
_entity_src_gen.pdbx_host_org_vector_type          plasmid 
_entity_src_gen.pdbx_host_org_vector               ? 
_entity_src_gen.host_org_details                   ? 
_entity_src_gen.expression_system_id               ? 
_entity_src_gen.plasmid_name                       PET-5A 
_entity_src_gen.plasmid_details                    ? 
_entity_src_gen.pdbx_description                   ? 
# 
_struct_ref.id                         1 
_struct_ref.db_name                    UNP 
_struct_ref.db_code                    CYP3_CAEEL 
_struct_ref.pdbx_db_accession          P52011 
_struct_ref.entity_id                  1 
_struct_ref.pdbx_seq_one_letter_code   
;MSRSKVFFDITIGGKASGRIVMELYDDVVPKTAGNFRALCTGENGIGKSGKPLHFKGSKFHRIIPNFMIQGGDFTRGNGT
GGESIYGEKFPDENFKEKHTGPGVLSMANAGPNTNGSQFFLCTVKTEWLDGKHVVFGRVVEGLDVVKAVESNGSQSGKPV
KDCMIADCGQLK
;
_struct_ref.pdbx_align_begin           1 
_struct_ref.pdbx_db_isoform            ? 
# 
_struct_ref_seq.align_id                      1 
_struct_ref_seq.ref_id                        1 
_struct_ref_seq.pdbx_PDB_id_code              2IGW 
_struct_ref_seq.pdbx_strand_id                A 
_struct_ref_seq.seq_align_beg                 1 
_struct_ref_seq.pdbx_seq_align_beg_ins_code   ? 
_struct_ref_seq.seq_align_end                 173 
_struct_ref_seq.pdbx_seq_align_end_ins_code   ? 
_struct_ref_seq.pdbx_db_accession             P52011 
_struct_ref_seq.db_align_beg                  1 
_struct_ref_seq.pdbx_db_align_beg_ins_code    ? 
_struct_ref_seq.db_align_end                  173 
_struct_ref_seq.pdbx_db_align_end_ins_code    ? 
_struct_ref_seq.pdbx_auth_seq_align_beg       1 
_struct_ref_seq.pdbx_auth_seq_align_end       173 
# 
loop_
_chem_comp.id 
_chem_comp.type 
_chem_comp.mon_nstd_flag 
_chem_comp.name 
_chem_comp.pdbx_synonyms 
_chem_comp.formula 
_chem_comp.formula_weight 
ALA 'L-peptide linking' y ALANINE         ? 'C3 H7 N O2'     89.093  
ARG 'L-peptide linking' y ARGININE        ? 'C6 H15 N4 O2 1' 175.209 
ASN 'L-peptide linking' y ASPARAGINE      ? 'C4 H8 N2 O3'    132.118 
ASP 'L-peptide linking' y 'ASPARTIC ACID' ? 'C4 H7 N O4'     133.103 
CYS 'L-peptide linking' y CYSTEINE        ? 'C3 H7 N O2 S'   121.158 
GLN 'L-peptide linking' y GLUTAMINE       ? 'C5 H10 N2 O3'   146.144 
GLU 'L-peptide linking' y 'GLUTAMIC ACID' ? 'C5 H9 N O4'     147.129 
GLY 'peptide linking'   y GLYCINE         ? 'C2 H5 N O2'     75.067  
HIS 'L-peptide linking' y HISTIDINE       ? 'C6 H10 N3 O2 1' 156.162 
HOH non-polymer         . WATER           ? 'H2 O'           18.015  
ILE 'L-peptide linking' y ISOLEUCINE      ? 'C6 H13 N O2'    131.173 
LEU 'L-peptide linking' y LEUCINE         ? 'C6 H13 N O2'    131.173 
LYS 'L-peptide linking' y LYSINE          ? 'C6 H15 N2 O2 1' 147.195 
MET 'L-peptide linking' y METHIONINE      ? 'C5 H11 N O2 S'  149.211 
PHE 'L-peptide linking' y PHENYLALANINE   ? 'C9 H11 N O2'    165.189 
PRO 'L-peptide linking' y PROLINE         ? 'C5 H9 N O2'     115.130 
SER 'L-peptide linking' y SERINE          ? 'C3 H7 N O3'     105.093 
THR 'L-peptide linking' y THREONINE       ? 'C4 H9 N O3'     119.119 
TRP 'L-peptide linking' y TRYPTOPHAN      ? 'C11 H12 N2 O2'  204.225 
TYR 'L-peptide linking' y TYROSINE        ? 'C9 H11 N O3'    181.189 
VAL 'L-peptide linking' y VALINE          ? 'C5 H11 N O2'    117.146 
# 
_exptl.entry_id          2IGW 
_exptl.method            'X-RAY DIFFRACTION' 
_exptl.crystals_number   1 
# 
_exptl_crystal.id                    1 
_exptl_crystal.density_meas          ? 
_exptl_crystal.density_Matthews      3.25 
_exptl_crystal.density_percent_sol   61.93 
_exptl_crystal.description           ? 
_exptl_crystal.F_000                 ? 
_exptl_crystal.preparation           ? 
# 
_exptl_crystal_grow.crystal_id      1 
_exptl_crystal_grow.method          'VAPOR DIFFUSION, HANGING DROP' 
_exptl_crystal_grow.temp            291.0 
_exptl_crystal_grow.temp_details    ? 
_exptl_crystal_grow.pH              5.6 
_exptl_crystal_grow.pdbx_details    '30% MPEG 5000, 0.1M Sodium citrate, pH 5.6, VAPOR DIFFUSION, HANGING DROP, temperature 291.0K' 
_exptl_crystal_grow.pdbx_pH_range   . 
# 
_diffrn.id                     1 
_diffrn.ambient_temp           100 
_diffrn.ambient_temp_details   ? 
_diffrn.crystal_id             1 
# 
_diffrn_detector.diffrn_id              1 
_diffrn_detector.detector               CCD 
_diffrn_detector.type                   MARRESEARCH 
_diffrn_detector.pdbx_collection_date   ? 
_diffrn_detector.details                ? 
# 
_diffrn_radiation.diffrn_id                        1 
_diffrn_radiation.wavelength_id                    1 
_diffrn_radiation.pdbx_monochromatic_or_laue_m_l   M 
_diffrn_radiation.monochromator                    ? 
_diffrn_radiation.pdbx_diffrn_protocol             'SINGLE WAVELENGTH' 
_diffrn_radiation.pdbx_scattering_type             x-ray 
# 
_diffrn_radiation_wavelength.id           1 
_diffrn_radiation_wavelength.wavelength   0.9795 
_diffrn_radiation_wavelength.wt           1.0 
# 
_diffrn_source.diffrn_id                   1 
_diffrn_source.source                      SYNCHROTRON 
_diffrn_source.type                        'EMBL/DESY, HAMBURG BEAMLINE BW7A' 
_diffrn_source.pdbx_synchrotron_site       'EMBL/DESY, HAMBURG' 
_diffrn_source.pdbx_synchrotron_beamline   BW7A 
_diffrn_source.pdbx_wavelength             0.9795 
_diffrn_source.pdbx_wavelength_list        ? 
# 
_reflns.entry_id                     2IGW 
_reflns.observed_criterion_sigma_I   ? 
_reflns.observed_criterion_sigma_F   ? 
_reflns.d_resolution_low             36.04 
_reflns.d_resolution_high            1.78 
_reflns.number_obs                   23790 
_reflns.number_all                   ? 
_reflns.percent_possible_obs         98.0 
_reflns.pdbx_Rmerge_I_obs            0.123 
_reflns.pdbx_Rsym_value              ? 
_reflns.pdbx_netI_over_sigmaI        11.7 
_reflns.B_iso_Wilson_estimate        25.8 
_reflns.pdbx_redundancy              4.3 
_reflns.R_free_details               ? 
_reflns.limit_h_max                  ? 
_reflns.limit_h_min                  ? 
_reflns.limit_k_max                  ? 
_reflns.limit_k_min                  ? 
_reflns.limit_l_max                  ? 
_reflns.limit_l_min                  ? 
_reflns.observed_criterion_F_max     ? 
_reflns.observed_criterion_F_min     ? 
_reflns.pdbx_chi_squared             ? 
_reflns.pdbx_scaling_rejects         ? 
_reflns.pdbx_diffrn_id               1 
_reflns.pdbx_ordinal                 1 
# 
_reflns_shell.d_res_high             1.78 
_reflns_shell.d_res_low              1.88 
_reflns_shell.percent_possible_all   90.9 
_reflns_shell.Rmerge_I_obs           0.01424 
_reflns_shell.pdbx_Rsym_value        ? 
_reflns_shell.meanI_over_sigI_obs    0.9 
_reflns_shell.pdbx_redundancy        4.2 
_reflns_shell.percent_possible_obs   ? 
_reflns_shell.number_unique_all      3131 
_reflns_shell.number_measured_all    ? 
_reflns_shell.number_measured_obs    ? 
_reflns_shell.number_unique_obs      ? 
_reflns_shell.pdbx_chi_squared       ? 
_reflns_shell.pdbx_diffrn_id         ? 
_reflns_shell.pdbx_ordinal           1 
# 
_refine.entry_id                                 2IGW 
_refine.ls_number_reflns_obs                     22427 
_refine.ls_number_reflns_all                     23642 
_refine.pdbx_ls_sigma_I                          ? 
_refine.pdbx_ls_sigma_F                          0.0 
_refine.pdbx_data_cutoff_high_absF               ? 
_refine.pdbx_data_cutoff_low_absF                ? 
_refine.pdbx_data_cutoff_high_rms_absF           ? 
_refine.ls_d_res_low                             35.95 
_refine.ls_d_res_high                            1.78 
_refine.ls_percent_reflns_obs                    92.6 
_refine.ls_R_factor_obs                          0.2245 
_refine.ls_R_factor_all                          0.2245 
_refine.ls_R_factor_R_work                       0.2245 
_refine.ls_R_factor_R_free                       0.2637 
_refine.ls_R_factor_R_free_error                 ? 
_refine.ls_R_factor_R_free_error_details         ? 
_refine.ls_percent_reflns_R_free                 0.0 
_refine.ls_number_reflns_R_free                  1215 
_refine.ls_number_parameters                     5688 
_refine.ls_number_restraints                     5371 
_refine.occupancy_min                            ? 
_refine.occupancy_max                            ? 
_refine.correlation_coeff_Fo_to_Fc               ? 
_refine.correlation_coeff_Fo_to_Fc_free          ? 
_refine.B_iso_mean                               ? 
_refine.aniso_B[1][1]                            ? 
_refine.aniso_B[2][2]                            ? 
_refine.aniso_B[3][3]                            ? 
_refine.aniso_B[1][2]                            ? 
_refine.aniso_B[1][3]                            ? 
_refine.aniso_B[2][3]                            ? 
_refine.solvent_model_details                    ? 
_refine.solvent_model_param_ksol                 ? 
_refine.solvent_model_param_bsol                 ? 
_refine.pdbx_solvent_vdw_probe_radii             ? 
_refine.pdbx_solvent_ion_probe_radii             ? 
_refine.pdbx_solvent_shrinkage_radii             ? 
_refine.pdbx_ls_cross_valid_method               'FREE R' 
_refine.details                                  ? 
_refine.pdbx_starting_model                      'PDB ENTRY 1E8K' 
_refine.pdbx_method_to_determine_struct          'MOLECULAR REPLACEMENT' 
_refine.pdbx_isotropic_thermal_model             ? 
_refine.pdbx_stereochemistry_target_values       'ENGH AND HUBER' 
_refine.pdbx_stereochem_target_val_spec_case     ? 
_refine.pdbx_R_Free_selection_details            RANDOM 
_refine.pdbx_overall_ESU_R                       ? 
_refine.pdbx_overall_ESU_R_Free                  ? 
_refine.overall_SU_ML                            ? 
_refine.overall_SU_B                             ? 
_refine.ls_redundancy_reflns_obs                 ? 
_refine.B_iso_min                                ? 
_refine.B_iso_max                                ? 
_refine.overall_SU_R_Cruickshank_DPI             ? 
_refine.overall_SU_R_free                        ? 
_refine.ls_wR_factor_R_free                      ? 
_refine.ls_wR_factor_R_work                      ? 
_refine.overall_FOM_free_R_set                   ? 
_refine.overall_FOM_work_R_set                   ? 
_refine.pdbx_refine_id                           'X-RAY DIFFRACTION' 
_refine.pdbx_diffrn_id                           1 
_refine.pdbx_TLS_residual_ADP_flag               ? 
_refine.pdbx_overall_phase_error                 ? 
_refine.pdbx_overall_SU_R_free_Cruickshank_DPI   ? 
_refine.pdbx_overall_SU_R_Blow_DPI               ? 
_refine.pdbx_overall_SU_R_free_Blow_DPI          ? 
# 
_refine_analyze.entry_id                        2IGW 
_refine_analyze.Luzzati_coordinate_error_obs    ? 
_refine_analyze.Luzzati_sigma_a_obs             ? 
_refine_analyze.Luzzati_d_res_low_obs           ? 
_refine_analyze.Luzzati_coordinate_error_free   ? 
_refine_analyze.Luzzati_sigma_a_free            ? 
_refine_analyze.Luzzati_d_res_low_free          ? 
_refine_analyze.number_disordered_residues      7 
_refine_analyze.occupancy_sum_hydrogen          0.00 
_refine_analyze.occupancy_sum_non_hydrogen      1436.93 
_refine_analyze.pdbx_Luzzati_d_res_high_obs     ? 
_refine_analyze.pdbx_refine_id                  'X-RAY DIFFRACTION' 
# 
_refine_hist.pdbx_refine_id                   'X-RAY DIFFRACTION' 
_refine_hist.cycle_id                         LAST 
_refine_hist.pdbx_number_atoms_protein        1303 
_refine_hist.pdbx_number_atoms_nucleic_acid   0 
_refine_hist.pdbx_number_atoms_ligand         12 
_refine_hist.number_atoms_solvent             135 
_refine_hist.number_atoms_total               1450 
_refine_hist.d_res_high                       1.78 
_refine_hist.d_res_low                        35.95 
# 
loop_
_refine_ls_restr.type 
_refine_ls_restr.dev_ideal 
_refine_ls_restr.dev_ideal_target 
_refine_ls_restr.weight 
_refine_ls_restr.number 
_refine_ls_restr.pdbx_refine_id 
_refine_ls_restr.pdbx_restraint_function 
s_bond_d               0.007  ? ? ? 'X-RAY DIFFRACTION' ? 
s_angle_d              0.023  ? ? ? 'X-RAY DIFFRACTION' ? 
s_similar_dist         0.000  ? ? ? 'X-RAY DIFFRACTION' ? 
s_from_restr_planes    0.0266 ? ? ? 'X-RAY DIFFRACTION' ? 
s_zero_chiral_vol      0.032  ? ? ? 'X-RAY DIFFRACTION' ? 
s_non_zero_chiral_vol  0.037  ? ? ? 'X-RAY DIFFRACTION' ? 
s_anti_bump_dis_restr  0.050  ? ? ? 'X-RAY DIFFRACTION' ? 
s_rigid_bond_adp_cmpnt 0.000  ? ? ? 'X-RAY DIFFRACTION' ? 
s_similar_adp_cmpnt    0.075  ? ? ? 'X-RAY DIFFRACTION' ? 
s_approx_iso_adps      0.000  ? ? ? 'X-RAY DIFFRACTION' ? 
# 
_pdbx_refine.entry_id                                    2IGW 
_pdbx_refine.R_factor_all_no_cutoff                      0.2245 
_pdbx_refine.R_factor_obs_no_cutoff                      ? 
_pdbx_refine.free_R_factor_no_cutoff                     0.2637 
_pdbx_refine.free_R_val_test_set_size_perc_no_cutoff     0.0 
_pdbx_refine.free_R_val_test_set_ct_no_cutoff            ? 
_pdbx_refine.R_factor_all_4sig_cutoff                    0.2001 
_pdbx_refine.R_factor_obs_4sig_cutoff                    ? 
_pdbx_refine.free_R_factor_4sig_cutoff                   0.2371 
_pdbx_refine.free_R_val_test_set_size_perc_4sig_cutoff   0.1 
_pdbx_refine.free_R_val_test_set_ct_4sig_cutoff          ? 
_pdbx_refine.number_reflns_obs_4sig_cutoff               13999 
_pdbx_refine.pdbx_refine_id                              'X-RAY DIFFRACTION' 
_pdbx_refine.free_R_error_no_cutoff                      ? 
# 
_struct.entry_id                  2IGW 
_struct.title                     'CYCLOPHILIN 3 complexed with DIPEPTIDE GLY-PRO' 
_struct.pdbx_model_details        ? 
_struct.pdbx_CASP_flag            N 
_struct.pdbx_model_type_details   ? 
# 
_struct_keywords.entry_id        2IGW 
_struct_keywords.pdbx_keywords   ISOMERASE 
_struct_keywords.text            'ISOMERASE, ROTAMASE' 
# 
loop_
_struct_asym.id 
_struct_asym.pdbx_blank_PDB_chainid_flag 
_struct_asym.pdbx_modified 
_struct_asym.entity_id 
_struct_asym.details 
A N N 1 ? 
B N N 2 ? 
C N N 3 ? 
D N N 4 ? 
# 
_struct_biol.id   1 
# 
loop_
_struct_conf.conf_type_id 
_struct_conf.id 
_struct_conf.pdbx_PDB_helix_id 
_struct_conf.beg_label_comp_id 
_struct_conf.beg_label_asym_id 
_struct_conf.beg_label_seq_id 
_struct_conf.pdbx_beg_PDB_ins_code 
_struct_conf.end_label_comp_id 
_struct_conf.end_label_asym_id 
_struct_conf.end_label_seq_id 
_struct_conf.pdbx_end_PDB_ins_code 
_struct_conf.beg_auth_comp_id 
_struct_conf.beg_auth_asym_id 
_struct_conf.beg_auth_seq_id 
_struct_conf.end_auth_comp_id 
_struct_conf.end_auth_asym_id 
_struct_conf.end_auth_seq_id 
_struct_conf.pdbx_PDB_helix_class 
_struct_conf.details 
_struct_conf.pdbx_PDB_helix_length 
HELX_P HELX_P1 1 VAL A 29  ? GLY A 42  ? VAL A 29  GLY A 42  1 ? 14 
HELX_P HELX_P2 2 THR A 126 ? ASP A 130 ? THR A 126 ASP A 130 5 ? 5  
HELX_P HELX_P3 3 GLY A 142 ? SER A 151 ? GLY A 142 SER A 151 1 ? 10 
# 
_struct_conf_type.id          HELX_P 
_struct_conf_type.criteria    ? 
_struct_conf_type.reference   ? 
# 
_struct_conn.id                            covale1 
_struct_conn.conn_type_id                  covale 
_struct_conn.pdbx_leaving_atom_flag        both 
_struct_conn.pdbx_PDB_id                   ? 
_struct_conn.ptnr1_label_asym_id           B 
_struct_conn.ptnr1_label_comp_id           GLY 
_struct_conn.ptnr1_label_seq_id            . 
_struct_conn.ptnr1_label_atom_id           C 
_struct_conn.pdbx_ptnr1_label_alt_id       A 
_struct_conn.pdbx_ptnr1_PDB_ins_code       ? 
_struct_conn.pdbx_ptnr1_standard_comp_id   ? 
_struct_conn.ptnr1_symmetry                1_555 
_struct_conn.ptnr2_label_asym_id           C 
_struct_conn.ptnr2_label_comp_id           PRO 
_struct_conn.ptnr2_label_seq_id            . 
_struct_conn.ptnr2_label_atom_id           N 
_struct_conn.pdbx_ptnr2_label_alt_id       A 
_struct_conn.pdbx_ptnr2_PDB_ins_code       ? 
_struct_conn.ptnr1_auth_asym_id            A 
_struct_conn.ptnr1_auth_comp_id            GLY 
_struct_conn.ptnr1_auth_seq_id             201 
_struct_conn.ptnr2_auth_asym_id            A 
_struct_conn.ptnr2_auth_comp_id            PRO 
_struct_conn.ptnr2_auth_seq_id             202 
_struct_conn.ptnr2_symmetry                1_555 
_struct_conn.pdbx_ptnr3_label_atom_id      ? 
_struct_conn.pdbx_ptnr3_label_seq_id       ? 
_struct_conn.pdbx_ptnr3_label_comp_id      ? 
_struct_conn.pdbx_ptnr3_label_asym_id      ? 
_struct_conn.pdbx_ptnr3_label_alt_id       ? 
_struct_conn.pdbx_ptnr3_PDB_ins_code       ? 
_struct_conn.details                       ? 
_struct_conn.pdbx_dist_value               1.337 
_struct_conn.pdbx_value_order              ? 
_struct_conn.pdbx_role                     ? 
# 
_struct_conn_type.id          covale 
_struct_conn_type.criteria    ? 
_struct_conn_type.reference   ? 
# 
_struct_sheet.id               A 
_struct_sheet.type             ? 
_struct_sheet.number_strands   8 
_struct_sheet.details          ? 
# 
loop_
_struct_sheet_order.sheet_id 
_struct_sheet_order.range_id_1 
_struct_sheet_order.range_id_2 
_struct_sheet_order.offset 
_struct_sheet_order.sense 
A 1 2 ? anti-parallel 
A 2 3 ? anti-parallel 
A 3 4 ? anti-parallel 
A 4 5 ? anti-parallel 
A 5 6 ? anti-parallel 
A 6 7 ? anti-parallel 
A 7 8 ? anti-parallel 
# 
loop_
_struct_sheet_range.sheet_id 
_struct_sheet_range.id 
_struct_sheet_range.beg_label_comp_id 
_struct_sheet_range.beg_label_asym_id 
_struct_sheet_range.beg_label_seq_id 
_struct_sheet_range.pdbx_beg_PDB_ins_code 
_struct_sheet_range.end_label_comp_id 
_struct_sheet_range.end_label_asym_id 
_struct_sheet_range.end_label_seq_id 
_struct_sheet_range.pdbx_end_PDB_ins_code 
_struct_sheet_range.beg_auth_comp_id 
_struct_sheet_range.beg_auth_asym_id 
_struct_sheet_range.beg_auth_seq_id 
_struct_sheet_range.end_auth_comp_id 
_struct_sheet_range.end_auth_asym_id 
_struct_sheet_range.end_auth_seq_id 
A 1 ARG A 62  ? ILE A 64  ? ARG A 62  ILE A 64  
A 2 MET A 68  ? GLY A 71  ? MET A 68  GLY A 71  
A 3 PHE A 119 ? CYS A 122 ? PHE A 119 CYS A 122 
A 4 VAL A 104 ? MET A 107 ? VAL A 104 MET A 107 
A 5 VAL A 135 ? GLU A 141 ? VAL A 135 GLU A 141 
A 6 LYS A 15  ? LEU A 24  ? LYS A 15  LEU A 24  
A 7 LYS A 5   ? ILE A 12  ? LYS A 5   ILE A 12  
A 8 CYS A 163 ? GLN A 170 ? CYS A 163 GLN A 170 
# 
loop_
_pdbx_struct_sheet_hbond.sheet_id 
_pdbx_struct_sheet_hbond.range_id_1 
_pdbx_struct_sheet_hbond.range_id_2 
_pdbx_struct_sheet_hbond.range_1_label_atom_id 
_pdbx_struct_sheet_hbond.range_1_label_comp_id 
_pdbx_struct_sheet_hbond.range_1_label_asym_id 
_pdbx_struct_sheet_hbond.range_1_label_seq_id 
_pdbx_struct_sheet_hbond.range_1_PDB_ins_code 
_pdbx_struct_sheet_hbond.range_1_auth_atom_id 
_pdbx_struct_sheet_hbond.range_1_auth_comp_id 
_pdbx_struct_sheet_hbond.range_1_auth_asym_id 
_pdbx_struct_sheet_hbond.range_1_auth_seq_id 
_pdbx_struct_sheet_hbond.range_2_label_atom_id 
_pdbx_struct_sheet_hbond.range_2_label_comp_id 
_pdbx_struct_sheet_hbond.range_2_label_asym_id 
_pdbx_struct_sheet_hbond.range_2_label_seq_id 
_pdbx_struct_sheet_hbond.range_2_PDB_ins_code 
_pdbx_struct_sheet_hbond.range_2_auth_atom_id 
_pdbx_struct_sheet_hbond.range_2_auth_comp_id 
_pdbx_struct_sheet_hbond.range_2_auth_asym_id 
_pdbx_struct_sheet_hbond.range_2_auth_seq_id 
A 1 2 N ARG A 62  ? N ARG A 62  O GLN A 70  ? O GLN A 70  
A 2 3 N ILE A 69  ? N ILE A 69  O LEU A 121 ? O LEU A 121 
A 3 4 O PHE A 120 ? O PHE A 120 N SER A 106 ? N SER A 106 
A 4 5 N LEU A 105 ? N LEU A 105 O PHE A 136 ? O PHE A 136 
A 5 6 O VAL A 140 ? O VAL A 140 N VAL A 21  ? N VAL A 21  
A 6 7 O MET A 22  ? O MET A 22  N VAL A 6   ? N VAL A 6   
A 7 8 N ASP A 9   ? N ASP A 9   O ASP A 167 ? O ASP A 167 
# 
loop_
_struct_site.id 
_struct_site.pdbx_evidence_code 
_struct_site.pdbx_auth_asym_id 
_struct_site.pdbx_auth_comp_id 
_struct_site.pdbx_auth_seq_id 
_struct_site.pdbx_auth_ins_code 
_struct_site.pdbx_num_residues 
_struct_site.details 
AC1 Software A GLY 201 ? 6 'BINDING SITE FOR RESIDUE GLY A 201' 
AC2 Software A PRO 202 ? 6 'BINDING SITE FOR RESIDUE PRO A 202' 
# 
loop_
_struct_site_gen.id 
_struct_site_gen.site_id 
_struct_site_gen.pdbx_num_res 
_struct_site_gen.label_comp_id 
_struct_site_gen.label_asym_id 
_struct_site_gen.label_seq_id 
_struct_site_gen.pdbx_auth_ins_code 
_struct_site_gen.auth_comp_id 
_struct_site_gen.auth_asym_id 
_struct_site_gen.auth_seq_id 
_struct_site_gen.label_atom_id 
_struct_site_gen.label_alt_id 
_struct_site_gen.symmetry 
_struct_site_gen.details 
1  AC1 6 ALA A 108 ? ALA A 108 . ? 1_555 ? 
2  AC1 6 ASN A 109 ? ASN A 109 . ? 1_555 ? 
3  AC1 6 HIS A 133 ? HIS A 133 . ? 1_555 ? 
4  AC1 6 PRO C .   ? PRO A 202 . ? 1_555 ? 
5  AC1 6 HOH D .   ? HOH A 208 . ? 1_555 ? 
6  AC1 6 HOH D .   ? HOH A 210 . ? 1_555 ? 
7  AC2 6 ARG A 62  ? ARG A 62  . ? 1_555 ? 
8  AC2 6 PHE A 67  ? PHE A 67  . ? 1_555 ? 
9  AC2 6 GLN A 70  ? GLN A 70  . ? 1_555 ? 
10 AC2 6 PHE A 120 ? PHE A 120 . ? 1_555 ? 
11 AC2 6 GLY B .   ? GLY A 201 . ? 1_555 ? 
12 AC2 6 HOH D .   ? HOH A 207 . ? 1_555 ? 
# 
_atom_sites.entry_id                    2IGW 
_atom_sites.fract_transf_matrix[1][1]   -0.00589994 
_atom_sites.fract_transf_matrix[1][2]   0.01480827 
_atom_sites.fract_transf_matrix[1][3]   -0.00029175 
_atom_sites.fract_transf_matrix[2][1]   -0.00711049 
_atom_sites.fract_transf_matrix[2][2]   -0.00310736 
_atom_sites.fract_transf_matrix[2][3]   -0.01392711 
_atom_sites.fract_transf_matrix[3][1]   -0.00663857 
_atom_sites.fract_transf_matrix[3][2]   -0.00256689 
_atom_sites.fract_transf_matrix[3][3]   0.00396204 
_atom_sites.fract_transf_vector[1]      0.848523 
_atom_sites.fract_transf_vector[2]      0.437758 
_atom_sites.fract_transf_vector[3]      0.127394 
# 
loop_
_atom_type.symbol 
C 
N 
O 
S 
# 
loop_
_atom_site.group_PDB 
_atom_site.id 
_atom_site.type_symbol 
_atom_site.label_atom_id 
_atom_site.label_alt_id 
_atom_site.label_comp_id 
_atom_site.label_asym_id 
_atom_site.label_entity_id 
_atom_site.label_seq_id 
_atom_site.pdbx_PDB_ins_code 
_atom_site.Cartn_x 
_atom_site.Cartn_y 
_atom_site.Cartn_z 
_atom_site.occupancy 
_atom_site.B_iso_or_equiv 
_atom_site.pdbx_formal_charge 
_atom_site.auth_seq_id 
_atom_site.auth_comp_id 
_atom_site.auth_asym_id 
_atom_site.auth_atom_id 
_atom_site.pdbx_PDB_model_num 
ATOM   1    N N   . MET A 1 1   ? 0.472   19.819  -7.650  1.00 157.91 ? 1   MET A N   1 
ATOM   2    C CA  . MET A 1 1   ? -0.533  20.046  -8.706  1.00 157.91 ? 1   MET A CA  1 
ATOM   3    C C   . MET A 1 1   ? -1.737  19.116  -8.552  1.00 155.04 ? 1   MET A C   1 
ATOM   4    O O   . MET A 1 1   ? -2.354  19.109  -7.475  1.00 157.91 ? 1   MET A O   1 
ATOM   5    C CB  . MET A 1 1   ? 0.128   19.882  -10.094 1.00 157.91 ? 1   MET A CB  1 
ATOM   6    C CG  . MET A 1 1   ? 1.464   19.132  -10.026 1.00 157.91 ? 1   MET A CG  1 
ATOM   7    S SD  . MET A 1 1   ? 1.193   17.402  -9.543  1.00 105.97 ? 1   MET A SD  1 
ATOM   8    C CE  . MET A 1 1   ? 0.441   16.779  -11.072 1.00 138.75 ? 1   MET A CE  1 
ATOM   9    N N   . SER A 1 2   ? -2.079  18.353  -9.586  1.00 138.45 ? 2   SER A N   1 
ATOM   10   C CA  . SER A 1 2   ? -3.277  17.532  -9.666  1.00 112.32 ? 2   SER A CA  1 
ATOM   11   C C   . SER A 1 2   ? -3.130  16.144  -9.045  1.00 84.02  ? 2   SER A C   1 
ATOM   12   O O   . SER A 1 2   ? -2.373  15.329  -9.575  1.00 68.34  ? 2   SER A O   1 
ATOM   13   C CB  . SER A 1 2   ? -3.705  17.358  -11.135 1.00 111.81 ? 2   SER A CB  1 
ATOM   14   O OG  . SER A 1 2   ? -5.056  16.923  -11.190 1.00 123.64 ? 2   SER A OG  1 
ATOM   15   N N   . ARG A 1 3   ? -3.860  15.899  -7.957  1.00 58.25  ? 3   ARG A N   1 
ATOM   16   C CA  . ARG A 1 3   ? -3.780  14.667  -7.189  1.00 38.46  ? 3   ARG A CA  1 
ATOM   17   C C   . ARG A 1 3   ? -4.646  13.538  -7.749  1.00 35.00  ? 3   ARG A C   1 
ATOM   18   O O   . ARG A 1 3   ? -5.837  13.633  -8.059  1.00 33.52  ? 3   ARG A O   1 
ATOM   19   C CB  . ARG A 1 3   ? -4.157  14.928  -5.728  1.00 31.73  ? 3   ARG A CB  1 
ATOM   20   C CG  . ARG A 1 3   ? -3.082  15.739  -5.008  1.00 30.07  ? 3   ARG A CG  1 
ATOM   21   C CD  . ARG A 1 3   ? -3.526  15.969  -3.565  1.00 25.99  ? 3   ARG A CD  1 
ATOM   22   N NE  . ARG A 1 3   ? -2.479  16.610  -2.777  1.00 31.95  ? 3   ARG A NE  1 
ATOM   23   C CZ  . ARG A 1 3   ? -2.620  16.944  -1.497  1.00 41.82  ? 3   ARG A CZ  1 
ATOM   24   N NH1 . ARG A 1 3   ? -3.758  16.696  -0.852  1.00 39.43  ? 3   ARG A NH1 1 
ATOM   25   N NH2 . ARG A 1 3   ? -1.587  17.523  -0.896  1.00 37.13  ? 3   ARG A NH2 1 
ATOM   26   N N   . SER A 1 4   ? -3.951  12.407  -7.868  1.00 29.76  ? 4   SER A N   1 
ATOM   27   C CA  . SER A 1 4   ? -4.510  11.178  -8.390  1.00 26.01  ? 4   SER A CA  1 
ATOM   28   C C   . SER A 1 4   ? -5.402  10.511  -7.332  1.00 25.79  ? 4   SER A C   1 
ATOM   29   O O   . SER A 1 4   ? -5.089  10.647  -6.145  1.00 25.65  ? 4   SER A O   1 
ATOM   30   C CB  . SER A 1 4   ? -3.410  10.191  -8.778  1.00 32.84  ? 4   SER A CB  1 
ATOM   31   O OG  . SER A 1 4   ? -2.565  10.650  -9.813  1.00 38.49  ? 4   SER A OG  1 
ATOM   32   N N   . LYS A 1 5   ? -6.408  9.835   -7.848  1.00 29.36  ? 5   LYS A N   1 
ATOM   33   C CA  . LYS A 1 5   ? -7.348  9.000   -7.119  1.00 30.02  ? 5   LYS A CA  1 
ATOM   34   C C   . LYS A 1 5   ? -7.376  7.567   -7.649  1.00 25.68  ? 5   LYS A C   1 
ATOM   35   O O   . LYS A 1 5   ? -7.641  7.285   -8.824  1.00 23.44  ? 5   LYS A O   1 
ATOM   36   C CB  . LYS A 1 5   ? -8.756  9.613   -7.166  1.00 26.92  ? 5   LYS A CB  1 
ATOM   37   C CG  . LYS A 1 5   ? -8.923  10.721  -6.129  1.00 39.95  ? 5   LYS A CG  1 
ATOM   38   C CD  . LYS A 1 5   ? -10.234 10.546  -5.378  1.00 61.46  ? 5   LYS A CD  1 
ATOM   39   C CE  . LYS A 1 5   ? -10.725 11.832  -4.733  1.00 69.24  ? 5   LYS A CE  1 
ATOM   40   N NZ  . LYS A 1 5   ? -12.197 12.002  -4.932  1.00 87.67  ? 5   LYS A NZ  1 
ATOM   41   N N   . VAL A 1 6   ? -7.089  6.670   -6.700  1.00 20.42  ? 6   VAL A N   1 
ATOM   42   C CA  . VAL A 1 6   ? -7.043  5.237   -6.960  1.00 22.71  ? 6   VAL A CA  1 
ATOM   43   C C   . VAL A 1 6   ? -7.894  4.436   -5.970  1.00 24.75  ? 6   VAL A C   1 
ATOM   44   O O   . VAL A 1 6   ? -8.276  4.929   -4.903  1.00 27.14  ? 6   VAL A O   1 
ATOM   45   C CB  . VAL A 1 6   ? -5.574  4.766   -6.936  1.00 20.77  ? 6   VAL A CB  1 
ATOM   46   C CG1 . VAL A 1 6   ? -4.817  5.440   -8.088  1.00 23.84  ? 6   VAL A CG1 1 
ATOM   47   C CG2 . VAL A 1 6   ? -4.888  5.068   -5.620  1.00 19.41  ? 6   VAL A CG2 1 
ATOM   48   N N   . PHE A 1 7   ? -8.198  3.191   -6.326  1.00 20.58  ? 7   PHE A N   1 
ATOM   49   C CA  . PHE A 1 7   ? -9.032  2.354   -5.477  1.00 28.51  ? 7   PHE A CA  1 
ATOM   50   C C   . PHE A 1 7   ? -8.585  0.892   -5.421  1.00 32.36  ? 7   PHE A C   1 
ATOM   51   O O   . PHE A 1 7   ? -7.965  0.434   -6.380  1.00 19.15  ? 7   PHE A O   1 
ATOM   52   C CB  . PHE A 1 7   ? -10.492 2.355   -5.969  1.00 26.39  ? 7   PHE A CB  1 
ATOM   53   C CG  . PHE A 1 7   ? -10.729 1.632   -7.281  1.00 24.69  ? 7   PHE A CG  1 
ATOM   54   C CD1 . PHE A 1 7   ? -10.452 2.292   -8.472  1.00 21.61  ? 7   PHE A CD1 1 
ATOM   55   C CD2 . PHE A 1 7   ? -11.215 0.335   -7.317  1.00 23.56  ? 7   PHE A CD2 1 
ATOM   56   C CE1 . PHE A 1 7   ? -10.655 1.671   -9.687  1.00 22.10  ? 7   PHE A CE1 1 
ATOM   57   C CE2 . PHE A 1 7   ? -11.404 -0.302  -8.530  1.00 20.84  ? 7   PHE A CE2 1 
ATOM   58   C CZ  . PHE A 1 7   ? -11.109 0.371   -9.703  1.00 25.60  ? 7   PHE A CZ  1 
ATOM   59   N N   . PHE A 1 8   ? -8.978  0.246   -4.328  1.00 21.91  ? 8   PHE A N   1 
ATOM   60   C CA  . PHE A 1 8   ? -8.997  -1.182  -4.116  1.00 23.50  ? 8   PHE A CA  1 
ATOM   61   C C   . PHE A 1 8   ? -10.439 -1.652  -3.791  1.00 25.26  ? 8   PHE A C   1 
ATOM   62   O O   . PHE A 1 8   ? -11.083 -1.056  -2.936  1.00 23.54  ? 8   PHE A O   1 
ATOM   63   C CB  . PHE A 1 8   ? -8.104  -1.673  -2.984  1.00 20.44  ? 8   PHE A CB  1 
ATOM   64   C CG  . PHE A 1 8   ? -6.636  -1.300  -2.980  1.00 22.70  ? 8   PHE A CG  1 
ATOM   65   C CD1 . PHE A 1 8   ? -5.910  -1.146  -4.152  1.00 20.64  ? 8   PHE A CD1 1 
ATOM   66   C CD2 . PHE A 1 8   ? -5.981  -1.099  -1.774  1.00 19.43  ? 8   PHE A CD2 1 
ATOM   67   C CE1 . PHE A 1 8   ? -4.566  -0.805  -4.096  1.00 20.11  ? 8   PHE A CE1 1 
ATOM   68   C CE2 . PHE A 1 8   ? -4.635  -0.762  -1.707  1.00 26.15  ? 8   PHE A CE2 1 
ATOM   69   C CZ  . PHE A 1 8   ? -3.925  -0.614  -2.884  1.00 21.18  ? 8   PHE A CZ  1 
ATOM   70   N N   . ASP A 1 9   ? -10.878 -2.690  -4.473  1.00 22.18  ? 9   ASP A N   1 
ATOM   71   C CA  . ASP A 1 9   ? -12.012 -3.515  -4.087  1.00 25.89  ? 9   ASP A CA  1 
ATOM   72   C C   . ASP A 1 9   ? -11.450 -4.734  -3.361  1.00 21.78  ? 9   ASP A C   1 
ATOM   73   O O   . ASP A 1 9   ? -10.625 -5.486  -3.881  1.00 24.48  ? 9   ASP A O   1 
ATOM   74   C CB  . ASP A 1 9   ? -12.885 -3.906  -5.276  1.00 23.12  ? 9   ASP A CB  1 
ATOM   75   C CG  . ASP A 1 9   ? -13.567 -2.693  -5.884  1.00 19.86  ? 9   ASP A CG  1 
ATOM   76   O OD1 . ASP A 1 9   ? -14.017 -1.813  -5.115  1.00 27.82  ? 9   ASP A OD1 1 
ATOM   77   O OD2 . ASP A 1 9   ? -13.635 -2.632  -7.125  1.00 30.23  ? 9   ASP A OD2 1 
ATOM   78   N N   . ILE A 1 10  ? -11.897 -4.905  -2.124  1.00 20.64  ? 10  ILE A N   1 
ATOM   79   C CA  . ILE A 1 10  ? -11.329 -5.889  -1.218  1.00 21.13  ? 10  ILE A CA  1 
ATOM   80   C C   . ILE A 1 10  ? -12.229 -7.094  -1.022  1.00 27.88  ? 10  ILE A C   1 
ATOM   81   O O   . ILE A 1 10  ? -13.445 -6.951  -0.925  1.00 23.19  ? 10  ILE A O   1 
ATOM   82   C CB  . ILE A 1 10  ? -11.075 -5.198  0.142   1.00 23.70  ? 10  ILE A CB  1 
ATOM   83   C CG1 . ILE A 1 10  ? -10.003 -4.098  0.044   1.00 26.77  ? 10  ILE A CG1 1 
ATOM   84   C CG2 . ILE A 1 10  ? -10.749 -6.197  1.237   1.00 18.79  ? 10  ILE A CG2 1 
ATOM   85   C CD1 . ILE A 1 10  ? -8.785  -4.518  -0.761  1.00 20.71  ? 10  ILE A CD1 1 
ATOM   86   N N   . THR A 1 11  ? -11.629 -8.278  -0.968  1.00 25.82  ? 11  THR A N   1 
ATOM   87   C CA  . THR A 1 11  ? -12.355 -9.452  -0.512  1.00 26.59  ? 11  THR A CA  1 
ATOM   88   C C   . THR A 1 11  ? -11.658 -10.051 0.712   1.00 36.24  ? 11  THR A C   1 
ATOM   89   O O   . THR A 1 11  ? -10.441 -9.992  0.897   1.00 27.12  ? 11  THR A O   1 
ATOM   90   C CB  . THR A 1 11  ? -12.504 -10.588 -1.532  1.00 19.39  ? 11  THR A CB  1 
ATOM   91   O OG1 . THR A 1 11  ? -11.198 -11.036 -1.918  1.00 32.53  ? 11  THR A OG1 1 
ATOM   92   C CG2 . THR A 1 11  ? -13.238 -10.106 -2.771  1.00 25.06  ? 11  THR A CG2 1 
ATOM   93   N N   . ILE A 1 12  ? -12.502 -10.643 1.556   1.00 26.16  ? 12  ILE A N   1 
ATOM   94   C CA  . ILE A 1 12  ? -11.989 -11.213 2.793   1.00 21.02  ? 12  ILE A CA  1 
ATOM   95   C C   . ILE A 1 12  ? -12.513 -12.637 2.877   1.00 27.91  ? 12  ILE A C   1 
ATOM   96   O O   . ILE A 1 12  ? -13.728 -12.833 2.903   1.00 26.15  ? 12  ILE A O   1 
ATOM   97   C CB  . ILE A 1 12  ? -12.411 -10.420 4.037   1.00 25.59  ? 12  ILE A CB  1 
ATOM   98   C CG1 . ILE A 1 12  ? -11.888 -8.981  4.054   1.00 28.84  ? 12  ILE A CG1 1 
ATOM   99   C CG2 . ILE A 1 12  ? -12.009 -11.182 5.294   1.00 25.26  ? 12  ILE A CG2 1 
ATOM   100  C CD1 . ILE A 1 12  ? -12.295 -8.129  5.234   1.00 27.97  ? 12  ILE A CD1 1 
ATOM   101  N N   . GLY A 1 13  ? -11.576 -13.568 2.877   1.00 23.20  ? 13  GLY A N   1 
ATOM   102  C CA  . GLY A 1 13  ? -11.963 -14.960 2.795   1.00 26.29  ? 13  GLY A CA  1 
ATOM   103  C C   . GLY A 1 13  ? -12.853 -15.163 1.580   1.00 39.99  ? 13  GLY A C   1 
ATOM   104  O O   . GLY A 1 13  ? -13.768 -15.991 1.620   1.00 31.10  ? 13  GLY A O   1 
ATOM   105  N N   . GLY A 1 14  ? -12.611 -14.437 0.487   1.00 32.88  ? 14  GLY A N   1 
ATOM   106  C CA  . GLY A 1 14  ? -13.418 -14.622 -0.702  1.00 27.68  ? 14  GLY A CA  1 
ATOM   107  C C   . GLY A 1 14  ? -14.701 -13.820 -0.735  1.00 27.45  ? 14  GLY A C   1 
ATOM   108  O O   . GLY A 1 14  ? -15.340 -13.733 -1.792  1.00 31.23  ? 14  GLY A O   1 
ATOM   109  N N   . LYS A 1 15  ? -15.127 -13.199 0.357   1.00 23.43  ? 15  LYS A N   1 
ATOM   110  C CA  . LYS A 1 15  ? -16.343 -12.395 0.338   1.00 28.40  ? 15  LYS A CA  1 
ATOM   111  C C   . LYS A 1 15  ? -16.112 -10.906 0.085   1.00 28.17  ? 15  LYS A C   1 
ATOM   112  O O   . LYS A 1 15  ? -15.182 -10.293 0.630   1.00 25.68  ? 15  LYS A O   1 
ATOM   113  C CB  . LYS A 1 15  ? -17.051 -12.584 1.690   1.00 40.10  ? 15  LYS A CB  1 
ATOM   114  C CG  . LYS A 1 15  ? -18.539 -12.276 1.654   1.00 65.46  ? 15  LYS A CG  1 
ATOM   115  C CD  . LYS A 1 15  ? -18.901 -11.139 2.609   1.00 85.91  ? 15  LYS A CD  1 
ATOM   116  C CE  . LYS A 1 15  ? -20.422 -10.988 2.748   1.00 93.48  ? 15  LYS A CE  1 
ATOM   117  N NZ  . LYS A 1 15  ? -21.150 -11.333 1.490   1.00 99.90  ? 15  LYS A NZ  1 
ATOM   118  N N   . ALA A 1 16  ? -16.969 -10.305 -0.736  1.00 24.13  ? 16  ALA A N   1 
ATOM   119  C CA  . ALA A 1 16  ? -16.923 -8.887  -1.078  1.00 30.70  ? 16  ALA A CA  1 
ATOM   120  C C   . ALA A 1 16  ? -17.035 -7.978  0.131   1.00 32.02  ? 16  ALA A C   1 
ATOM   121  O O   . ALA A 1 16  ? -18.026 -8.044  0.853   1.00 28.87  ? 16  ALA A O   1 
ATOM   122  C CB  . ALA A 1 16  ? -18.045 -8.549  -2.059  1.00 34.55  ? 16  ALA A CB  1 
ATOM   123  N N   . SER A 1 17  ? -16.056 -7.111  0.376   1.00 25.36  ? 17  SER A N   1 
ATOM   124  C CA  . SER A 1 17  ? -16.057 -6.336  1.613   1.00 23.61  ? 17  SER A CA  1 
ATOM   125  C C   . SER A 1 17  ? -16.014 -4.846  1.354   1.00 22.75  ? 17  SER A C   1 
ATOM   126  O O   . SER A 1 17  ? -15.934 -4.047  2.290   1.00 25.52  ? 17  SER A O   1 
ATOM   127  C CB  . SER A 1 17  ? -14.877 -6.725  2.512   1.00 23.92  ? 17  SER A CB  1 
ATOM   128  O OG  . SER A 1 17  ? -14.772 -8.134  2.600   1.00 31.37  ? 17  SER A OG  1 
ATOM   129  N N   . GLY A 1 18  ? -16.084 -4.441  0.080   1.00 17.41  ? 18  GLY A N   1 
ATOM   130  C CA  . GLY A 1 18  ? -16.132 -2.999  -0.121  1.00 20.12  ? 18  GLY A CA  1 
ATOM   131  C C   . GLY A 1 18  ? -14.913 -2.404  -0.809  1.00 23.62  ? 18  GLY A C   1 
ATOM   132  O O   . GLY A 1 18  ? -13.964 -3.119  -1.121  1.00 24.06  ? 18  GLY A O   1 
ATOM   133  N N   . ARG A 1 19  ? -14.982 -1.099  -1.028  1.00 24.82  ? 19  ARG A N   1 
ATOM   134  C CA  . ARG A 1 19  ? -13.983 -0.346  -1.758  1.00 27.55  ? 19  ARG A CA  1 
ATOM   135  C C   . ARG A 1 19  ? -13.265 0.688   -0.898  1.00 29.64  ? 19  ARG A C   1 
ATOM   136  O O   . ARG A 1 19  ? -13.850 1.528   -0.212  1.00 24.67  ? 19  ARG A O   1 
ATOM   137  C CB  . ARG A 1 19  ? -14.607 0.371   -2.969  1.00 22.31  ? 19  ARG A CB  1 
ATOM   138  C CG  . ARG A 1 19  ? -13.610 1.304   -3.656  1.00 24.34  ? 19  ARG A CG  1 
ATOM   139  C CD  . ARG A 1 19  ? -14.106 1.874   -4.974  1.00 19.04  ? 19  ARG A CD  1 
ATOM   140  N NE  . ARG A 1 19  ? -14.226 0.807   -5.971  1.00 24.28  ? 19  ARG A NE  1 
ATOM   141  C CZ  . ARG A 1 19  ? -14.549 0.996   -7.240  1.00 26.61  ? 19  ARG A CZ  1 
ATOM   142  N NH1 . ARG A 1 19  ? -14.790 2.211   -7.706  1.00 29.05  ? 19  ARG A NH1 1 
ATOM   143  N NH2 . ARG A 1 19  ? -14.628 -0.043  -8.053  1.00 27.27  ? 19  ARG A NH2 1 
ATOM   144  N N   . ILE A 1 20  ? -11.928 0.621   -0.971  1.00 21.54  ? 20  ILE A N   1 
ATOM   145  C CA  . ILE A 1 20  ? -11.100 1.661   -0.381  1.00 22.69  ? 20  ILE A CA  1 
ATOM   146  C C   . ILE A 1 20  ? -10.687 2.646   -1.477  1.00 27.54  ? 20  ILE A C   1 
ATOM   147  O O   . ILE A 1 20  ? -10.201 2.211   -2.528  1.00 21.45  ? 20  ILE A O   1 
ATOM   148  C CB  . ILE A 1 20  ? -9.828  1.122   0.281   1.00 20.53  ? 20  ILE A CB  1 
ATOM   149  C CG1 . ILE A 1 20  ? -10.082 0.034   1.323   1.00 22.49  ? 20  ILE A CG1 1 
ATOM   150  C CG2 . ILE A 1 20  ? -9.009  2.257   0.886   1.00 17.30  ? 20  ILE A CG2 1 
ATOM   151  C CD1 . ILE A 1 20  ? -8.839  -0.754  1.685   1.00 21.17  ? 20  ILE A CD1 1 
ATOM   152  N N   . VAL A 1 21  ? -10.900 3.927   -1.217  1.00 26.42  ? 21  VAL A N   1 
ATOM   153  C CA  . VAL A 1 21  ? -10.498 4.948   -2.187  1.00 28.89  ? 21  VAL A CA  1 
ATOM   154  C C   . VAL A 1 21  ? -9.388  5.795   -1.562  1.00 28.56  ? 21  VAL A C   1 
ATOM   155  O O   . VAL A 1 21  ? -9.509  6.259   -0.427  1.00 26.07  ? 21  VAL A O   1 
ATOM   156  C CB  . VAL A 1 21  ? -11.625 5.878   -2.655  1.00 25.94  ? 21  VAL A CB  1 
ATOM   157  C CG1 . VAL A 1 21  ? -11.054 6.957   -3.574  1.00 25.77  ? 21  VAL A CG1 1 
ATOM   158  C CG2 . VAL A 1 21  ? -12.740 5.109   -3.359  1.00 21.27  ? 21  VAL A CG2 1 
ATOM   159  N N   . MET A 1 22  ? -8.316  5.973   -2.330  1.00 25.39  ? 22  MET A N   1 
ATOM   160  C CA  . MET A 1 22  ? -7.159  6.714   -1.850  1.00 24.26  ? 22  MET A CA  1 
ATOM   161  C C   . MET A 1 22  ? -6.873  7.919   -2.742  1.00 26.19  ? 22  MET A C   1 
ATOM   162  O O   . MET A 1 22  ? -6.961  7.833   -3.973  1.00 26.24  ? 22  MET A O   1 
ATOM   163  C CB  . MET A 1 22  ? -5.918  5.806   -1.782  1.00 21.37  ? 22  MET A CB  1 
ATOM   164  C CG  . MET A 1 22  ? -5.989  4.727   -0.715  1.00 23.43  ? 22  MET A CG  1 
ATOM   165  S SD  . MET A 1 22  ? -5.231  3.163   -1.177  1.00 24.24  ? 22  MET A SD  1 
ATOM   166  C CE  . MET A 1 22  ? -6.366  2.550   -2.417  1.00 15.48  ? 22  MET A CE  1 
ATOM   167  N N   . GLU A 1 23  ? -6.523  9.022   -2.103  1.00 24.91  ? 23  GLU A N   1 
ATOM   168  C CA  . GLU A 1 23  ? -5.998  10.199  -2.772  1.00 22.58  ? 23  GLU A CA  1 
ATOM   169  C C   . GLU A 1 23  ? -4.472  10.198  -2.651  1.00 26.79  ? 23  GLU A C   1 
ATOM   170  O O   . GLU A 1 23  ? -3.951  10.000  -1.549  1.00 20.33  ? 23  GLU A O   1 
ATOM   171  C CB  . GLU A 1 23  ? -6.567  11.485  -2.170  1.00 23.53  ? 23  GLU A CB  1 
ATOM   172  C CG  . GLU A 1 23  ? -5.732  12.702  -2.547  1.00 30.36  ? 23  GLU A CG  1 
ATOM   173  C CD  . GLU A 1 23  ? -6.177  13.990  -1.901  1.00 33.04  ? 23  GLU A CD  1 
ATOM   174  O OE1 . GLU A 1 23  ? -7.082  14.632  -2.470  1.00 47.87  ? 23  GLU A OE1 1 
ATOM   175  O OE2 . GLU A 1 23  ? -5.632  14.372  -0.848  1.00 37.44  ? 23  GLU A OE2 1 
ATOM   176  N N   . LEU A 1 24  ? -3.753  10.423  -3.747  1.00 24.25  ? 24  LEU A N   1 
ATOM   177  C CA  . LEU A 1 24  ? -2.289  10.471  -3.672  1.00 23.09  ? 24  LEU A CA  1 
ATOM   178  C C   . LEU A 1 24  ? -1.780  11.908  -3.742  1.00 23.34  ? 24  LEU A C   1 
ATOM   179  O O   . LEU A 1 24  ? -2.473  12.770  -4.290  1.00 26.58  ? 24  LEU A O   1 
ATOM   180  C CB  . LEU A 1 24  ? -1.689  9.610   -4.788  1.00 21.87  ? 24  LEU A CB  1 
ATOM   181  C CG  . LEU A 1 24  ? -2.319  8.218   -4.920  1.00 26.56  ? 24  LEU A CG  1 
ATOM   182  C CD1 . LEU A 1 24  ? -1.784  7.503   -6.148  1.00 25.51  ? 24  LEU A CD1 1 
ATOM   183  C CD2 . LEU A 1 24  ? -2.081  7.383   -3.667  1.00 19.69  ? 24  LEU A CD2 1 
ATOM   184  N N   . TYR A 1 25  ? -0.600  12.149  -3.184  1.00 22.07  ? 25  TYR A N   1 
ATOM   185  C CA  . TYR A 1 25  ? -0.020  13.488  -3.098  1.00 22.16  ? 25  TYR A CA  1 
ATOM   186  C C   . TYR A 1 25  ? 1.004   13.733  -4.210  1.00 20.98  ? 25  TYR A C   1 
ATOM   187  O O   . TYR A 1 25  ? 2.181   13.964  -3.918  1.00 24.86  ? 25  TYR A O   1 
ATOM   188  C CB  . TYR A 1 25  ? 0.636   13.663  -1.732  1.00 22.64  ? 25  TYR A CB  1 
ATOM   189  C CG  . TYR A 1 25  ? -0.279  13.493  -0.539  1.00 27.47  ? 25  TYR A CG  1 
ATOM   190  C CD1 . TYR A 1 25  ? -1.633  13.805  -0.606  1.00 30.06  ? 25  TYR A CD1 1 
ATOM   191  C CD2 . TYR A 1 25  ? 0.232   13.013  0.663   1.00 29.51  ? 25  TYR A CD2 1 
ATOM   192  C CE1 . TYR A 1 25  ? -2.480  13.649  0.479   1.00 29.42  ? 25  TYR A CE1 1 
ATOM   193  C CE2 . TYR A 1 25  ? -0.603  12.858  1.758   1.00 31.95  ? 25  TYR A CE2 1 
ATOM   194  C CZ  . TYR A 1 25  ? -1.943  13.176  1.658   1.00 32.22  ? 25  TYR A CZ  1 
ATOM   195  O OH  . TYR A 1 25  ? -2.745  13.012  2.763   1.00 32.70  ? 25  TYR A OH  1 
ATOM   196  N N   . ASP A 1 26  ? 0.568   13.669  -5.459  1.00 24.64  ? 26  ASP A N   1 
ATOM   197  C CA  . ASP A 1 26  ? 1.455   13.813  -6.616  1.00 29.94  ? 26  ASP A CA  1 
ATOM   198  C C   . ASP A 1 26  ? 2.261   15.111  -6.539  1.00 31.16  ? 26  ASP A C   1 
ATOM   199  O O   . ASP A 1 26  ? 3.403   15.193  -6.964  1.00 26.91  ? 26  ASP A O   1 
ATOM   200  C CB  . ASP A 1 26  ? 0.669   13.796  -7.924  1.00 22.70  ? 26  ASP A CB  1 
ATOM   201  C CG  . ASP A 1 26  ? -0.364  12.688  -7.965  1.00 30.69  ? 26  ASP A CG  1 
ATOM   202  O OD1 . ASP A 1 26  ? -0.959  12.345  -6.922  1.00 34.64  ? 26  ASP A OD1 1 
ATOM   203  O OD2 . ASP A 1 26  ? -0.605  12.145  -9.063  1.00 33.27  ? 26  ASP A OD2 1 
ATOM   204  N N   . ASP A 1 27  ? 1.629   16.122  -5.972  1.00 25.66  ? 27  ASP A N   1 
ATOM   205  C CA  . ASP A 1 27  ? 2.171   17.451  -5.800  1.00 25.05  ? 27  ASP A CA  1 
ATOM   206  C C   . ASP A 1 27  ? 3.323   17.500  -4.812  1.00 30.66  ? 27  ASP A C   1 
ATOM   207  O O   . ASP A 1 27  ? 4.122   18.437  -4.895  1.00 35.29  ? 27  ASP A O   1 
ATOM   208  C CB  . ASP A 1 27  ? 1.062   18.399  -5.327  1.00 34.41  ? 27  ASP A CB  1 
ATOM   209  C CG  . ASP A 1 27  ? 0.311   17.870  -4.120  1.00 42.94  ? 27  ASP A CG  1 
ATOM   210  O OD1 . ASP A 1 27  ? -0.128  16.705  -4.086  1.00 36.47  ? 27  ASP A OD1 1 
ATOM   211  O OD2 . ASP A 1 27  ? 0.154   18.663  -3.168  1.00 48.13  ? 27  ASP A OD2 1 
ATOM   212  N N   . VAL A 1 28  ? 3.419   16.537  -3.904  1.00 29.71  ? 28  VAL A N   1 
ATOM   213  C CA  . VAL A 1 28  ? 4.462   16.523  -2.888  1.00 26.33  ? 28  VAL A CA  1 
ATOM   214  C C   . VAL A 1 28  ? 5.521   15.453  -3.150  1.00 26.37  ? 28  VAL A C   1 
ATOM   215  O O   . VAL A 1 28  ? 6.699   15.695  -2.887  1.00 28.60  ? 28  VAL A O   1 
ATOM   216  C CB  . VAL A 1 28  ? 3.898   16.268  -1.475  1.00 31.24  ? 28  VAL A CB  1 
ATOM   217  C CG1 . VAL A 1 28  ? 5.023   16.213  -0.453  1.00 21.39  ? 28  VAL A CG1 1 
ATOM   218  C CG2 . VAL A 1 28  ? 2.883   17.335  -1.086  1.00 29.83  ? 28  VAL A CG2 1 
ATOM   219  N N   . VAL A 1 29  ? 5.106   14.294  -3.635  1.00 24.31  ? 29  VAL A N   1 
ATOM   220  C CA  . VAL A 1 29  ? 5.992   13.160  -3.921  1.00 25.13  ? 29  VAL A CA  1 
ATOM   221  C C   . VAL A 1 29  ? 5.605   12.526  -5.255  1.00 28.25  ? 29  VAL A C   1 
ATOM   222  O O   . VAL A 1 29  ? 5.123   11.398  -5.369  1.00 21.40  ? 29  VAL A O   1 
ATOM   223  C CB  . VAL A 1 29  ? 5.954   12.135  -2.773  1.00 26.77  ? 29  VAL A CB  1 
ATOM   224  C CG1 . VAL A 1 29  ? 6.971   12.459  -1.694  1.00 24.91  ? 29  VAL A CG1 1 
ATOM   225  C CG2 . VAL A 1 29  ? 4.568   12.078  -2.141  1.00 22.59  ? 29  VAL A CG2 1 
ATOM   226  N N   . PRO A 1 30  ? 5.786   13.275  -6.350  1.00 33.39  ? 30  PRO A N   1 
ATOM   227  C CA  . PRO A 1 30  ? 5.353   12.820  -7.673  1.00 26.87  ? 30  PRO A CA  1 
ATOM   228  C C   . PRO A 1 30  ? 5.930   11.470  -8.078  1.00 20.24  ? 30  PRO A C   1 
ATOM   229  O O   . PRO A 1 30  ? 5.209   10.715  -8.740  1.00 20.49  ? 30  PRO A O   1 
ATOM   230  C CB  . PRO A 1 30  ? 5.858   13.897  -8.651  1.00 24.79  ? 30  PRO A CB  1 
ATOM   231  C CG  . PRO A 1 30  ? 6.727   14.800  -7.861  1.00 25.40  ? 30  PRO A CG  1 
ATOM   232  C CD  . PRO A 1 30  ? 6.393   14.615  -6.401  1.00 30.90  ? 30  PRO A CD  1 
ATOM   233  N N   . LYS A 1 31  ? 7.175   11.175  -7.717  1.00 22.54  ? 31  LYS A N   1 
ATOM   234  C CA  . LYS A 1 31  ? 7.801   9.918   -8.133  1.00 28.62  ? 31  LYS A CA  1 
ATOM   235  C C   . LYS A 1 31  ? 7.179   8.739   -7.376  1.00 35.51  ? 31  LYS A C   1 
ATOM   236  O O   . LYS A 1 31  ? 6.843   7.685   -7.934  1.00 26.92  ? 31  LYS A O   1 
ATOM   237  C CB  . LYS A 1 31  ? 9.319   9.969   -7.929  1.00 22.89  ? 31  LYS A CB  1 
ATOM   238  C CG  . LYS A 1 31  ? 10.065  8.736   -8.419  1.00 28.73  ? 31  LYS A CG  1 
ATOM   239  C CD  . LYS A 1 31  ? 11.579  8.892   -8.381  1.00 29.72  ? 31  LYS A CD  1 
ATOM   240  C CE  . LYS A 1 31  ? 12.263  7.764   -9.143  1.00 30.62  ? 31  LYS A CE  1 
ATOM   241  N NZ  . LYS A 1 31  ? 13.739  7.739   -8.947  1.00 31.95  ? 31  LYS A NZ  1 
ATOM   242  N N   . THR A 1 32  ? 7.023   8.953   -6.069  1.00 29.13  ? 32  THR A N   1 
ATOM   243  C CA  . THR A 1 32  ? 6.427   7.940   -5.193  1.00 21.97  ? 32  THR A CA  1 
ATOM   244  C C   . THR A 1 32  ? 4.962   7.744   -5.561  1.00 22.28  ? 32  THR A C   1 
ATOM   245  O O   . THR A 1 32  ? 4.520   6.604   -5.727  1.00 23.29  ? 32  THR A O   1 
ATOM   246  C CB  . THR A 1 32  ? 6.579   8.345   -3.727  1.00 28.29  ? 32  THR A CB  1 
ATOM   247  O OG1 . THR A 1 32  ? 7.975   8.559   -3.456  1.00 24.58  ? 32  THR A OG1 1 
ATOM   248  C CG2 . THR A 1 32  ? 6.110   7.229   -2.801  1.00 24.38  ? 32  THR A CG2 1 
ATOM   249  N N   . ALA A 1 33  ? 4.236   8.849   -5.726  1.00 24.97  ? 33  ALA A N   1 
ATOM   250  C CA  . ALA A 1 33  ? 2.828   8.760   -6.100  1.00 22.09  ? 33  ALA A CA  1 
ATOM   251  C C   . ALA A 1 33  ? 2.659   8.088   -7.452  1.00 29.20  ? 33  ALA A C   1 
ATOM   252  O O   . ALA A 1 33  ? 1.759   7.272   -7.678  1.00 24.82  ? 33  ALA A O   1 
ATOM   253  C CB  . ALA A 1 33  ? 2.185   10.140  -6.103  1.00 21.32  ? 33  ALA A CB  1 
ATOM   254  N N   . GLY A 1 34  ? 3.525   8.427   -8.417  1.00 23.58  ? 34  GLY A N   1 
ATOM   255  C CA  . GLY A 1 34  ? 3.342   7.833   -9.737  1.00 22.46  ? 34  GLY A CA  1 
ATOM   256  C C   . GLY A 1 34  ? 3.582   6.333   -9.763  1.00 22.85  ? 34  GLY A C   1 
ATOM   257  O O   . GLY A 1 34  ? 2.891   5.620   -10.500 1.00 18.61  ? 34  GLY A O   1 
ATOM   258  N N   . ASN A 1 35  ? 4.551   5.871   -8.974  1.00 23.98  ? 35  ASN A N   1 
ATOM   259  C CA  . ASN A 1 35  ? 4.814   4.439   -8.877  1.00 20.59  ? 35  ASN A CA  1 
ATOM   260  C C   . ASN A 1 35  ? 3.551   3.701   -8.415  1.00 21.69  ? 35  ASN A C   1 
ATOM   261  O O   . ASN A 1 35  ? 3.125   2.731   -9.041  1.00 19.74  ? 35  ASN A O   1 
ATOM   262  C CB  . ASN A 1 35  ? 5.979   4.169   -7.938  1.00 18.13  ? 35  ASN A CB  1 
ATOM   263  C CG  . ASN A 1 35  ? 6.287   2.703   -7.719  1.00 24.09  ? 35  ASN A CG  1 
ATOM   264  O OD1 . ASN A 1 35  ? 6.492   1.930   -8.658  1.00 25.36  ? 35  ASN A OD1 1 
ATOM   265  N ND2 . ASN A 1 35  ? 6.325   2.316   -6.440  1.00 23.09  ? 35  ASN A ND2 1 
ATOM   266  N N   . PHE A 1 36  ? 2.936   4.142   -7.333  1.00 25.66  ? 36  PHE A N   1 
ATOM   267  C CA  . PHE A 1 36  ? 1.728   3.484   -6.807  1.00 25.06  ? 36  PHE A CA  1 
ATOM   268  C C   . PHE A 1 36  ? 0.546   3.568   -7.761  1.00 20.69  ? 36  PHE A C   1 
ATOM   269  O O   . PHE A 1 36  ? -0.191  2.596   -7.977  1.00 22.37  ? 36  PHE A O   1 
ATOM   270  C CB  . PHE A 1 36  ? 1.413   4.138   -5.465  1.00 27.46  ? 36  PHE A CB  1 
ATOM   271  C CG  . PHE A 1 36  ? 0.363   3.416   -4.633  1.00 22.44  ? 36  PHE A CG  1 
ATOM   272  C CD1 . PHE A 1 36  ? 0.740   2.424   -3.752  1.00 19.04  ? 36  PHE A CD1 1 
ATOM   273  C CD2 . PHE A 1 36  ? -0.966  3.778   -4.772  1.00 20.19  ? 36  PHE A CD2 1 
ATOM   274  C CE1 . PHE A 1 36  ? -0.218  1.778   -2.981  1.00 23.30  ? 36  PHE A CE1 1 
ATOM   275  C CE2 . PHE A 1 36  ? -1.920  3.138   -3.997  1.00 29.26  ? 36  PHE A CE2 1 
ATOM   276  C CZ  . PHE A 1 36  ? -1.547  2.151   -3.101  1.00 23.67  ? 36  PHE A CZ  1 
ATOM   277  N N   . ARG A 1 37  ? 0.335   4.735   -8.370  1.00 22.62  ? 37  ARG A N   1 
ATOM   278  C CA  . ARG A 1 37  ? -0.679  4.909   -9.403  1.00 23.64  ? 37  ARG A CA  1 
ATOM   279  C C   . ARG A 1 37  ? -0.522  3.895   -10.527 1.00 28.15  ? 37  ARG A C   1 
ATOM   280  O O   . ARG A 1 37  ? -1.488  3.206   -10.875 1.00 22.74  ? 37  ARG A O   1 
ATOM   281  C CB  . ARG A 1 37  ? -0.633  6.342   -9.959  1.00 23.14  ? 37  ARG A CB  1 
ATOM   282  C CG  . ARG A 1 37  ? -1.734  6.666   -10.959 1.00 24.40  ? 37  ARG A CG  1 
ATOM   283  C CD  . ARG A 1 37  ? -1.367  7.878   -11.816 1.00 31.69  ? 37  ARG A CD  1 
ATOM   284  N NE  . ARG A 1 37  ? -0.180  7.571   -12.627 1.00 27.65  ? 37  ARG A NE  1 
ATOM   285  C CZ  . ARG A 1 37  ? -0.270  6.752   -13.674 1.00 30.22  ? 37  ARG A CZ  1 
ATOM   286  N NH1 . ARG A 1 37  ? -1.444  6.217   -13.986 1.00 24.26  ? 37  ARG A NH1 1 
ATOM   287  N NH2 . ARG A 1 37  ? 0.808   6.480   -14.390 1.00 26.09  ? 37  ARG A NH2 1 
ATOM   288  N N   . ALA A 1 38  ? 0.665   3.767   -11.125 1.00 21.09  ? 38  ALA A N   1 
ATOM   289  C CA  . ALA A 1 38  ? 0.895   2.796   -12.192 1.00 22.03  ? 38  ALA A CA  1 
ATOM   290  C C   . ALA A 1 38  ? 0.723   1.346   -11.741 1.00 17.92  ? 38  ALA A C   1 
ATOM   291  O O   . ALA A 1 38  ? 0.361   0.452   -12.499 1.00 19.06  ? 38  ALA A O   1 
ATOM   292  C CB  . ALA A 1 38  ? 2.310   2.983   -12.750 1.00 19.97  ? 38  ALA A CB  1 
ATOM   293  N N   . LEU A 1 39  ? 0.999   1.063   -10.478 1.00 18.96  ? 39  LEU A N   1 
ATOM   294  C CA  . LEU A 1 39  ? 0.770   -0.279  -9.940  1.00 21.91  ? 39  LEU A CA  1 
ATOM   295  C C   . LEU A 1 39  ? -0.722  -0.524  -9.718  1.00 19.97  ? 39  LEU A C   1 
ATOM   296  O O   . LEU A 1 39  ? -1.160  -1.673  -9.737  1.00 21.29  ? 39  LEU A O   1 
ATOM   297  C CB  . LEU A 1 39  ? 1.614   -0.451  -8.674  1.00 23.25  ? 39  LEU A CB  1 
ATOM   298  C CG  . LEU A 1 39  ? 3.134   -0.481  -8.934  1.00 22.76  ? 39  LEU A CG  1 
ATOM   299  C CD1 . LEU A 1 39  ? 3.902   -0.386  -7.627  1.00 22.97  ? 39  LEU A CD1 1 
ATOM   300  C CD2 . LEU A 1 39  ? 3.552   -1.720  -9.713  1.00 17.77  ? 39  LEU A CD2 1 
ATOM   301  N N   . CYS A 1 40  ? -1.531  0.517   -9.535  1.00 19.44  ? 40  CYS A N   1 
ATOM   302  C CA  . CYS A 1 40  ? -2.979  0.291   -9.472  1.00 22.51  ? 40  CYS A CA  1 
ATOM   303  C C   . CYS A 1 40  ? -3.524  0.035   -10.870 1.00 27.69  ? 40  CYS A C   1 
ATOM   304  O O   . CYS A 1 40  ? -4.385  -0.828  -11.070 1.00 22.68  ? 40  CYS A O   1 
ATOM   305  C CB  . CYS A 1 40  ? -3.709  1.462   -8.812  1.00 16.56  ? 40  CYS A CB  1 
ATOM   306  S SG  . CYS A 1 40  ? -3.301  1.731   -7.068  1.00 22.87  ? 40  CYS A SG  1 
ATOM   307  N N   . THR A 1 41  ? -3.034  0.770   -11.877 1.00 22.38  ? 41  THR A N   1 
ATOM   308  C CA  . THR A 1 41  ? -3.556  0.592   -13.229 1.00 18.98  ? 41  THR A CA  1 
ATOM   309  C C   . THR A 1 41  ? -2.984  -0.656  -13.897 1.00 14.98  ? 41  THR A C   1 
ATOM   310  O O   . THR A 1 41  ? -3.599  -1.197  -14.818 1.00 22.19  ? 41  THR A O   1 
ATOM   311  C CB  . THR A 1 41  ? -3.265  1.772   -14.176 1.00 24.02  ? 41  THR A CB  1 
ATOM   312  O OG1 . THR A 1 41  ? -1.846  1.826   -14.420 1.00 19.85  ? 41  THR A OG1 1 
ATOM   313  C CG2 . THR A 1 41  ? -3.637  3.110   -13.575 1.00 24.41  ? 41  THR A CG2 1 
ATOM   314  N N   . GLY A 1 42  ? -1.811  -1.125  -13.469 1.00 19.23  ? 42  GLY A N   1 
ATOM   315  C CA  . GLY A 1 42  ? -1.152  -2.220  -14.154 1.00 22.47  ? 42  GLY A CA  1 
ATOM   316  C C   . GLY A 1 42  ? -0.526  -1.804  -15.483 1.00 22.55  ? 42  GLY A C   1 
ATOM   317  O O   . GLY A 1 42  ? -0.073  -2.653  -16.255 1.00 25.18  ? 42  GLY A O   1 
ATOM   318  N N   . GLU A 1 43  ? -0.477  -0.510  -15.808 1.00 21.49  ? 43  GLU A N   1 
ATOM   319  C CA  . GLU A 1 43  ? -0.082  -0.101  -17.160 1.00 23.59  ? 43  GLU A CA  1 
ATOM   320  C C   . GLU A 1 43  ? 1.344   -0.448  -17.575 1.00 24.28  ? 43  GLU A C   1 
ATOM   321  O O   . GLU A 1 43  ? 1.617   -0.417  -18.791 1.00 24.41  ? 43  GLU A O   1 
ATOM   322  C CB  . GLU A 1 43  ? -0.341  1.415   -17.298 1.00 14.87  ? 43  GLU A CB  1 
ATOM   323  C CG  . GLU A 1 43  ? 0.573   2.222   -16.375 1.00 20.20  ? 43  GLU A CG  1 
ATOM   324  C CD  . GLU A 1 43  ? 0.136   3.667   -16.252 1.00 29.14  ? 43  GLU A CD  1 
ATOM   325  O OE1 . GLU A 1 43  ? -1.032  3.929   -15.888 1.00 25.20  ? 43  GLU A OE1 1 
ATOM   326  O OE2 . GLU A 1 43  ? 0.954   4.577   -16.518 1.00 27.99  ? 43  GLU A OE2 1 
ATOM   327  N N   . ASN A 1 44  ? 2.287   -0.796  -16.704 1.00 20.66  ? 44  ASN A N   1 
ATOM   328  C CA  . ASN A 1 44  ? 3.642   -1.111  -17.182 1.00 24.49  ? 44  ASN A CA  1 
ATOM   329  C C   . ASN A 1 44  ? 3.859   -2.593  -17.397 1.00 24.07  ? 44  ASN A C   1 
ATOM   330  O O   . ASN A 1 44  ? 4.967   -3.099  -17.609 1.00 20.13  ? 44  ASN A O   1 
ATOM   331  C CB  . ASN A 1 44  ? 4.695   -0.525  -16.223 1.00 26.02  ? 44  ASN A CB  1 
ATOM   332  C CG  . ASN A 1 44  ? 4.902   0.960   -16.500 1.00 38.72  ? 44  ASN A CG  1 
ATOM   333  O OD1 . ASN A 1 44  ? 4.555   1.816   -15.676 1.00 28.35  ? 44  ASN A OD1 1 
ATOM   334  N ND2 . ASN A 1 44  ? 5.458   1.320   -17.662 1.00 28.35  ? 44  ASN A ND2 1 
ATOM   335  N N   . GLY A 1 45  ? 2.753   -3.343  -17.357 1.00 22.83  ? 45  GLY A N   1 
ATOM   336  C CA  . GLY A 1 45  ? 2.792   -4.737  -17.725 1.00 17.83  ? 45  GLY A CA  1 
ATOM   337  C C   . GLY A 1 45  ? 3.681   -5.619  -16.876 1.00 18.98  ? 45  GLY A C   1 
ATOM   338  O O   . GLY A 1 45  ? 3.613   -5.524  -15.646 1.00 22.35  ? 45  GLY A O   1 
ATOM   339  N N   . ILE A 1 46  ? 4.491   -6.462  -17.512 1.00 22.75  ? 46  ILE A N   1 
ATOM   340  C CA  . ILE A 1 46  ? 5.295   -7.489  -16.858 1.00 23.91  ? 46  ILE A CA  1 
ATOM   341  C C   . ILE A 1 46  ? 6.606   -6.918  -16.313 1.00 26.45  ? 46  ILE A C   1 
ATOM   342  O O   . ILE A 1 46  ? 7.308   -6.202  -17.019 1.00 28.55  ? 46  ILE A O   1 
ATOM   343  C CB  . ILE A 1 46  ? 5.628   -8.663  -17.797 1.00 25.30  ? 46  ILE A CB  1 
ATOM   344  C CG1 . ILE A 1 46  ? 4.421   -9.485  -18.264 1.00 28.26  ? 46  ILE A CG1 1 
ATOM   345  C CG2 . ILE A 1 46  ? 6.638   -9.596  -17.147 1.00 23.79  ? 46  ILE A CG2 1 
ATOM   346  C CD1 . ILE A 1 46  ? 3.579   -9.979  -17.106 1.00 30.51  ? 46  ILE A CD1 1 
ATOM   347  N N   . GLY A 1 47  ? 6.939   -7.214  -15.066 1.00 23.71  ? 47  GLY A N   1 
ATOM   348  C CA  . GLY A 1 47  ? 8.114   -6.693  -14.388 1.00 30.60  ? 47  GLY A CA  1 
ATOM   349  C C   . GLY A 1 47  ? 9.350   -7.546  -14.590 1.00 32.02  ? 47  GLY A C   1 
ATOM   350  O O   . GLY A 1 47  ? 9.278   -8.613  -15.215 1.00 27.49  ? 47  GLY A O   1 
ATOM   351  N N   . LYS A 1 48  ? 10.494  -7.107  -14.061 1.00 29.67  ? 48  LYS A N   1 
ATOM   352  C CA  . LYS A 1 48  ? 11.710  -7.912  -14.145 1.00 27.17  ? 48  LYS A CA  1 
ATOM   353  C C   . LYS A 1 48  ? 11.538  -9.263  -13.455 1.00 32.34  ? 48  LYS A C   1 
ATOM   354  O O   . LYS A 1 48  ? 12.248  -10.214 -13.785 1.00 28.99  ? 48  LYS A O   1 
ATOM   355  C CB  . LYS A 1 48  ? 12.907  -7.180  -13.520 1.00 30.09  ? 48  LYS A CB  1 
ATOM   356  C CG  . LYS A 1 48  ? 13.228  -5.873  -14.228 1.00 41.06  ? 48  LYS A CG  1 
ATOM   357  C CD  . LYS A 1 48  ? 14.412  -5.160  -13.601 1.00 58.83  ? 48  LYS A CD  1 
ATOM   358  C CE  . LYS A 1 48  ? 14.949  -4.059  -14.511 1.00 69.45  ? 48  LYS A CE  1 
ATOM   359  N NZ  . LYS A 1 48  ? 16.002  -4.534  -15.460 1.00 55.73  ? 48  LYS A NZ  1 
ATOM   360  N N   . SER A 1 49  ? 10.601  -9.304  -12.515 1.00 30.73  ? 49  SER A N   1 
ATOM   361  C CA  . SER A 1 49  ? 10.228  -10.460 -11.729 1.00 32.88  ? 49  SER A CA  1 
ATOM   362  C C   . SER A 1 49  ? 9.576   -11.540 -12.578 1.00 28.24  ? 49  SER A C   1 
ATOM   363  O O   . SER A 1 49  ? 9.454   -12.689 -12.163 1.00 36.93  ? 49  SER A O   1 
ATOM   364  C CB  . SER A 1 49  ? 9.199   -10.069 -10.652 1.00 32.72  ? 49  SER A CB  1 
ATOM   365  O OG  . SER A 1 49  ? 8.031   -9.533  -11.261 1.00 33.99  ? 49  SER A OG  1 
ATOM   366  N N   . GLY A 1 50  ? 9.132   -11.115 -13.756 1.00 31.80  ? 50  GLY A N   1 
ATOM   367  C CA  . GLY A 1 50  ? 8.349   -11.980 -14.617 1.00 37.84  ? 50  GLY A CA  1 
ATOM   368  C C   . GLY A 1 50  ? 6.869   -11.973 -14.254 1.00 39.76  ? 50  GLY A C   1 
ATOM   369  O O   . GLY A 1 50  ? 6.116   -12.659 -14.950 1.00 39.12  ? 50  GLY A O   1 
ATOM   370  N N   . LYS A 1 51  ? 6.507   -11.226 -13.223 1.00 35.72  ? 51  LYS A N   1 
ATOM   371  C CA  . LYS A 1 51  ? 5.143   -11.037 -12.755 1.00 32.59  ? 51  LYS A CA  1 
ATOM   372  C C   . LYS A 1 51  ? 4.597   -9.656  -13.115 1.00 32.58  ? 51  LYS A C   1 
ATOM   373  O O   . LYS A 1 51  ? 5.384   -8.715  -13.252 1.00 23.28  ? 51  LYS A O   1 
ATOM   374  C CB  . LYS A 1 51  ? 5.046   -11.200 -11.233 1.00 31.29  ? 51  LYS A CB  1 
ATOM   375  C CG  . LYS A 1 51  ? 5.767   -12.420 -10.694 1.00 37.83  ? 51  LYS A CG  1 
ATOM   376  C CD  . LYS A 1 51  ? 4.955   -13.686 -10.924 1.00 41.82  ? 51  LYS A CD  1 
ATOM   377  C CE  . LYS A 1 51  ? 4.006   -13.939 -9.761  1.00 50.88  ? 51  LYS A CE  1 
ATOM   378  N NZ  . LYS A 1 51  ? 4.480   -15.052 -8.897  1.00 71.15  ? 51  LYS A NZ  1 
ATOM   379  N N   . PRO A 1 52  ? 3.274   -9.541  -13.246 1.00 31.41  ? 52  PRO A N   1 
ATOM   380  C CA  . PRO A 1 52  ? 2.671   -8.238  -13.551 1.00 23.05  ? 52  PRO A CA  1 
ATOM   381  C C   . PRO A 1 52  ? 2.988   -7.208  -12.479 1.00 22.69  ? 52  PRO A C   1 
ATOM   382  O O   . PRO A 1 52  ? 2.935   -7.481  -11.275 1.00 22.37  ? 52  PRO A O   1 
ATOM   383  C CB  . PRO A 1 52  ? 1.167   -8.531  -13.588 1.00 22.21  ? 52  PRO A CB  1 
ATOM   384  C CG  . PRO A 1 52  ? 1.090   -9.993  -13.900 1.00 22.40  ? 52  PRO A CG  1 
ATOM   385  C CD  . PRO A 1 52  ? 2.240   -10.591 -13.131 1.00 24.23  ? 52  PRO A CD  1 
ATOM   386  N N   . LEU A 1 53  ? 3.321   -6.002  -12.938 1.00 19.34  ? 53  LEU A N   1 
ATOM   387  C CA  . LEU A 1 53  ? 3.477   -4.857  -12.054 1.00 19.41  ? 53  LEU A CA  1 
ATOM   388  C C   . LEU A 1 53  ? 2.084   -4.280  -11.769 1.00 20.86  ? 53  LEU A C   1 
ATOM   389  O O   . LEU A 1 53  ? 1.704   -3.256  -12.327 1.00 19.53  ? 53  LEU A O   1 
ATOM   390  C CB  . LEU A 1 53  ? 4.390   -3.804  -12.669 1.00 21.72  ? 53  LEU A CB  1 
ATOM   391  C CG  . LEU A 1 53  ? 5.860   -4.220  -12.794 1.00 28.83  ? 53  LEU A CG  1 
ATOM   392  C CD1 . LEU A 1 53  ? 6.556   -3.339  -13.825 1.00 26.08  ? 53  LEU A CD1 1 
ATOM   393  C CD2 . LEU A 1 53  ? 6.560   -4.167  -11.449 1.00 21.05  ? 53  LEU A CD2 1 
ATOM   394  N N   . HIS A 1 54  ? 1.355   -4.995  -10.921 1.00 26.55  ? 54  HIS A N   1 
ATOM   395  C CA  . HIS A 1 54  ? -0.061  -4.820  -10.661 1.00 22.93  ? 54  HIS A CA  1 
ATOM   396  C C   . HIS A 1 54  ? -0.463  -5.355  -9.284  1.00 17.72  ? 54  HIS A C   1 
ATOM   397  O O   . HIS A 1 54  ? -0.111  -6.483  -8.929  1.00 21.16  ? 54  HIS A O   1 
ATOM   398  C CB  . HIS A 1 54  ? -0.888  -5.554  -11.721 1.00 20.59  ? 54  HIS A CB  1 
ATOM   399  C CG  . HIS A 1 54  ? -2.239  -4.947  -11.953 1.00 16.20  ? 54  HIS A CG  1 
ATOM   400  N ND1 . HIS A 1 54  ? -3.147  -5.538  -12.807 1.00 16.70  ? 54  HIS A ND1 1 
ATOM   401  C CD2 . HIS A 1 54  ? -2.832  -3.830  -11.471 1.00 21.83  ? 54  HIS A CD2 1 
ATOM   402  C CE1 . HIS A 1 54  ? -4.242  -4.804  -12.845 1.00 15.36  ? 54  HIS A CE1 1 
ATOM   403  N NE2 . HIS A 1 54  ? -4.078  -3.767  -12.041 1.00 21.54  ? 54  HIS A NE2 1 
ATOM   404  N N   . PHE A 1 55  ? -1.193  -4.537  -8.535  1.00 18.70  ? 55  PHE A N   1 
ATOM   405  C CA  . PHE A 1 55  ? -1.663  -4.955  -7.210  1.00 25.90  ? 55  PHE A CA  1 
ATOM   406  C C   . PHE A 1 55  ? -2.823  -5.952  -7.325  1.00 25.83  ? 55  PHE A C   1 
ATOM   407  O O   . PHE A 1 55  ? -3.135  -6.686  -6.382  1.00 22.24  ? 55  PHE A O   1 
ATOM   408  C CB  . PHE A 1 55  ? -2.088  -3.728  -6.425  1.00 19.92  ? 55  PHE A CB  1 
ATOM   409  C CG  . PHE A 1 55  ? -1.040  -2.745  -5.942  1.00 16.68  ? 55  PHE A CG  1 
ATOM   410  C CD1 . PHE A 1 55  ? 0.105   -3.191  -5.303  1.00 18.86  ? 55  PHE A CD1 1 
ATOM   411  C CD2 . PHE A 1 55  ? -1.239  -1.385  -6.139  1.00 16.10  ? 55  PHE A CD2 1 
ATOM   412  C CE1 . PHE A 1 55  ? 1.054   -2.297  -4.825  1.00 19.58  ? 55  PHE A CE1 1 
ATOM   413  C CE2 . PHE A 1 55  ? -0.302  -0.483  -5.656  1.00 17.62  ? 55  PHE A CE2 1 
ATOM   414  C CZ  . PHE A 1 55  ? 0.830   -0.940  -5.005  1.00 17.13  ? 55  PHE A CZ  1 
ATOM   415  N N   . LYS A 1 56  ? -3.492  -6.005  -8.479  1.00 20.26  ? 56  LYS A N   1 
ATOM   416  C CA  . LYS A 1 56  ? -4.699  -6.838  -8.580  1.00 24.77  ? 56  LYS A CA  1 
ATOM   417  C C   . LYS A 1 56  ? -4.411  -8.307  -8.312  1.00 23.81  ? 56  LYS A C   1 
ATOM   418  O O   . LYS A 1 56  ? -3.550  -8.932  -8.928  1.00 24.12  ? 56  LYS A O   1 
ATOM   419  C CB  . LYS A 1 56  ? -5.352  -6.672  -9.948  1.00 22.10  ? 56  LYS A CB  1 
ATOM   420  C CG  . LYS A 1 56  ? -6.654  -7.435  -10.127 1.00 26.82  ? 56  LYS A CG  1 
ATOM   421  C CD  . LYS A 1 56  ? -7.297  -7.038  -11.447 1.00 24.76  ? 56  LYS A CD  1 
ATOM   422  C CE  . LYS A 1 56  ? -8.575  -7.832  -11.701 1.00 28.02  ? 56  LYS A CE  1 
ATOM   423  N NZ  . LYS A 1 56  ? -9.278  -7.294  -12.900 1.00 42.99  ? 56  LYS A NZ  1 
ATOM   424  N N   . GLY A 1 57  ? -5.140  -8.892  -7.354  1.00 23.35  ? 57  GLY A N   1 
ATOM   425  C CA  . GLY A 1 57  ? -4.912  -10.274 -6.979  1.00 17.95  ? 57  GLY A CA  1 
ATOM   426  C C   . GLY A 1 57  ? -3.897  -10.466 -5.875  1.00 19.18  ? 57  GLY A C   1 
ATOM   427  O O   . GLY A 1 57  ? -3.651  -11.602 -5.452  1.00 25.18  ? 57  GLY A O   1 
ATOM   428  N N   . SER A 1 58  ? -3.267  -9.405  -5.371  1.00 18.61  ? 58  SER A N   1 
ATOM   429  C CA  . SER A 1 58  ? -2.303  -9.552  -4.291  1.00 22.71  ? 58  SER A CA  1 
ATOM   430  C C   . SER A 1 58  ? -3.052  -9.446  -2.957  1.00 19.06  ? 58  SER A C   1 
ATOM   431  O O   . SER A 1 58  ? -4.248  -9.125  -3.015  1.00 22.13  ? 58  SER A O   1 
ATOM   432  C CB  . SER A 1 58  ? -1.193  -8.505  -4.353  1.00 11.38  ? 58  SER A CB  1 
ATOM   433  O OG  . SER A 1 58  ? -1.742  -7.195  -4.217  1.00 21.79  ? 58  SER A OG  1 
ATOM   434  N N   . LYS A 1 59  ? -2.366  -9.699  -1.856  1.00 20.37  ? 59  LYS A N   1 
ATOM   435  C CA  . LYS A 1 59  ? -2.984  -9.686  -0.533  1.00 26.20  ? 59  LYS A CA  1 
ATOM   436  C C   . LYS A 1 59  ? -2.270  -8.788  0.472   1.00 24.97  ? 59  LYS A C   1 
ATOM   437  O O   . LYS A 1 59  ? -1.138  -8.351  0.308   1.00 24.86  ? 59  LYS A O   1 
ATOM   438  C CB  . LYS A 1 59  ? -3.032  -11.073 0.113   1.00 25.46  ? 59  LYS A CB  1 
ATOM   439  C CG  . LYS A 1 59  ? -3.466  -12.243 -0.743  1.00 38.93  ? 59  LYS A CG  1 
ATOM   440  C CD  . LYS A 1 59  ? -2.721  -13.496 -0.281  1.00 50.90  ? 59  LYS A CD  1 
ATOM   441  C CE  . LYS A 1 59  ? -3.566  -14.744 -0.423  1.00 60.35  ? 59  LYS A CE  1 
ATOM   442  N NZ  . LYS A 1 59  ? -3.930  -15.040 -1.836  1.00 79.34  ? 59  LYS A NZ  1 
ATOM   443  N N   . PHE A 1 60  ? -2.979  -8.554  1.575   1.00 19.57  ? 60  PHE A N   1 
ATOM   444  C CA  . PHE A 1 60  ? -2.354  -7.946  2.744   1.00 21.04  ? 60  PHE A CA  1 
ATOM   445  C C   . PHE A 1 60  ? -1.682  -9.051  3.546   1.00 26.47  ? 60  PHE A C   1 
ATOM   446  O O   . PHE A 1 60  ? -2.321  -9.724  4.359   1.00 22.91  ? 60  PHE A O   1 
ATOM   447  C CB  . PHE A 1 60  ? -3.387  -7.153  3.546   1.00 20.73  ? 60  PHE A CB  1 
ATOM   448  C CG  . PHE A 1 60  ? -3.898  -5.928  2.799   1.00 26.90  ? 60  PHE A CG  1 
ATOM   449  C CD1 . PHE A 1 60  ? -3.223  -4.721  2.915   1.00 22.25  ? 60  PHE A CD1 1 
ATOM   450  C CD2 . PHE A 1 60  ? -5.025  -6.005  1.993   1.00 24.72  ? 60  PHE A CD2 1 
ATOM   451  C CE1 . PHE A 1 60  ? -3.670  -3.603  2.230   1.00 21.36  ? 60  PHE A CE1 1 
ATOM   452  C CE2 . PHE A 1 60  ? -5.479  -4.892  1.302   1.00 24.02  ? 60  PHE A CE2 1 
ATOM   453  C CZ  . PHE A 1 60  ? -4.793  -3.688  1.422   1.00 21.05  ? 60  PHE A CZ  1 
ATOM   454  N N   . HIS A 1 61  ? -0.387  -9.275  3.306   1.00 18.60  ? 61  HIS A N   1 
ATOM   455  C CA  . HIS A 1 61  ? 0.293   -10.412 3.900   1.00 18.56  ? 61  HIS A CA  1 
ATOM   456  C C   . HIS A 1 61  ? 0.717   -10.176 5.345   1.00 22.59  ? 61  HIS A C   1 
ATOM   457  O O   . HIS A 1 61  ? 1.075   -11.140 6.021   1.00 19.75  ? 61  HIS A O   1 
ATOM   458  C CB  . HIS A 1 61  ? 1.554   -10.746 3.075   1.00 19.22  ? 61  HIS A CB  1 
ATOM   459  C CG  . HIS A 1 61  ? 2.483   -9.566  3.125   1.00 27.45  ? 61  HIS A CG  1 
ATOM   460  N ND1 . HIS A 1 61  ? 2.328   -8.470  2.306   1.00 27.02  ? 61  HIS A ND1 1 
ATOM   461  C CD2 . HIS A 1 61  ? 3.558   -9.310  3.907   1.00 30.09  ? 61  HIS A CD2 1 
ATOM   462  C CE1 . HIS A 1 61  ? 3.280   -7.586  2.576   1.00 27.26  ? 61  HIS A CE1 1 
ATOM   463  N NE2 . HIS A 1 61  ? 4.039   -8.072  3.540   1.00 23.88  ? 61  HIS A NE2 1 
ATOM   464  N N   . ARG A 1 62  ? 0.701   -8.931  5.810   1.00 24.96  ? 62  ARG A N   1 
ATOM   465  C CA  . ARG A 1 62  ? 1.110   -8.575  7.169   1.00 24.77  ? 62  ARG A CA  1 
ATOM   466  C C   . ARG A 1 62  ? 0.152   -7.535  7.745   1.00 25.30  ? 62  ARG A C   1 
ATOM   467  O O   . ARG A 1 62  ? 0.003   -6.416  7.249   1.00 20.85  ? 62  ARG A O   1 
ATOM   468  C CB  A ARG A 1 62  ? 2.549   -8.095  7.187   0.62 21.00  ? 62  ARG A CB  1 
ATOM   469  C CB  B ARG A 1 62  ? 2.565   -8.074  7.180   0.38 21.00  ? 62  ARG A CB  1 
ATOM   470  C CG  A ARG A 1 62  ? 3.044   -7.507  8.493   0.62 21.00  ? 62  ARG A CG  1 
ATOM   471  C CG  B ARG A 1 62  ? 3.060   -7.488  8.492   0.38 21.00  ? 62  ARG A CG  1 
ATOM   472  C CD  A ARG A 1 62  ? 4.573   -7.294  8.437   0.62 21.00  ? 62  ARG A CD  1 
ATOM   473  C CD  B ARG A 1 62  ? 4.538   -7.006  8.401   0.38 21.00  ? 62  ARG A CD  1 
ATOM   474  N NE  A ARG A 1 62  ? 5.122   -6.509  9.534   0.62 21.00  ? 62  ARG A NE  1 
ATOM   475  N NE  B ARG A 1 62  ? 5.073   -6.673  9.723   0.38 21.00  ? 62  ARG A NE  1 
ATOM   476  C CZ  A ARG A 1 62  ? 5.393   -6.962  10.749  0.62 21.00  ? 62  ARG A CZ  1 
ATOM   477  C CZ  B ARG A 1 62  ? 5.658   -5.523  10.070  0.38 21.00  ? 62  ARG A CZ  1 
ATOM   478  N NH1 A ARG A 1 62  ? 5.146   -8.247  11.114  0.62 21.00  ? 62  ARG A NH1 1 
ATOM   479  N NH1 B ARG A 1 62  ? 5.878   -4.487  9.186   0.38 21.00  ? 62  ARG A NH1 1 
ATOM   480  N NH2 A ARG A 1 62  ? 5.908   -6.097  11.623  0.62 21.00  ? 62  ARG A NH2 1 
ATOM   481  N NH2 B ARG A 1 62  ? 6.060   -5.418  11.346  0.38 21.00  ? 62  ARG A NH2 1 
ATOM   482  N N   . ILE A 1 63  ? -0.535  -7.933  8.828   1.00 19.14  ? 63  ILE A N   1 
ATOM   483  C CA  . ILE A 1 63  ? -1.620  -7.121  9.378   1.00 21.43  ? 63  ILE A CA  1 
ATOM   484  C C   . ILE A 1 63  ? -1.538  -7.082  10.899  1.00 20.00  ? 63  ILE A C   1 
ATOM   485  O O   . ILE A 1 63  ? -1.606  -8.156  11.521  1.00 22.89  ? 63  ILE A O   1 
ATOM   486  C CB  . ILE A 1 63  ? -3.003  -7.673  8.957   1.00 23.91  ? 63  ILE A CB  1 
ATOM   487  C CG1 . ILE A 1 63  ? -3.272  -7.714  7.452   1.00 18.39  ? 63  ILE A CG1 1 
ATOM   488  C CG2 . ILE A 1 63  ? -4.115  -6.888  9.647   1.00 21.82  ? 63  ILE A CG2 1 
ATOM   489  C CD1 . ILE A 1 63  ? -4.428  -8.613  7.041   1.00 22.66  ? 63  ILE A CD1 1 
ATOM   490  N N   . ILE A 1 64  ? -1.375  -5.905  11.487  1.00 17.41  ? 64  ILE A N   1 
ATOM   491  C CA  . ILE A 1 64  ? -1.163  -5.834  12.938  1.00 20.15  ? 64  ILE A CA  1 
ATOM   492  C C   . ILE A 1 64  ? -2.178  -4.963  13.658  1.00 18.01  ? 64  ILE A C   1 
ATOM   493  O O   . ILE A 1 64  ? -2.312  -3.764  13.416  1.00 20.61  ? 64  ILE A O   1 
ATOM   494  C CB  . ILE A 1 64  ? 0.280   -5.367  13.242  1.00 22.72  ? 64  ILE A CB  1 
ATOM   495  C CG1 . ILE A 1 64  ? 1.330   -6.380  12.765  1.00 20.09  ? 64  ILE A CG1 1 
ATOM   496  C CG2 . ILE A 1 64  ? 0.441   -5.047  14.727  1.00 22.18  ? 64  ILE A CG2 1 
ATOM   497  C CD1 . ILE A 1 64  ? 2.756   -6.008  13.093  1.00 26.93  ? 64  ILE A CD1 1 
ATOM   498  N N   . PRO A 1 65  ? -2.944  -5.531  14.608  1.00 23.29  ? 65  PRO A N   1 
ATOM   499  C CA  . PRO A 1 65  ? -3.999  -4.751  15.251  1.00 18.06  ? 65  PRO A CA  1 
ATOM   500  C C   . PRO A 1 65  ? -3.472  -3.509  15.952  1.00 13.21  ? 65  PRO A C   1 
ATOM   501  O O   . PRO A 1 65  ? -2.457  -3.562  16.654  1.00 21.21  ? 65  PRO A O   1 
ATOM   502  C CB  . PRO A 1 65  ? -4.576  -5.711  16.313  1.00 24.20  ? 65  PRO A CB  1 
ATOM   503  C CG  . PRO A 1 65  ? -3.649  -6.859  16.397  1.00 23.30  ? 65  PRO A CG  1 
ATOM   504  C CD  . PRO A 1 65  ? -2.855  -6.908  15.117  1.00 18.41  ? 65  PRO A CD  1 
ATOM   505  N N   . ASN A 1 66  ? -4.169  -2.390  15.777  1.00 20.63  ? 66  ASN A N   1 
ATOM   506  C CA  . ASN A 1 66  ? -3.873  -1.092  16.353  1.00 26.53  ? 66  ASN A CA  1 
ATOM   507  C C   . ASN A 1 66  ? -2.538  -0.522  15.868  1.00 25.90  ? 66  ASN A C   1 
ATOM   508  O O   . ASN A 1 66  ? -1.816  0.108   16.636  1.00 26.01  ? 66  ASN A O   1 
ATOM   509  C CB  . ASN A 1 66  ? -3.887  -1.190  17.887  1.00 25.80  ? 66  ASN A CB  1 
ATOM   510  C CG  . ASN A 1 66  ? -5.181  -1.880  18.319  1.00 34.25  ? 66  ASN A CG  1 
ATOM   511  O OD1 . ASN A 1 66  ? -6.260  -1.288  18.263  1.00 32.55  ? 66  ASN A OD1 1 
ATOM   512  N ND2 . ASN A 1 66  ? -5.052  -3.138  18.718  1.00 28.15  ? 66  ASN A ND2 1 
ATOM   513  N N   . PHE A 1 67  ? -2.227  -0.757  14.605  1.00 23.33  ? 67  PHE A N   1 
ATOM   514  C CA  . PHE A 1 67  ? -0.984  -0.343  13.964  1.00 21.04  ? 67  PHE A CA  1 
ATOM   515  C C   . PHE A 1 67  ? -1.254  -0.096  12.471  1.00 24.67  ? 67  PHE A C   1 
ATOM   516  O O   . PHE A 1 67  ? -1.467  1.068   12.104  1.00 22.68  ? 67  PHE A O   1 
ATOM   517  C CB  . PHE A 1 67  ? 0.104   -1.390  14.186  1.00 18.70  ? 67  PHE A CB  1 
ATOM   518  C CG  . PHE A 1 67  ? 1.503   -0.977  13.724  1.00 22.87  ? 67  PHE A CG  1 
ATOM   519  C CD1 . PHE A 1 67  ? 1.850   0.321   13.401  1.00 22.84  ? 67  PHE A CD1 1 
ATOM   520  C CD2 . PHE A 1 67  ? 2.471   -1.958  13.625  1.00 25.51  ? 67  PHE A CD2 1 
ATOM   521  C CE1 . PHE A 1 67  ? 3.108   0.680   12.982  1.00 24.51  ? 67  PHE A CE1 1 
ATOM   522  C CE2 . PHE A 1 67  ? 3.751   -1.624  13.233  1.00 33.01  ? 67  PHE A CE2 1 
ATOM   523  C CZ  . PHE A 1 67  ? 4.063   -0.313  12.927  1.00 27.68  ? 67  PHE A CZ  1 
ATOM   524  N N   . MET A 1 68  ? -1.210  -1.148  11.647  1.00 24.50  ? 68  MET A N   1 
ATOM   525  C CA  . MET A 1 68  ? -1.379  -0.953  10.208  1.00 23.12  ? 68  MET A CA  1 
ATOM   526  C C   . MET A 1 68  ? -1.671  -2.246  9.463   1.00 17.25  ? 68  MET A C   1 
ATOM   527  O O   . MET A 1 68  ? -1.442  -3.341  9.995   1.00 21.29  ? 68  MET A O   1 
ATOM   528  C CB  . MET A 1 68  ? -0.107  -0.315  9.629   1.00 23.27  ? 68  MET A CB  1 
ATOM   529  C CG  . MET A 1 68  ? 1.155   -1.109  9.976   1.00 21.55  ? 68  MET A CG  1 
ATOM   530  S SD  . MET A 1 68  ? 1.432   -2.414  8.767   1.00 26.00  ? 68  MET A SD  1 
ATOM   531  C CE  . MET A 1 68  ? 2.257   -3.669  9.736   1.00 22.32  ? 68  MET A CE  1 
ATOM   532  N N   . ILE A 1 69  ? -2.133  -2.079  8.230   1.00 18.24  ? 69  ILE A N   1 
ATOM   533  C CA  . ILE A 1 69  ? -2.310  -3.214  7.328   1.00 18.66  ? 69  ILE A CA  1 
ATOM   534  C C   . ILE A 1 69  ? -1.293  -3.057  6.191   1.00 20.91  ? 69  ILE A C   1 
ATOM   535  O O   . ILE A 1 69  ? -1.173  -1.932  5.680   1.00 19.95  ? 69  ILE A O   1 
ATOM   536  C CB  . ILE A 1 69  ? -3.743  -3.337  6.800   1.00 19.21  ? 69  ILE A CB  1 
ATOM   537  C CG1 . ILE A 1 69  ? -4.207  -2.259  5.829   1.00 21.59  ? 69  ILE A CG1 1 
ATOM   538  C CG2 . ILE A 1 69  ? -4.721  -3.405  7.979   1.00 20.64  ? 69  ILE A CG2 1 
ATOM   539  C CD1 . ILE A 1 69  ? -5.500  -2.607  5.103   1.00 24.67  ? 69  ILE A CD1 1 
ATOM   540  N N   . GLN A 1 70  ? -0.604  -4.133  5.850   1.00 22.22  ? 70  GLN A N   1 
ATOM   541  C CA  . GLN A 1 70  ? 0.471   -4.016  4.855   1.00 22.10  ? 70  GLN A CA  1 
ATOM   542  C C   . GLN A 1 70  ? 0.371   -4.970  3.689   1.00 20.39  ? 70  GLN A C   1 
ATOM   543  O O   . GLN A 1 70  ? 0.075   -6.160  3.841   1.00 22.80  ? 70  GLN A O   1 
ATOM   544  C CB  . GLN A 1 70  ? 1.800   -4.220  5.593   1.00 20.22  ? 70  GLN A CB  1 
ATOM   545  C CG  . GLN A 1 70  ? 3.020   -4.001  4.694   1.00 24.98  ? 70  GLN A CG  1 
ATOM   546  C CD  . GLN A 1 70  ? 4.282   -4.126  5.540   1.00 28.21  ? 70  GLN A CD  1 
ATOM   547  O OE1 . GLN A 1 70  ? 5.186   -4.887  5.199   1.00 33.00  ? 70  GLN A OE1 1 
ATOM   548  N NE2 . GLN A 1 70  ? 4.310   -3.386  6.643   1.00 27.22  ? 70  GLN A NE2 1 
ATOM   549  N N   . GLY A 1 71  ? 0.633   -4.471  2.474   1.00 23.21  ? 71  GLY A N   1 
ATOM   550  C CA  . GLY A 1 71  ? 0.542   -5.271  1.264   1.00 21.54  ? 71  GLY A CA  1 
ATOM   551  C C   . GLY A 1 71  ? 1.513   -4.870  0.172   1.00 29.78  ? 71  GLY A C   1 
ATOM   552  O O   . GLY A 1 71  ? 2.507   -4.170  0.383   1.00 21.14  ? 71  GLY A O   1 
ATOM   553  N N   . GLY A 1 72  ? 1.253   -5.316  -1.053  1.00 26.11  ? 72  GLY A N   1 
ATOM   554  C CA  . GLY A 1 72  ? 2.051   -4.914  -2.191  1.00 21.71  ? 72  GLY A CA  1 
ATOM   555  C C   . GLY A 1 72  ? 3.123   -5.916  -2.580  1.00 28.65  ? 72  GLY A C   1 
ATOM   556  O O   . GLY A 1 72  ? 3.837   -5.616  -3.549  1.00 26.81  ? 72  GLY A O   1 
ATOM   557  N N   . ASP A 1 73  ? 3.262   -7.051  -1.899  1.00 22.79  ? 73  ASP A N   1 
ATOM   558  C CA  . ASP A 1 73  ? 4.222   -8.072  -2.324  1.00 17.93  ? 73  ASP A CA  1 
ATOM   559  C C   . ASP A 1 73  ? 3.602   -9.009  -3.355  1.00 24.07  ? 73  ASP A C   1 
ATOM   560  O O   . ASP A 1 73  ? 3.190   -10.136 -3.063  1.00 22.50  ? 73  ASP A O   1 
ATOM   561  C CB  . ASP A 1 73  ? 4.810   -8.866  -1.153  1.00 22.33  ? 73  ASP A CB  1 
ATOM   562  C CG  . ASP A 1 73  ? 5.929   -9.810  -1.586  1.00 23.66  ? 73  ASP A CG  1 
ATOM   563  O OD1 . ASP A 1 73  ? 6.197   -9.945  -2.802  1.00 22.18  ? 73  ASP A OD1 1 
ATOM   564  O OD2 . ASP A 1 73  ? 6.549   -10.443 -0.714  1.00 22.05  ? 73  ASP A OD2 1 
ATOM   565  N N   . PHE A 1 74  ? 3.550   -8.551  -4.606  1.00 21.58  ? 74  PHE A N   1 
ATOM   566  C CA  . PHE A 1 74  ? 2.982   -9.353  -5.689  1.00 23.46  ? 74  PHE A CA  1 
ATOM   567  C C   . PHE A 1 74  ? 4.045   -10.239 -6.343  1.00 23.68  ? 74  PHE A C   1 
ATOM   568  O O   . PHE A 1 74  ? 3.727   -10.843 -7.368  1.00 26.77  ? 74  PHE A O   1 
ATOM   569  C CB  . PHE A 1 74  ? 2.270   -8.506  -6.751  1.00 24.51  ? 74  PHE A CB  1 
ATOM   570  C CG  . PHE A 1 74  ? 3.056   -7.296  -7.229  1.00 23.14  ? 74  PHE A CG  1 
ATOM   571  C CD1 . PHE A 1 74  ? 4.113   -7.459  -8.114  1.00 28.65  ? 74  PHE A CD1 1 
ATOM   572  C CD2 . PHE A 1 74  ? 2.734   -6.026  -6.792  1.00 20.01  ? 74  PHE A CD2 1 
ATOM   573  C CE1 . PHE A 1 74  ? 4.843   -6.361  -8.547  1.00 27.36  ? 74  PHE A CE1 1 
ATOM   574  C CE2 . PHE A 1 74  ? 3.454   -4.921  -7.214  1.00 27.95  ? 74  PHE A CE2 1 
ATOM   575  C CZ  . PHE A 1 74  ? 4.509   -5.102  -8.095  1.00 24.65  ? 74  PHE A CZ  1 
ATOM   576  N N   . THR A 1 75  ? 5.251   -10.370 -5.790  1.00 25.53  ? 75  THR A N   1 
ATOM   577  C CA  . THR A 1 75  ? 6.187   -11.339 -6.368  1.00 34.49  ? 75  THR A CA  1 
ATOM   578  C C   . THR A 1 75  ? 6.405   -12.546 -5.453  1.00 37.00  ? 75  THR A C   1 
ATOM   579  O O   . THR A 1 75  ? 6.543   -13.675 -5.930  1.00 44.32  ? 75  THR A O   1 
ATOM   580  C CB  . THR A 1 75  ? 7.580   -10.761 -6.707  1.00 25.62  ? 75  THR A CB  1 
ATOM   581  O OG1 . THR A 1 75  ? 8.293   -10.405 -5.517  1.00 27.55  ? 75  THR A OG1 1 
ATOM   582  C CG2 . THR A 1 75  ? 7.431   -9.498  -7.542  1.00 27.91  ? 75  THR A CG2 1 
ATOM   583  N N   . ARG A 1 76  ? 6.455   -12.329 -4.145  1.00 42.84  ? 76  ARG A N   1 
ATOM   584  C CA  . ARG A 1 76  ? 6.677   -13.417 -3.200  1.00 43.86  ? 76  ARG A CA  1 
ATOM   585  C C   . ARG A 1 76  ? 5.465   -13.617 -2.289  1.00 43.55  ? 76  ARG A C   1 
ATOM   586  O O   . ARG A 1 76  ? 5.259   -14.726 -1.796  1.00 56.91  ? 76  ARG A O   1 
ATOM   587  C CB  . ARG A 1 76  ? 7.925   -13.143 -2.356  1.00 46.48  ? 76  ARG A CB  1 
ATOM   588  C CG  . ARG A 1 76  ? 8.905   -14.299 -2.293  1.00 58.54  ? 76  ARG A CG  1 
ATOM   589  C CD  . ARG A 1 76  ? 9.129   -14.900 -3.672  1.00 63.88  ? 76  ARG A CD  1 
ATOM   590  N NE  . ARG A 1 76  ? 9.365   -13.857 -4.663  1.00 78.35  ? 76  ARG A NE  1 
ATOM   591  C CZ  . ARG A 1 76  ? 10.561  -13.629 -5.209  1.00 93.06  ? 76  ARG A CZ  1 
ATOM   592  N NH1 . ARG A 1 76  ? 11.604  -14.381 -4.860  1.00 102.80 ? 76  ARG A NH1 1 
ATOM   593  N NH2 . ARG A 1 76  ? 10.716  -12.662 -6.102  1.00 105.20 ? 76  ARG A NH2 1 
ATOM   594  N N   . GLY A 1 77  ? 4.679   -12.576 -2.055  1.00 35.45  ? 77  GLY A N   1 
ATOM   595  C CA  . GLY A 1 77  ? 3.471   -12.637 -1.259  1.00 34.97  ? 77  GLY A CA  1 
ATOM   596  C C   . GLY A 1 77  ? 3.728   -12.769 0.225   1.00 39.75  ? 77  GLY A C   1 
ATOM   597  O O   . GLY A 1 77  ? 2.822   -13.120 0.990   1.00 35.90  ? 77  GLY A O   1 
ATOM   598  N N   . ASN A 1 78  ? 4.960   -12.500 0.663   1.00 34.43  ? 78  ASN A N   1 
ATOM   599  C CA  . ASN A 1 78  ? 5.288   -12.749 2.063   1.00 31.85  ? 78  ASN A CA  1 
ATOM   600  C C   . ASN A 1 78  ? 6.090   -11.622 2.687   1.00 29.61  ? 78  ASN A C   1 
ATOM   601  O O   . ASN A 1 78  ? 6.570   -11.762 3.812   1.00 39.46  ? 78  ASN A O   1 
ATOM   602  C CB  . ASN A 1 78  ? 6.092   -14.040 2.242   1.00 39.49  ? 78  ASN A CB  1 
ATOM   603  C CG  . ASN A 1 78  ? 7.404   -14.023 1.477   1.00 45.96  ? 78  ASN A CG  1 
ATOM   604  O OD1 . ASN A 1 78  ? 7.870   -12.982 1.015   1.00 34.29  ? 78  ASN A OD1 1 
ATOM   605  N ND2 . ASN A 1 78  ? 7.994   -15.210 1.352   1.00 52.71  ? 78  ASN A ND2 1 
ATOM   606  N N   . GLY A 1 79  ? 6.248   -10.505 1.980   1.00 27.07  ? 79  GLY A N   1 
ATOM   607  C CA  . GLY A 1 79  ? 7.054   -9.463  2.626   1.00 29.30  ? 79  GLY A CA  1 
ATOM   608  C C   . GLY A 1 79  ? 8.482   -9.548  2.114   1.00 30.25  ? 79  GLY A C   1 
ATOM   609  O O   . GLY A 1 79  ? 9.261   -8.615  2.305   1.00 40.25  ? 79  GLY A O   1 
ATOM   610  N N   . THR A 1 80  ? 8.842   -10.650 1.446   1.00 26.72  ? 80  THR A N   1 
ATOM   611  C CA  . THR A 1 80  ? 10.221  -10.652 0.940   1.00 39.46  ? 80  THR A CA  1 
ATOM   612  C C   . THR A 1 80  ? 10.316  -10.158 -0.502  1.00 45.68  ? 80  THR A C   1 
ATOM   613  O O   . THR A 1 80  ? 11.457  -10.029 -0.964  1.00 54.77  ? 80  THR A O   1 
ATOM   614  C CB  . THR A 1 80  ? 10.879  -12.043 1.032   1.00 37.65  ? 80  THR A CB  1 
ATOM   615  O OG1 . THR A 1 80  ? 10.251  -12.980 0.146   1.00 35.49  ? 80  THR A OG1 1 
ATOM   616  C CG2 . THR A 1 80  ? 10.712  -12.611 2.437   1.00 44.97  ? 80  THR A CG2 1 
ATOM   617  N N   . GLY A 1 81  ? 9.222   -9.895  -1.203  1.00 35.33  ? 81  GLY A N   1 
ATOM   618  C CA  . GLY A 1 81  ? 9.211   -9.561  -2.615  1.00 25.39  ? 81  GLY A CA  1 
ATOM   619  C C   . GLY A 1 81  ? 8.762   -8.169  -2.972  1.00 19.03  ? 81  GLY A C   1 
ATOM   620  O O   . GLY A 1 81  ? 8.892   -7.201  -2.217  1.00 29.98  ? 81  GLY A O   1 
ATOM   621  N N   . GLY A 1 82  ? 8.186   -7.997  -4.164  1.00 19.86  ? 82  GLY A N   1 
ATOM   622  C CA  . GLY A 1 82  ? 7.730   -6.676  -4.565  1.00 21.68  ? 82  GLY A CA  1 
ATOM   623  C C   . GLY A 1 82  ? 8.701   -6.086  -5.585  1.00 25.73  ? 82  GLY A C   1 
ATOM   624  O O   . GLY A 1 82  ? 9.851   -6.514  -5.654  1.00 24.87  ? 82  GLY A O   1 
ATOM   625  N N   . GLU A 1 83  ? 8.247   -5.130  -6.367  1.00 22.88  ? 83  GLU A N   1 
ATOM   626  C CA  . GLU A 1 83  ? 9.095   -4.532  -7.407  1.00 29.06  ? 83  GLU A CA  1 
ATOM   627  C C   . GLU A 1 83  ? 8.526   -3.175  -7.775  1.00 29.44  ? 83  GLU A C   1 
ATOM   628  O O   . GLU A 1 83  ? 7.319   -3.050  -8.029  1.00 25.29  ? 83  GLU A O   1 
ATOM   629  C CB  . GLU A 1 83  ? 9.174   -5.446  -8.628  1.00 24.51  ? 83  GLU A CB  1 
ATOM   630  C CG  . GLU A 1 83  ? 9.902   -4.865  -9.819  1.00 34.00  ? 83  GLU A CG  1 
ATOM   631  C CD  . GLU A 1 83  ? 9.993   -5.709  -11.070 1.00 33.22  ? 83  GLU A CD  1 
ATOM   632  O OE1 . GLU A 1 83  ? 9.685   -6.923  -11.047 1.00 25.41  ? 83  GLU A OE1 1 
ATOM   633  O OE2 . GLU A 1 83  ? 10.388  -5.155  -12.134 1.00 27.62  ? 83  GLU A OE2 1 
ATOM   634  N N   . SER A 1 84  ? 9.341   -2.122  -7.802  1.00 17.46  ? 84  SER A N   1 
ATOM   635  C CA  . SER A 1 84  ? 8.782   -0.867  -8.315  1.00 18.24  ? 84  SER A CA  1 
ATOM   636  C C   . SER A 1 84  ? 8.736   -0.826  -9.835  1.00 18.25  ? 84  SER A C   1 
ATOM   637  O O   . SER A 1 84  ? 9.400   -1.589  -10.535 1.00 23.97  ? 84  SER A O   1 
ATOM   638  C CB  . SER A 1 84  ? 9.570   0.337   -7.775  1.00 32.38  ? 84  SER A CB  1 
ATOM   639  O OG  . SER A 1 84  ? 10.664  0.676   -8.610  1.00 33.33  ? 84  SER A OG  1 
ATOM   640  N N   . ILE A 1 85  ? 7.953   0.088   -10.413 1.00 19.04  ? 85  ILE A N   1 
ATOM   641  C CA  . ILE A 1 85  ? 7.957   0.225   -11.868 1.00 22.92  ? 85  ILE A CA  1 
ATOM   642  C C   . ILE A 1 85  ? 9.351   0.703   -12.327 1.00 23.98  ? 85  ILE A C   1 
ATOM   643  O O   . ILE A 1 85  ? 9.682   0.502   -13.496 1.00 26.95  ? 85  ILE A O   1 
ATOM   644  C CB  . ILE A 1 85  ? 6.904   1.197   -12.415 1.00 20.37  ? 85  ILE A CB  1 
ATOM   645  C CG1 . ILE A 1 85  ? 7.195   2.669   -12.087 1.00 22.63  ? 85  ILE A CG1 1 
ATOM   646  C CG2 . ILE A 1 85  ? 5.484   0.829   -11.976 1.00 22.49  ? 85  ILE A CG2 1 
ATOM   647  C CD1 . ILE A 1 85  ? 6.303   3.651   -12.814 1.00 26.69  ? 85  ILE A CD1 1 
ATOM   648  N N   . TYR A 1 86  ? 10.123  1.309   -11.431 1.00 22.88  ? 86  TYR A N   1 
ATOM   649  C CA  . TYR A 1 86  ? 11.448  1.835   -11.764 1.00 30.44  ? 86  TYR A CA  1 
ATOM   650  C C   . TYR A 1 86  ? 12.475  0.717   -11.774 1.00 35.10  ? 86  TYR A C   1 
ATOM   651  O O   . TYR A 1 86  ? 13.553  0.865   -12.350 1.00 42.84  ? 86  TYR A O   1 
ATOM   652  C CB  . TYR A 1 86  ? 11.890  2.962   -10.821 1.00 23.52  ? 86  TYR A CB  1 
ATOM   653  C CG  . TYR A 1 86  ? 10.838  4.051   -10.721 1.00 23.34  ? 86  TYR A CG  1 
ATOM   654  C CD1 . TYR A 1 86  ? 10.409  4.714   -11.861 1.00 16.59  ? 86  TYR A CD1 1 
ATOM   655  C CD2 . TYR A 1 86  ? 10.278  4.394   -9.493  1.00 21.98  ? 86  TYR A CD2 1 
ATOM   656  C CE1 . TYR A 1 86  ? 9.447   5.705   -11.783 1.00 27.91  ? 86  TYR A CE1 1 
ATOM   657  C CE2 . TYR A 1 86  ? 9.316   5.385   -9.406  1.00 18.56  ? 86  TYR A CE2 1 
ATOM   658  C CZ  . TYR A 1 86  ? 8.911   6.028   -10.550 1.00 27.48  ? 86  TYR A CZ  1 
ATOM   659  O OH  . TYR A 1 86  ? 7.955   7.015   -10.484 1.00 24.56  ? 86  TYR A OH  1 
ATOM   660  N N   . GLY A 1 87  ? 12.185  -0.441  -11.177 1.00 30.06  ? 87  GLY A N   1 
ATOM   661  C CA  . GLY A 1 87  ? 13.153  -1.511  -11.331 1.00 33.36  ? 87  GLY A CA  1 
ATOM   662  C C   . GLY A 1 87  ? 13.782  -2.023  -10.054 1.00 49.38  ? 87  GLY A C   1 
ATOM   663  O O   . GLY A 1 87  ? 14.977  -2.327  -10.084 1.00 60.87  ? 87  GLY A O   1 
ATOM   664  N N   . GLU A 1 88  ? 12.985  -2.120  -9.012  1.00 61.49  ? 88  GLU A N   1 
ATOM   665  C CA  . GLU A 1 88  ? 13.118  -2.880  -7.793  1.00 67.90  ? 88  GLU A CA  1 
ATOM   666  C C   . GLU A 1 88  ? 13.266  -2.022  -6.532  1.00 65.23  ? 88  GLU A C   1 
ATOM   667  O O   . GLU A 1 88  ? 12.509  -2.310  -5.595  1.00 59.18  ? 88  GLU A O   1 
ATOM   668  C CB  . GLU A 1 88  ? 14.297  -3.864  -7.850  1.00 73.40  ? 88  GLU A CB  1 
ATOM   669  C CG  . GLU A 1 88  ? 14.866  -4.200  -6.481  1.00 79.43  ? 88  GLU A CG  1 
ATOM   670  C CD  . GLU A 1 88  ? 15.394  -5.620  -6.397  1.00 86.49  ? 88  GLU A CD  1 
ATOM   671  O OE1 . GLU A 1 88  ? 16.370  -5.929  -7.114  1.00 96.07  ? 88  GLU A OE1 1 
ATOM   672  O OE2 . GLU A 1 88  ? 14.826  -6.407  -5.607  1.00 88.63  ? 88  GLU A OE2 1 
ATOM   673  N N   . LYS A 1 89  ? 14.186  -1.064  -6.538  1.00 49.71  ? 89  LYS A N   1 
ATOM   674  C CA  . LYS A 1 89  ? 14.450  -0.170  -5.416  1.00 32.45  ? 89  LYS A CA  1 
ATOM   675  C C   . LYS A 1 89  ? 14.580  1.273   -5.874  1.00 37.86  ? 89  LYS A C   1 
ATOM   676  O O   . LYS A 1 89  ? 15.128  1.529   -6.945  1.00 58.55  ? 89  LYS A O   1 
ATOM   677  C CB  . LYS A 1 89  ? 15.727  -0.575  -4.679  1.00 39.01  ? 89  LYS A CB  1 
ATOM   678  C CG  . LYS A 1 89  ? 15.436  -1.417  -3.443  1.00 61.94  ? 89  LYS A CG  1 
ATOM   679  C CD  . LYS A 1 89  ? 16.483  -2.507  -3.259  1.00 76.78  ? 89  LYS A CD  1 
ATOM   680  C CE  . LYS A 1 89  ? 17.388  -2.222  -2.070  1.00 85.17  ? 89  LYS A CE  1 
ATOM   681  N NZ  . LYS A 1 89  ? 18.528  -3.176  -1.978  1.00 90.39  ? 89  LYS A NZ  1 
ATOM   682  N N   . PHE A 1 90  ? 14.080  2.213   -5.080  1.00 31.16  ? 90  PHE A N   1 
ATOM   683  C CA  . PHE A 1 90  ? 14.274  3.630   -5.404  1.00 29.47  ? 90  PHE A CA  1 
ATOM   684  C C   . PHE A 1 90  ? 14.361  4.400   -4.089  1.00 33.21  ? 90  PHE A C   1 
ATOM   685  O O   . PHE A 1 90  ? 13.825  3.984   -3.059  1.00 30.36  ? 90  PHE A O   1 
ATOM   686  C CB  . PHE A 1 90  ? 13.230  4.200   -6.336  1.00 28.59  ? 90  PHE A CB  1 
ATOM   687  C CG  . PHE A 1 90  ? 11.796  4.355   -5.894  1.00 28.72  ? 90  PHE A CG  1 
ATOM   688  C CD1 . PHE A 1 90  ? 10.940  3.262   -5.896  1.00 28.13  ? 90  PHE A CD1 1 
ATOM   689  C CD2 . PHE A 1 90  ? 11.316  5.591   -5.498  1.00 26.96  ? 90  PHE A CD2 1 
ATOM   690  C CE1 . PHE A 1 90  ? 9.621   3.415   -5.502  1.00 24.63  ? 90  PHE A CE1 1 
ATOM   691  C CE2 . PHE A 1 90  ? 10.002  5.748   -5.099  1.00 29.52  ? 90  PHE A CE2 1 
ATOM   692  C CZ  . PHE A 1 90  ? 9.155   4.652   -5.106  1.00 22.31  ? 90  PHE A CZ  1 
ATOM   693  N N   . PRO A 1 91  ? 15.109  5.493   -4.143  1.00 30.23  ? 91  PRO A N   1 
ATOM   694  C CA  . PRO A 1 91  ? 15.418  6.248   -2.926  1.00 24.03  ? 91  PRO A CA  1 
ATOM   695  C C   . PRO A 1 91  ? 14.180  6.878   -2.291  1.00 22.63  ? 91  PRO A C   1 
ATOM   696  O O   . PRO A 1 91  ? 13.144  7.010   -2.941  1.00 27.02  ? 91  PRO A O   1 
ATOM   697  C CB  . PRO A 1 91  ? 16.371  7.346   -3.424  1.00 27.75  ? 91  PRO A CB  1 
ATOM   698  C CG  . PRO A 1 91  ? 16.914  6.800   -4.708  1.00 31.17  ? 91  PRO A CG  1 
ATOM   699  C CD  . PRO A 1 91  ? 15.751  6.074   -5.340  1.00 35.32  ? 91  PRO A CD  1 
ATOM   700  N N   . ASP A 1 92  ? 14.325  7.260   -1.030  1.00 27.73  ? 92  ASP A N   1 
ATOM   701  C CA  . ASP A 1 92  ? 13.333  8.057   -0.323  1.00 29.88  ? 92  ASP A CA  1 
ATOM   702  C C   . ASP A 1 92  ? 13.285  9.446   -0.961  1.00 33.20  ? 92  ASP A C   1 
ATOM   703  O O   . ASP A 1 92  ? 14.301  10.143  -0.903  1.00 34.57  ? 92  ASP A O   1 
ATOM   704  C CB  . ASP A 1 92  ? 13.649  8.160   1.174   1.00 27.02  ? 92  ASP A CB  1 
ATOM   705  C CG  . ASP A 1 92  ? 13.678  6.782   1.816   1.00 28.93  ? 92  ASP A CG  1 
ATOM   706  O OD1 . ASP A 1 92  ? 12.768  5.965   1.544   1.00 31.56  ? 92  ASP A OD1 1 
ATOM   707  O OD2 . ASP A 1 92  ? 14.620  6.492   2.573   1.00 33.97  ? 92  ASP A OD2 1 
ATOM   708  N N   . GLU A 1 93  ? 12.152  9.788   -1.538  1.00 29.76  ? 93  GLU A N   1 
ATOM   709  C CA  . GLU A 1 93  ? 11.896  11.054  -2.219  1.00 33.57  ? 93  GLU A CA  1 
ATOM   710  C C   . GLU A 1 93  ? 12.026  12.240  -1.271  1.00 34.53  ? 93  GLU A C   1 
ATOM   711  O O   . GLU A 1 93  ? 12.768  13.198  -1.482  1.00 32.80  ? 93  GLU A O   1 
ATOM   712  C CB  . GLU A 1 93  ? 10.504  11.046  -2.860  1.00 28.47  ? 93  GLU A CB  1 
ATOM   713  C CG  . GLU A 1 93  ? 10.271  12.068  -3.941  1.00 27.57  ? 93  GLU A CG  1 
ATOM   714  C CD  . GLU A 1 93  ? 9.058   11.830  -4.804  1.00 31.75  ? 93  GLU A CD  1 
ATOM   715  O OE1 . GLU A 1 93  ? 8.282   10.875  -4.580  1.00 29.78  ? 93  GLU A OE1 1 
ATOM   716  O OE2 . GLU A 1 93  ? 8.848   12.623  -5.750  1.00 28.27  ? 93  GLU A OE2 1 
ATOM   717  N N   . ASN A 1 94  ? 11.277  12.180  -0.184  1.00 28.29  ? 94  ASN A N   1 
ATOM   718  C CA  . ASN A 1 94  ? 11.331  13.181  0.868   1.00 25.02  ? 94  ASN A CA  1 
ATOM   719  C C   . ASN A 1 94  ? 10.412  12.712  2.005   1.00 35.52  ? 94  ASN A C   1 
ATOM   720  O O   . ASN A 1 94  ? 9.597   11.812  1.791   1.00 29.20  ? 94  ASN A O   1 
ATOM   721  C CB  . ASN A 1 94  ? 10.917  14.547  0.363   1.00 21.43  ? 94  ASN A CB  1 
ATOM   722  C CG  . ASN A 1 94  ? 9.433   14.717  0.115   1.00 32.54  ? 94  ASN A CG  1 
ATOM   723  O OD1 . ASN A 1 94  ? 8.588   14.563  0.998   1.00 34.40  ? 94  ASN A OD1 1 
ATOM   724  N ND2 . ASN A 1 94  ? 9.084   15.070  -1.121  1.00 24.96  ? 94  ASN A ND2 1 
ATOM   725  N N   . PHE A 1 95  ? 10.558  13.349  3.152   1.00 31.47  ? 95  PHE A N   1 
ATOM   726  C CA  . PHE A 1 95  ? 9.812   13.024  4.354   1.00 29.57  ? 95  PHE A CA  1 
ATOM   727  C C   . PHE A 1 95  ? 8.929   14.187  4.789   1.00 30.82  ? 95  PHE A C   1 
ATOM   728  O O   . PHE A 1 95  ? 8.732   14.460  5.977   1.00 38.09  ? 95  PHE A O   1 
ATOM   729  C CB  . PHE A 1 95  ? 10.813  12.612  5.433   1.00 26.95  ? 95  PHE A CB  1 
ATOM   730  C CG  . PHE A 1 95  ? 11.544  11.306  5.167   1.00 29.58  ? 95  PHE A CG  1 
ATOM   731  C CD1 . PHE A 1 95  ? 10.865  10.101  5.047   1.00 29.42  ? 95  PHE A CD1 1 
ATOM   732  C CD2 . PHE A 1 95  ? 12.927  11.281  5.034   1.00 24.62  ? 95  PHE A CD2 1 
ATOM   733  C CE1 . PHE A 1 95  ? 11.529  8.915   4.797   1.00 31.56  ? 95  PHE A CE1 1 
ATOM   734  C CE2 . PHE A 1 95  ? 13.600  10.099  4.780   1.00 28.11  ? 95  PHE A CE2 1 
ATOM   735  C CZ  . PHE A 1 95  ? 12.912  8.903   4.655   1.00 32.95  ? 95  PHE A CZ  1 
ATOM   736  N N   . LYS A 1 96  ? 8.365   14.911  3.836   1.00 26.88  ? 96  LYS A N   1 
ATOM   737  C CA  . LYS A 1 96  ? 7.536   16.082  4.096   1.00 27.66  ? 96  LYS A CA  1 
ATOM   738  C C   . LYS A 1 96  ? 6.217   15.766  4.781   1.00 40.13  ? 96  LYS A C   1 
ATOM   739  O O   . LYS A 1 96  ? 5.733   16.383  5.735   1.00 30.55  ? 96  LYS A O   1 
ATOM   740  C CB  . LYS A 1 96  ? 7.285   16.746  2.740   1.00 33.69  ? 96  LYS A CB  1 
ATOM   741  C CG  . LYS A 1 96  ? 6.634   18.114  2.847   1.00 62.03  ? 96  LYS A CG  1 
ATOM   742  C CD  . LYS A 1 96  ? 5.143   17.977  2.582   1.00 76.47  ? 96  LYS A CD  1 
ATOM   743  C CE  . LYS A 1 96  ? 4.337   19.106  3.200   1.00 79.50  ? 96  LYS A CE  1 
ATOM   744  N NZ  . LYS A 1 96  ? 2.970   19.171  2.613   1.00 74.66  ? 96  LYS A NZ  1 
ATOM   745  N N   . GLU A 1 97  ? 5.506   14.736  4.315   1.00 36.41  ? 97  GLU A N   1 
ATOM   746  C CA  . GLU A 1 97  ? 4.257   14.404  5.005   1.00 26.58  ? 97  GLU A CA  1 
ATOM   747  C C   . GLU A 1 97  ? 4.492   13.487  6.190   1.00 29.85  ? 97  GLU A C   1 
ATOM   748  O O   . GLU A 1 97  ? 5.402   12.654  6.182   1.00 27.54  ? 97  GLU A O   1 
ATOM   749  C CB  . GLU A 1 97  ? 3.332   13.778  3.969   1.00 23.25  ? 97  GLU A CB  1 
ATOM   750  C CG  . GLU A 1 97  ? 2.972   14.805  2.897   1.00 31.66  ? 97  GLU A CG  1 
ATOM   751  C CD  . GLU A 1 97  ? 1.826   15.675  3.391   1.00 39.88  ? 97  GLU A CD  1 
ATOM   752  O OE1 . GLU A 1 97  ? 1.313   15.374  4.492   1.00 46.27  ? 97  GLU A OE1 1 
ATOM   753  O OE2 . GLU A 1 97  ? 1.462   16.627  2.670   1.00 49.93  ? 97  GLU A OE2 1 
ATOM   754  N N   . LYS A 1 98  ? 3.674   13.631  7.230   1.00 30.08  ? 98  LYS A N   1 
ATOM   755  C CA  . LYS A 1 98  ? 3.818   12.857  8.458   1.00 32.58  ? 98  LYS A CA  1 
ATOM   756  C C   . LYS A 1 98  ? 2.730   11.806  8.679   1.00 28.32  ? 98  LYS A C   1 
ATOM   757  O O   . LYS A 1 98  ? 1.654   11.854  8.075   1.00 30.36  ? 98  LYS A O   1 
ATOM   758  C CB  . LYS A 1 98  ? 3.837   13.845  9.636   1.00 29.72  ? 98  LYS A CB  1 
ATOM   759  C CG  . LYS A 1 98  ? 4.768   15.031  9.377   1.00 29.63  ? 98  LYS A CG  1 
ATOM   760  C CD  . LYS A 1 98  ? 6.207   14.543  9.392   1.00 37.18  ? 98  LYS A CD  1 
ATOM   761  C CE  . LYS A 1 98  ? 7.188   15.643  9.009   1.00 47.40  ? 98  LYS A CE  1 
ATOM   762  N NZ  . LYS A 1 98  ? 8.575   15.087  8.925   1.00 57.36  ? 98  LYS A NZ  1 
ATOM   763  N N   . HIS A 1 99  ? 3.023   10.859  9.564   1.00 28.69  ? 99  HIS A N   1 
ATOM   764  C CA  . HIS A 1 99  ? 2.085   9.811   9.962   1.00 29.28  ? 99  HIS A CA  1 
ATOM   765  C C   . HIS A 1 99  ? 1.178   10.335  11.078  1.00 23.42  ? 99  HIS A C   1 
ATOM   766  O O   . HIS A 1 99  ? 1.462   10.142  12.258  1.00 26.52  ? 99  HIS A O   1 
ATOM   767  C CB  . HIS A 1 99  ? 2.820   8.573   10.440  1.00 22.85  ? 99  HIS A CB  1 
ATOM   768  C CG  . HIS A 1 99  ? 3.662   7.883   9.424   1.00 25.34  ? 99  HIS A CG  1 
ATOM   769  N ND1 . HIS A 1 99  ? 4.948   8.295   9.140   1.00 27.04  ? 99  HIS A ND1 1 
ATOM   770  C CD2 . HIS A 1 99  ? 3.438   6.813   8.630   1.00 29.34  ? 99  HIS A CD2 1 
ATOM   771  C CE1 . HIS A 1 99  ? 5.476   7.511   8.213   1.00 24.84  ? 99  HIS A CE1 1 
ATOM   772  N NE2 . HIS A 1 99  ? 4.575   6.598   7.884   1.00 23.80  ? 99  HIS A NE2 1 
ATOM   773  N N   . THR A 1 100 ? 0.111   11.021  10.692  1.00 24.01  ? 100 THR A N   1 
ATOM   774  C CA  . THR A 1 100 ? -0.657  11.777  11.671  1.00 30.05  ? 100 THR A CA  1 
ATOM   775  C C   . THR A 1 100 ? -1.920  11.107  12.192  1.00 26.13  ? 100 THR A C   1 
ATOM   776  O O   . THR A 1 100 ? -2.567  11.698  13.062  1.00 31.65  ? 100 THR A O   1 
ATOM   777  C CB  . THR A 1 100 ? -1.130  13.107  11.035  1.00 27.19  ? 100 THR A CB  1 
ATOM   778  O OG1 . THR A 1 100 ? -1.885  12.760  9.867   1.00 30.51  ? 100 THR A OG1 1 
ATOM   779  C CG2 . THR A 1 100 ? 0.047   13.960  10.602  1.00 27.63  ? 100 THR A CG2 1 
ATOM   780  N N   . GLY A 1 101 ? -2.303  9.950   11.674  1.00 28.56  ? 101 GLY A N   1 
ATOM   781  C CA  . GLY A 1 101 ? -3.555  9.323   12.068  1.00 28.80  ? 101 GLY A CA  1 
ATOM   782  C C   . GLY A 1 101 ? -3.988  8.179   11.190  1.00 29.48  ? 101 GLY A C   1 
ATOM   783  O O   . GLY A 1 101 ? -3.317  7.781   10.230  1.00 29.12  ? 101 GLY A O   1 
ATOM   784  N N   . PRO A 1 102 ? -5.139  7.569   11.480  1.00 31.51  ? 102 PRO A N   1 
ATOM   785  C CA  . PRO A 1 102 ? -5.609  6.460   10.643  1.00 27.94  ? 102 PRO A CA  1 
ATOM   786  C C   . PRO A 1 102 ? -5.766  6.914   9.196   1.00 20.06  ? 102 PRO A C   1 
ATOM   787  O O   . PRO A 1 102 ? -6.063  8.081   8.940   1.00 33.36  ? 102 PRO A O   1 
ATOM   788  C CB  . PRO A 1 102 ? -6.987  6.097   11.217  1.00 30.37  ? 102 PRO A CB  1 
ATOM   789  C CG  . PRO A 1 102 ? -6.975  6.659   12.600  1.00 32.05  ? 102 PRO A CG  1 
ATOM   790  C CD  . PRO A 1 102 ? -6.064  7.861   12.582  1.00 26.48  ? 102 PRO A CD  1 
ATOM   791  N N   . GLY A 1 103 ? -5.565  5.999   8.258   1.00 23.51  ? 103 GLY A N   1 
ATOM   792  C CA  . GLY A 1 103 ? -5.808  6.294   6.863   1.00 25.61  ? 103 GLY A CA  1 
ATOM   793  C C   . GLY A 1 103 ? -4.589  6.799   6.108   1.00 26.26  ? 103 GLY A C   1 
ATOM   794  O O   . GLY A 1 103 ? -4.672  6.889   4.874   1.00 27.19  ? 103 GLY A O   1 
ATOM   795  N N   . VAL A 1 104 ? -3.522  7.117   6.830   1.00 24.82  ? 104 VAL A N   1 
ATOM   796  C CA  . VAL A 1 104 ? -2.269  7.536   6.200   1.00 24.56  ? 104 VAL A CA  1 
ATOM   797  C C   . VAL A 1 104 ? -1.715  6.386   5.361   1.00 23.63  ? 104 VAL A C   1 
ATOM   798  O O   . VAL A 1 104 ? -1.623  5.273   5.879   1.00 23.69  ? 104 VAL A O   1 
ATOM   799  C CB  . VAL A 1 104 ? -1.232  7.985   7.246   1.00 27.03  ? 104 VAL A CB  1 
ATOM   800  C CG1 . VAL A 1 104 ? 0.188   7.823   6.713   1.00 28.39  ? 104 VAL A CG1 1 
ATOM   801  C CG2 . VAL A 1 104 ? -1.487  9.427   7.670   1.00 20.92  ? 104 VAL A CG2 1 
ATOM   802  N N   . LEU A 1 105 ? -1.375  6.641   4.105   1.00 21.67  ? 105 LEU A N   1 
ATOM   803  C CA  . LEU A 1 105 ? -0.775  5.713   3.150   1.00 20.67  ? 105 LEU A CA  1 
ATOM   804  C C   . LEU A 1 105 ? 0.721   5.989   2.997   1.00 28.00  ? 105 LEU A C   1 
ATOM   805  O O   . LEU A 1 105 ? 1.128   7.114   2.671   1.00 23.13  ? 105 LEU A O   1 
ATOM   806  C CB  . LEU A 1 105 ? -1.524  5.817   1.823   1.00 16.90  ? 105 LEU A CB  1 
ATOM   807  C CG  . LEU A 1 105 ? -0.923  5.089   0.621   1.00 22.15  ? 105 LEU A CG  1 
ATOM   808  C CD1 . LEU A 1 105 ? -0.785  3.589   0.846   1.00 19.85  ? 105 LEU A CD1 1 
ATOM   809  C CD2 . LEU A 1 105 ? -1.772  5.382   -0.604  1.00 24.70  ? 105 LEU A CD2 1 
ATOM   810  N N   . SER A 1 106 ? 1.543   4.974   3.243   1.00 23.59  ? 106 SER A N   1 
ATOM   811  C CA  . SER A 1 106 ? 2.997   5.116   3.356   1.00 23.39  ? 106 SER A CA  1 
ATOM   812  C C   . SER A 1 106 ? 3.759   3.918   2.819   1.00 26.49  ? 106 SER A C   1 
ATOM   813  O O   . SER A 1 106 ? 3.286   2.785   2.716   1.00 20.74  ? 106 SER A O   1 
ATOM   814  C CB  . SER A 1 106 ? 3.323   5.364   4.831   1.00 19.78  ? 106 SER A CB  1 
ATOM   815  O OG  . SER A 1 106 ? 4.687   5.581   5.108   1.00 26.81  ? 106 SER A OG  1 
ATOM   816  N N   . MET A 1 107 ? 5.023   4.152   2.433   1.00 23.08  ? 107 MET A N   1 
ATOM   817  C CA  . MET A 1 107 ? 5.821   3.070   1.876   1.00 20.23  ? 107 MET A CA  1 
ATOM   818  C C   . MET A 1 107 ? 6.509   2.241   2.954   1.00 21.59  ? 107 MET A C   1 
ATOM   819  O O   . MET A 1 107 ? 7.140   2.758   3.886   1.00 27.64  ? 107 MET A O   1 
ATOM   820  C CB  . MET A 1 107 ? 6.907   3.624   0.934   1.00 27.44  ? 107 MET A CB  1 
ATOM   821  C CG  . MET A 1 107 ? 6.411   4.300   -0.331  1.00 18.09  ? 107 MET A CG  1 
ATOM   822  S SD  . MET A 1 107 ? 5.586   3.157   -1.446  1.00 23.23  ? 107 MET A SD  1 
ATOM   823  C CE  . MET A 1 107 ? 6.940   2.062   -1.888  1.00 25.93  ? 107 MET A CE  1 
ATOM   824  N N   . ALA A 1 108 ? 6.410   0.924   2.820   1.00 21.04  ? 108 ALA A N   1 
ATOM   825  C CA  . ALA A 1 108 ? 7.185   -0.019  3.613   1.00 26.65  ? 108 ALA A CA  1 
ATOM   826  C C   . ALA A 1 108 ? 8.608   -0.091  3.056   1.00 33.98  ? 108 ALA A C   1 
ATOM   827  O O   . ALA A 1 108 ? 8.804   0.207   1.867   1.00 27.10  ? 108 ALA A O   1 
ATOM   828  C CB  . ALA A 1 108 ? 6.526   -1.391  3.603   1.00 29.85  ? 108 ALA A CB  1 
ATOM   829  N N   . ASN A 1 109 ? 9.598   -0.467  3.858   1.00 25.37  ? 109 ASN A N   1 
ATOM   830  C CA  . ASN A 1 109 ? 10.950  -0.602  3.311   1.00 30.32  ? 109 ASN A CA  1 
ATOM   831  C C   . ASN A 1 109 ? 11.811  -1.486  4.216   1.00 33.82  ? 109 ASN A C   1 
ATOM   832  O O   . ASN A 1 109 ? 11.367  -1.878  5.294   1.00 30.68  ? 109 ASN A O   1 
ATOM   833  C CB  . ASN A 1 109 ? 11.633  0.749   3.098   1.00 26.05  ? 109 ASN A CB  1 
ATOM   834  C CG  . ASN A 1 109 ? 11.746  1.659   4.292   1.00 26.07  ? 109 ASN A CG  1 
ATOM   835  O OD1 . ASN A 1 109 ? 11.275  2.809   4.293   1.00 31.81  ? 109 ASN A OD1 1 
ATOM   836  N ND2 . ASN A 1 109 ? 12.380  1.212   5.368   1.00 25.24  ? 109 ASN A ND2 1 
ATOM   837  N N   . ALA A 1 110 ? 13.026  -1.735  3.748   1.00 29.06  ? 110 ALA A N   1 
ATOM   838  C CA  . ALA A 1 110 ? 14.044  -2.469  4.484   1.00 32.06  ? 110 ALA A CA  1 
ATOM   839  C C   . ALA A 1 110 ? 15.243  -1.576  4.812   1.00 38.44  ? 110 ALA A C   1 
ATOM   840  O O   . ALA A 1 110 ? 16.391  -1.999  4.721   1.00 41.39  ? 110 ALA A O   1 
ATOM   841  C CB  . ALA A 1 110 ? 14.530  -3.676  3.699   1.00 37.32  ? 110 ALA A CB  1 
ATOM   842  N N   . GLY A 1 111 ? 14.955  -0.339  5.194   1.00 35.48  ? 111 GLY A N   1 
ATOM   843  C CA  . GLY A 1 111 ? 15.991  0.622   5.532   1.00 30.93  ? 111 GLY A CA  1 
ATOM   844  C C   . GLY A 1 111 ? 16.033  1.704   4.464   1.00 29.20  ? 111 GLY A C   1 
ATOM   845  O O   . GLY A 1 111 ? 15.290  1.671   3.488   1.00 23.47  ? 111 GLY A O   1 
ATOM   846  N N   . PRO A 1 112 ? 16.928  2.657   4.680   1.00 32.74  ? 112 PRO A N   1 
ATOM   847  C CA  . PRO A 1 112 ? 17.002  3.833   3.812   1.00 35.98  ? 112 PRO A CA  1 
ATOM   848  C C   . PRO A 1 112 ? 17.097  3.460   2.333   1.00 31.68  ? 112 PRO A C   1 
ATOM   849  O O   . PRO A 1 112 ? 17.829  2.558   1.927   1.00 32.27  ? 112 PRO A O   1 
ATOM   850  C CB  . PRO A 1 112 ? 18.280  4.540   4.288   1.00 38.45  ? 112 PRO A CB  1 
ATOM   851  C CG  . PRO A 1 112 ? 18.411  4.120   5.717   1.00 36.71  ? 112 PRO A CG  1 
ATOM   852  C CD  . PRO A 1 112 ? 17.943  2.685   5.752   1.00 35.45  ? 112 PRO A CD  1 
ATOM   853  N N   . ASN A 1 113 ? 16.300  4.185   1.552   1.00 30.07  ? 113 ASN A N   1 
ATOM   854  C CA  . ASN A 1 113 ? 16.322  4.079   0.100   1.00 36.58  ? 113 ASN A CA  1 
ATOM   855  C C   . ASN A 1 113 ? 16.062  2.654   -0.360  1.00 37.00  ? 113 ASN A C   1 
ATOM   856  O O   . ASN A 1 113 ? 16.786  2.144   -1.223  1.00 29.45  ? 113 ASN A O   1 
ATOM   857  C CB  . ASN A 1 113 ? 17.674  4.604   -0.427  1.00 28.18  ? 113 ASN A CB  1 
ATOM   858  C CG  . ASN A 1 113 ? 17.929  6.041   -0.015  1.00 29.15  ? 113 ASN A CG  1 
ATOM   859  O OD1 . ASN A 1 113 ? 17.088  6.932   -0.153  1.00 28.73  ? 113 ASN A OD1 1 
ATOM   860  N ND2 . ASN A 1 113 ? 19.118  6.313   0.519   1.00 33.73  ? 113 ASN A ND2 1 
ATOM   861  N N   . THR A 1 114 ? 15.027  2.006   0.188   1.00 27.78  ? 114 THR A N   1 
ATOM   862  C CA  . THR A 1 114 ? 14.738  0.634   -0.245  1.00 26.12  ? 114 THR A CA  1 
ATOM   863  C C   . THR A 1 114 ? 13.298  0.513   -0.735  1.00 23.63  ? 114 THR A C   1 
ATOM   864  O O   . THR A 1 114 ? 12.717  -0.570  -0.722  1.00 28.62  ? 114 THR A O   1 
ATOM   865  C CB  . THR A 1 114 ? 15.031  -0.419  0.842   1.00 33.24  ? 114 THR A CB  1 
ATOM   866  O OG1 . THR A 1 114 ? 14.513  -0.068  2.130   1.00 26.29  ? 114 THR A OG1 1 
ATOM   867  C CG2 . THR A 1 114 ? 16.544  -0.555  1.070   1.00 29.38  ? 114 THR A CG2 1 
ATOM   868  N N   . ASN A 1 115 ? 12.685  1.585   -1.210  1.00 24.58  ? 115 ASN A N   1 
ATOM   869  C CA  . ASN A 1 115 ? 11.300  1.517   -1.673  1.00 29.15  ? 115 ASN A CA  1 
ATOM   870  C C   . ASN A 1 115 ? 11.072  0.586   -2.845  1.00 34.33  ? 115 ASN A C   1 
ATOM   871  O O   . ASN A 1 115 ? 11.832  0.617   -3.818  1.00 29.36  ? 115 ASN A O   1 
ATOM   872  C CB  . ASN A 1 115 ? 10.844  2.921   -2.091  1.00 25.43  ? 115 ASN A CB  1 
ATOM   873  C CG  . ASN A 1 115 ? 10.956  3.879   -0.926  1.00 34.92  ? 115 ASN A CG  1 
ATOM   874  O OD1 . ASN A 1 115 ? 10.148  3.765   -0.003  1.00 26.02  ? 115 ASN A OD1 1 
ATOM   875  N ND2 . ASN A 1 115 ? 11.931  4.781   -0.969  1.00 21.53  ? 115 ASN A ND2 1 
ATOM   876  N N   . GLY A 1 116 ? 10.026  -0.241  -2.810  1.00 29.58  ? 116 GLY A N   1 
ATOM   877  C CA  . GLY A 1 116 ? 9.706   -1.109  -3.945  1.00 22.25  ? 116 GLY A CA  1 
ATOM   878  C C   . GLY A 1 116 ? 8.253   -0.947  -4.358  1.00 24.91  ? 116 GLY A C   1 
ATOM   879  O O   . GLY A 1 116 ? 7.873   0.087   -4.907  1.00 21.03  ? 116 GLY A O   1 
ATOM   880  N N   . SER A 1 117 ? 7.457   -1.978  -4.070  1.00 23.60  ? 117 SER A N   1 
ATOM   881  C CA  . SER A 1 117 ? 6.016   -1.909  -4.237  1.00 22.31  ? 117 SER A CA  1 
ATOM   882  C C   . SER A 1 117 ? 5.260   -2.104  -2.915  1.00 25.94  ? 117 SER A C   1 
ATOM   883  O O   . SER A 1 117 ? 4.048   -1.844  -2.916  1.00 20.12  ? 117 SER A O   1 
ATOM   884  C CB  . SER A 1 117 ? 5.511   -2.962  -5.233  1.00 16.17  ? 117 SER A CB  1 
ATOM   885  O OG  . SER A 1 117 ? 5.908   -4.257  -4.802  1.00 20.21  ? 117 SER A OG  1 
ATOM   886  N N   . GLN A 1 118 ? 5.903   -2.534  -1.837  1.00 23.38  ? 118 GLN A N   1 
ATOM   887  C CA  . GLN A 1 118 ? 5.166   -2.738  -0.574  1.00 25.18  ? 118 GLN A CA  1 
ATOM   888  C C   . GLN A 1 118 ? 4.833   -1.433  0.130   1.00 26.56  ? 118 GLN A C   1 
ATOM   889  O O   . GLN A 1 118 ? 5.630   -0.493  0.209   1.00 24.80  ? 118 GLN A O   1 
ATOM   890  C CB  . GLN A 1 118 ? 5.953   -3.629  0.373   1.00 19.67  ? 118 GLN A CB  1 
ATOM   891  C CG  . GLN A 1 118 ? 6.029   -5.074  -0.099  1.00 24.10  ? 118 GLN A CG  1 
ATOM   892  C CD  . GLN A 1 118 ? 6.738   -5.953  0.917   1.00 27.69  ? 118 GLN A CD  1 
ATOM   893  O OE1 . GLN A 1 118 ? 6.351   -6.016  2.088   1.00 28.50  ? 118 GLN A OE1 1 
ATOM   894  N NE2 . GLN A 1 118 ? 7.783   -6.638  0.463   1.00 35.33  ? 118 GLN A NE2 1 
ATOM   895  N N   . PHE A 1 119 ? 3.620   -1.341  0.655   1.00 19.21  ? 119 PHE A N   1 
ATOM   896  C CA  . PHE A 1 119 ? 3.060   -0.146  1.256   1.00 19.36  ? 119 PHE A CA  1 
ATOM   897  C C   . PHE A 1 119 ? 2.260   -0.559  2.509   1.00 22.44  ? 119 PHE A C   1 
ATOM   898  O O   . PHE A 1 119 ? 1.976   -1.759  2.625   1.00 18.90  ? 119 PHE A O   1 
ATOM   899  C CB  . PHE A 1 119 ? 2.125   0.600   0.280   1.00 18.53  ? 119 PHE A CB  1 
ATOM   900  C CG  . PHE A 1 119 ? 0.955   -0.309  -0.118  1.00 22.20  ? 119 PHE A CG  1 
ATOM   901  C CD1 . PHE A 1 119 ? 1.134   -1.263  -1.103  1.00 22.73  ? 119 PHE A CD1 1 
ATOM   902  C CD2 . PHE A 1 119 ? -0.296  -0.191  0.495   1.00 20.05  ? 119 PHE A CD2 1 
ATOM   903  C CE1 . PHE A 1 119 ? 0.122   -2.127  -1.492  1.00 22.94  ? 119 PHE A CE1 1 
ATOM   904  C CE2 . PHE A 1 119 ? -1.299  -1.076  0.145   1.00 20.56  ? 119 PHE A CE2 1 
ATOM   905  C CZ  . PHE A 1 119 ? -1.092  -2.037  -0.834  1.00 22.56  ? 119 PHE A CZ  1 
ATOM   906  N N   . PHE A 1 120 ? 1.882   0.410   3.314   1.00 22.69  ? 120 PHE A N   1 
ATOM   907  C CA  . PHE A 1 120 ? 0.968   0.195   4.446   1.00 22.74  ? 120 PHE A CA  1 
ATOM   908  C C   . PHE A 1 120 ? -0.037  1.339   4.597   1.00 28.87  ? 120 PHE A C   1 
ATOM   909  O O   . PHE A 1 120 ? 0.188   2.495   4.209   1.00 24.20  ? 120 PHE A O   1 
ATOM   910  C CB  . PHE A 1 120 ? 1.752   -0.056  5.729   1.00 21.36  ? 120 PHE A CB  1 
ATOM   911  C CG  . PHE A 1 120 ? 2.715   1.005   6.229   1.00 25.42  ? 120 PHE A CG  1 
ATOM   912  C CD1 . PHE A 1 120 ? 3.975   1.166   5.658   1.00 25.16  ? 120 PHE A CD1 1 
ATOM   913  C CD2 . PHE A 1 120 ? 2.362   1.839   7.279   1.00 23.73  ? 120 PHE A CD2 1 
ATOM   914  C CE1 . PHE A 1 120 ? 4.836   2.134   6.145   1.00 19.91  ? 120 PHE A CE1 1 
ATOM   915  C CE2 . PHE A 1 120 ? 3.210   2.816   7.775   1.00 25.62  ? 120 PHE A CE2 1 
ATOM   916  C CZ  . PHE A 1 120 ? 4.467   2.961   7.189   1.00 22.89  ? 120 PHE A CZ  1 
ATOM   917  N N   . LEU A 1 121 ? -1.193  0.983   5.163   1.00 26.51  ? 121 LEU A N   1 
ATOM   918  C CA  . LEU A 1 121 ? -2.294  1.878   5.516   1.00 21.88  ? 121 LEU A CA  1 
ATOM   919  C C   . LEU A 1 121 ? -2.385  1.879   7.046   1.00 18.36  ? 121 LEU A C   1 
ATOM   920  O O   . LEU A 1 121 ? -2.582  0.803   7.626   1.00 24.66  ? 121 LEU A O   1 
ATOM   921  C CB  . LEU A 1 121 ? -3.601  1.453   4.843   1.00 20.50  ? 121 LEU A CB  1 
ATOM   922  C CG  . LEU A 1 121 ? -3.719  1.705   3.331   1.00 18.89  ? 121 LEU A CG  1 
ATOM   923  C CD1 . LEU A 1 121 ? -4.814  0.870   2.700   1.00 20.20  ? 121 LEU A CD1 1 
ATOM   924  C CD2 . LEU A 1 121 ? -3.968  3.170   3.014   1.00 22.25  ? 121 LEU A CD2 1 
ATOM   925  N N   . CYS A 1 122 ? -2.195  3.012   7.695   1.00 18.25  ? 122 CYS A N   1 
ATOM   926  C CA  . CYS A 1 122 ? -2.156  3.093   9.148   1.00 18.25  ? 122 CYS A CA  1 
ATOM   927  C C   . CYS A 1 122 ? -3.580  3.016   9.710   1.00 24.70  ? 122 CYS A C   1 
ATOM   928  O O   . CYS A 1 122 ? -4.488  3.530   9.054   1.00 19.80  ? 122 CYS A O   1 
ATOM   929  C CB  . CYS A 1 122 ? -1.503  4.386   9.619   1.00 22.70  ? 122 CYS A CB  1 
ATOM   930  S SG  . CYS A 1 122 ? 0.206   4.571   9.023   1.00 27.10  ? 122 CYS A SG  1 
ATOM   931  N N   . THR A 1 123 ? -3.748  2.407   10.881  1.00 23.33  ? 123 THR A N   1 
ATOM   932  C CA  . THR A 1 123 ? -5.075  2.420   11.513  1.00 35.87  ? 123 THR A CA  1 
ATOM   933  C C   . THR A 1 123 ? -5.039  3.308   12.758  1.00 36.31  ? 123 THR A C   1 
ATOM   934  O O   . THR A 1 123 ? -6.059  3.577   13.397  1.00 33.42  ? 123 THR A O   1 
ATOM   935  C CB  . THR A 1 123 ? -5.603  1.011   11.849  1.00 20.92  ? 123 THR A CB  1 
ATOM   936  O OG1 . THR A 1 123 ? -4.756  0.352   12.805  1.00 23.83  ? 123 THR A OG1 1 
ATOM   937  C CG2 . THR A 1 123 ? -5.619  0.123   10.603  1.00 25.78  ? 123 THR A CG2 1 
ATOM   938  N N   . VAL A 1 124 ? -3.848  3.783   13.105  1.00 26.44  ? 124 VAL A N   1 
ATOM   939  C CA  . VAL A 1 124 ? -3.597  4.695   14.203  1.00 27.60  ? 124 VAL A CA  1 
ATOM   940  C C   . VAL A 1 124 ? -2.547  5.730   13.788  1.00 33.01  ? 124 VAL A C   1 
ATOM   941  O O   . VAL A 1 124 ? -1.950  5.612   12.716  1.00 25.53  ? 124 VAL A O   1 
ATOM   942  C CB  . VAL A 1 124 ? -3.091  3.990   15.480  1.00 26.09  ? 124 VAL A CB  1 
ATOM   943  C CG1 . VAL A 1 124 ? -4.154  3.048   16.039  1.00 28.37  ? 124 VAL A CG1 1 
ATOM   944  C CG2 . VAL A 1 124 ? -1.791  3.233   15.223  1.00 23.72  ? 124 VAL A CG2 1 
ATOM   945  N N   . LYS A 1 125 ? -2.316  6.720   14.642  1.00 29.08  ? 125 LYS A N   1 
ATOM   946  C CA  . LYS A 1 125 ? -1.197  7.640   14.421  1.00 32.18  ? 125 LYS A CA  1 
ATOM   947  C C   . LYS A 1 125 ? 0.113   6.926   14.724  1.00 31.46  ? 125 LYS A C   1 
ATOM   948  O O   . LYS A 1 125 ? 0.259   6.245   15.744  1.00 30.32  ? 125 LYS A O   1 
ATOM   949  C CB  . LYS A 1 125 ? -1.361  8.890   15.273  1.00 29.43  ? 125 LYS A CB  1 
ATOM   950  C CG  . LYS A 1 125 ? -0.130  9.781   15.281  1.00 33.47  ? 125 LYS A CG  1 
ATOM   951  C CD  . LYS A 1 125 ? -0.305  10.920  16.270  1.00 41.68  ? 125 LYS A CD  1 
ATOM   952  C CE  . LYS A 1 125 ? 1.019   11.628  16.531  1.00 53.53  ? 125 LYS A CE  1 
ATOM   953  N NZ  . LYS A 1 125 ? 0.932   13.094  16.275  1.00 73.45  ? 125 LYS A NZ  1 
ATOM   954  N N   . THR A 1 126 ? 1.097   7.023   13.836  1.00 24.96  ? 126 THR A N   1 
ATOM   955  C CA  . THR A 1 126 ? 2.319   6.226   14.022  1.00 27.98  ? 126 THR A CA  1 
ATOM   956  C C   . THR A 1 126 ? 3.536   7.142   13.887  1.00 34.99  ? 126 THR A C   1 
ATOM   957  O O   . THR A 1 126 ? 4.388   6.993   13.008  1.00 29.66  ? 126 THR A O   1 
ATOM   958  C CB  . THR A 1 126 ? 2.403   5.055   13.030  1.00 28.02  ? 126 THR A CB  1 
ATOM   959  O OG1 . THR A 1 126 ? 2.537   5.555   11.685  1.00 26.78  ? 126 THR A OG1 1 
ATOM   960  C CG2 . THR A 1 126 ? 1.136   4.208   13.002  1.00 22.95  ? 126 THR A CG2 1 
ATOM   961  N N   . GLU A 1 127 ? 3.594   8.136   14.773  1.00 29.19  ? 127 GLU A N   1 
ATOM   962  C CA  . GLU A 1 127 ? 4.568   9.210   14.644  1.00 27.61  ? 127 GLU A CA  1 
ATOM   963  C C   . GLU A 1 127 ? 5.982   8.673   14.760  1.00 30.28  ? 127 GLU A C   1 
ATOM   964  O O   . GLU A 1 127 ? 6.926   9.309   14.281  1.00 38.99  ? 127 GLU A O   1 
ATOM   965  C CB  . GLU A 1 127 ? 4.336   10.287  15.700  1.00 30.30  ? 127 GLU A CB  1 
ATOM   966  C CG  . GLU A 1 127 ? 4.732   9.807   17.087  1.00 55.87  ? 127 GLU A CG  1 
ATOM   967  C CD  . GLU A 1 127 ? 3.614   9.150   17.872  1.00 65.76  ? 127 GLU A CD  1 
ATOM   968  O OE1 . GLU A 1 127 ? 2.691   8.551   17.275  1.00 57.66  ? 127 GLU A OE1 1 
ATOM   969  O OE2 . GLU A 1 127 ? 3.656   9.233   19.124  1.00 80.00  ? 127 GLU A OE2 1 
ATOM   970  N N   . TRP A 1 128 ? 6.158   7.505   15.379  1.00 24.01  ? 128 TRP A N   1 
ATOM   971  C CA  . TRP A 1 128 ? 7.525   6.989   15.438  1.00 25.93  ? 128 TRP A CA  1 
ATOM   972  C C   . TRP A 1 128 ? 8.082   6.596   14.073  1.00 32.63  ? 128 TRP A C   1 
ATOM   973  O O   . TRP A 1 128 ? 9.266   6.249   13.989  1.00 31.09  ? 128 TRP A O   1 
ATOM   974  C CB  . TRP A 1 128 ? 7.627   5.781   16.356  1.00 26.02  ? 128 TRP A CB  1 
ATOM   975  C CG  . TRP A 1 128 ? 6.804   4.596   15.971  1.00 31.41  ? 128 TRP A CG  1 
ATOM   976  C CD1 . TRP A 1 128 ? 7.175   3.511   15.236  1.00 28.24  ? 128 TRP A CD1 1 
ATOM   977  C CD2 . TRP A 1 128 ? 5.427   4.389   16.331  1.00 32.74  ? 128 TRP A CD2 1 
ATOM   978  N NE1 . TRP A 1 128 ? 6.116   2.638   15.109  1.00 27.88  ? 128 TRP A NE1 1 
ATOM   979  C CE2 . TRP A 1 128 ? 5.035   3.156   15.773  1.00 33.26  ? 128 TRP A CE2 1 
ATOM   980  C CE3 . TRP A 1 128 ? 4.507   5.142   17.072  1.00 30.13  ? 128 TRP A CE3 1 
ATOM   981  C CZ2 . TRP A 1 128 ? 3.743   2.648   15.934  1.00 27.57  ? 128 TRP A CZ2 1 
ATOM   982  C CZ3 . TRP A 1 128 ? 3.228   4.633   17.229  1.00 27.65  ? 128 TRP A CZ3 1 
ATOM   983  C CH2 . TRP A 1 128 ? 2.867   3.405   16.662  1.00 27.71  ? 128 TRP A CH2 1 
ATOM   984  N N   . LEU A 1 129 ? 7.291   6.624   13.004  1.00 29.64  ? 129 LEU A N   1 
ATOM   985  C CA  . LEU A 1 129 ? 7.820   6.284   11.693  1.00 24.42  ? 129 LEU A CA  1 
ATOM   986  C C   . LEU A 1 129 ? 8.140   7.527   10.867  1.00 20.21  ? 129 LEU A C   1 
ATOM   987  O O   . LEU A 1 129 ? 8.621   7.369   9.739   1.00 26.24  ? 129 LEU A O   1 
ATOM   988  C CB  . LEU A 1 129 ? 6.841   5.420   10.889  1.00 22.22  ? 129 LEU A CB  1 
ATOM   989  C CG  . LEU A 1 129 ? 6.409   4.111   11.561  1.00 28.04  ? 129 LEU A CG  1 
ATOM   990  C CD1 . LEU A 1 129 ? 5.264   3.475   10.788  1.00 21.00  ? 129 LEU A CD1 1 
ATOM   991  C CD2 . LEU A 1 129 ? 7.604   3.170   11.699  1.00 21.16  ? 129 LEU A CD2 1 
ATOM   992  N N   . ASP A 1 130 ? 7.854   8.704   11.398  1.00 21.76  ? 130 ASP A N   1 
ATOM   993  C CA  . ASP A 1 130 ? 8.171   9.932   10.662  1.00 28.33  ? 130 ASP A CA  1 
ATOM   994  C C   . ASP A 1 130 ? 9.677   10.018  10.374  1.00 25.22  ? 130 ASP A C   1 
ATOM   995  O O   . ASP A 1 130 ? 10.505  9.669   11.220  1.00 30.94  ? 130 ASP A O   1 
ATOM   996  C CB  . ASP A 1 130 ? 7.687   11.163  11.422  1.00 29.31  ? 130 ASP A CB  1 
ATOM   997  C CG  . ASP A 1 130 ? 6.195   11.321  11.571  1.00 32.28  ? 130 ASP A CG  1 
ATOM   998  O OD1 . ASP A 1 130 ? 5.393   10.660  10.878  1.00 32.88  ? 130 ASP A OD1 1 
ATOM   999  O OD2 . ASP A 1 130 ? 5.759   12.136  12.416  1.00 31.77  ? 130 ASP A OD2 1 
ATOM   1000 N N   . GLY A 1 131 ? 10.066  10.463  9.183   1.00 32.12  ? 131 GLY A N   1 
ATOM   1001 C CA  . GLY A 1 131 ? 11.454  10.529  8.757   1.00 24.50  ? 131 GLY A CA  1 
ATOM   1002 C C   . GLY A 1 131 ? 12.056  9.195   8.395   1.00 24.49  ? 131 GLY A C   1 
ATOM   1003 O O   . GLY A 1 131 ? 13.234  9.138   8.025   1.00 32.57  ? 131 GLY A O   1 
ATOM   1004 N N   . LYS A 1 132 ? 11.315  8.089   8.481   1.00 23.87  ? 132 LYS A N   1 
ATOM   1005 C CA  . LYS A 1 132 ? 11.827  6.763   8.151   1.00 24.09  ? 132 LYS A CA  1 
ATOM   1006 C C   . LYS A 1 132 ? 11.031  6.112   7.025   1.00 25.70  ? 132 LYS A C   1 
ATOM   1007 O O   . LYS A 1 132 ? 11.563  5.299   6.273   1.00 26.54  ? 132 LYS A O   1 
ATOM   1008 C CB  . LYS A 1 132 ? 11.819  5.831   9.371   1.00 31.57  ? 132 LYS A CB  1 
ATOM   1009 C CG  . LYS A 1 132 ? 12.607  6.330   10.568  1.00 36.89  ? 132 LYS A CG  1 
ATOM   1010 C CD  . LYS A 1 132 ? 12.244  5.612   11.856  1.00 54.78  ? 132 LYS A CD  1 
ATOM   1011 C CE  . LYS A 1 132 ? 12.573  4.125   11.790  1.00 72.02  ? 132 LYS A CE  1 
ATOM   1012 N NZ  . LYS A 1 132 ? 12.029  3.342   12.932  1.00 90.80  ? 132 LYS A NZ  1 
ATOM   1013 N N   . HIS A 1 133 ? 9.759   6.435   6.875   1.00 28.29  ? 133 HIS A N   1 
ATOM   1014 C CA  . HIS A 1 133 ? 8.895   5.897   5.836   1.00 20.20  ? 133 HIS A CA  1 
ATOM   1015 C C   . HIS A 1 133 ? 8.289   7.063   5.072   1.00 25.74  ? 133 HIS A C   1 
ATOM   1016 O O   . HIS A 1 133 ? 7.831   8.025   5.704   1.00 27.31  ? 133 HIS A O   1 
ATOM   1017 C CB  . HIS A 1 133 ? 7.801   5.006   6.460   1.00 21.67  ? 133 HIS A CB  1 
ATOM   1018 C CG  . HIS A 1 133 ? 8.395   3.733   6.991   1.00 19.33  ? 133 HIS A CG  1 
ATOM   1019 N ND1 . HIS A 1 133 ? 8.568   2.601   6.226   1.00 20.96  ? 133 HIS A ND1 1 
ATOM   1020 C CD2 . HIS A 1 133 ? 8.892   3.436   8.214   1.00 16.63  ? 133 HIS A CD2 1 
ATOM   1021 C CE1 . HIS A 1 133 ? 9.133   1.660   6.962   1.00 19.71  ? 133 HIS A CE1 1 
ATOM   1022 N NE2 . HIS A 1 133 ? 9.340   2.139   8.177   1.00 20.47  ? 133 HIS A NE2 1 
ATOM   1023 N N   . VAL A 1 134 ? 8.289   6.993   3.743   1.00 25.57  ? 134 VAL A N   1 
ATOM   1024 C CA  . VAL A 1 134 ? 7.739   8.052   2.908   1.00 22.71  ? 134 VAL A CA  1 
ATOM   1025 C C   . VAL A 1 134 ? 6.212   7.979   2.801   1.00 19.95  ? 134 VAL A C   1 
ATOM   1026 O O   . VAL A 1 134 ? 5.658   7.058   2.188   1.00 26.56  ? 134 VAL A O   1 
ATOM   1027 C CB  . VAL A 1 134 ? 8.361   7.993   1.492   1.00 23.03  ? 134 VAL A CB  1 
ATOM   1028 C CG1 . VAL A 1 134 ? 7.587   8.895   0.555   1.00 17.70  ? 134 VAL A CG1 1 
ATOM   1029 C CG2 . VAL A 1 134 ? 9.843   8.365   1.515   1.00 21.10  ? 134 VAL A CG2 1 
ATOM   1030 N N   . VAL A 1 135 ? 5.525   8.954   3.383   1.00 26.29  ? 135 VAL A N   1 
ATOM   1031 C CA  . VAL A 1 135 ? 4.077   9.111   3.327   1.00 28.67  ? 135 VAL A CA  1 
ATOM   1032 C C   . VAL A 1 135 ? 3.673   9.723   1.991   1.00 30.20  ? 135 VAL A C   1 
ATOM   1033 O O   . VAL A 1 135 ? 4.214   10.765  1.592   1.00 31.36  ? 135 VAL A O   1 
ATOM   1034 C CB  . VAL A 1 135 ? 3.535   9.981   4.481   1.00 25.92  ? 135 VAL A CB  1 
ATOM   1035 C CG1 . VAL A 1 135 ? 2.057   10.267  4.267   1.00 21.26  ? 135 VAL A CG1 1 
ATOM   1036 C CG2 . VAL A 1 135 ? 3.762   9.300   5.820   1.00 24.02  ? 135 VAL A CG2 1 
ATOM   1037 N N   . PHE A 1 136 ? 2.743   9.091   1.270   1.00 20.26  ? 136 PHE A N   1 
ATOM   1038 C CA  . PHE A 1 136 ? 2.413   9.612   -0.055  1.00 22.13  ? 136 PHE A CA  1 
ATOM   1039 C C   . PHE A 1 136 ? 0.920   9.682   -0.302  1.00 27.74  ? 136 PHE A C   1 
ATOM   1040 O O   . PHE A 1 136 ? 0.494   9.932   -1.436  1.00 26.13  ? 136 PHE A O   1 
ATOM   1041 C CB  . PHE A 1 136 ? 3.111   8.771   -1.138  1.00 21.59  ? 136 PHE A CB  1 
ATOM   1042 C CG  . PHE A 1 136 ? 2.750   7.301   -1.188  1.00 18.33  ? 136 PHE A CG  1 
ATOM   1043 C CD1 . PHE A 1 136 ? 3.330   6.388   -0.331  1.00 18.87  ? 136 PHE A CD1 1 
ATOM   1044 C CD2 . PHE A 1 136 ? 1.818   6.855   -2.112  1.00 20.31  ? 136 PHE A CD2 1 
ATOM   1045 C CE1 . PHE A 1 136 ? 2.989   5.050   -0.378  1.00 20.65  ? 136 PHE A CE1 1 
ATOM   1046 C CE2 . PHE A 1 136 ? 1.465   5.518   -2.169  1.00 22.09  ? 136 PHE A CE2 1 
ATOM   1047 C CZ  . PHE A 1 136 ? 2.057   4.621   -1.303  1.00 18.09  ? 136 PHE A CZ  1 
ATOM   1048 N N   . GLY A 1 137 ? 0.058   9.489   0.695   1.00 22.63  ? 137 GLY A N   1 
ATOM   1049 C CA  . GLY A 1 137 ? -1.365  9.569   0.351   1.00 22.36  ? 137 GLY A CA  1 
ATOM   1050 C C   . GLY A 1 137 ? -2.230  9.359   1.600   1.00 25.88  ? 137 GLY A C   1 
ATOM   1051 O O   . GLY A 1 137 ? -1.707  9.305   2.716   1.00 23.03  ? 137 GLY A O   1 
ATOM   1052 N N   . ARG A 1 138 ? -3.534  9.249   1.400   1.00 23.22  ? 138 ARG A N   1 
ATOM   1053 C CA  . ARG A 1 138 ? -4.496  9.069   2.475   1.00 26.81  ? 138 ARG A CA  1 
ATOM   1054 C C   . ARG A 1 138 ? -5.765  8.392   1.966   1.00 30.45  ? 138 ARG A C   1 
ATOM   1055 O O   . ARG A 1 138 ? -6.159  8.563   0.810   1.00 27.46  ? 138 ARG A O   1 
ATOM   1056 C CB  . ARG A 1 138 ? -4.862  10.423  3.084   1.00 25.59  ? 138 ARG A CB  1 
ATOM   1057 C CG  . ARG A 1 138 ? -5.319  11.435  2.041   1.00 34.28  ? 138 ARG A CG  1 
ATOM   1058 C CD  . ARG A 1 138 ? -6.293  12.458  2.596   1.00 36.75  ? 138 ARG A CD  1 
ATOM   1059 N NE  . ARG A 1 138 ? -6.240  13.733  1.895   1.00 43.70  ? 138 ARG A NE  1 
ATOM   1060 C CZ  . ARG A 1 138 ? -7.175  14.669  1.857   1.00 56.53  ? 138 ARG A CZ  1 
ATOM   1061 N NH1 . ARG A 1 138 ? -8.322  14.503  2.509   1.00 84.11  ? 138 ARG A NH1 1 
ATOM   1062 N NH2 . ARG A 1 138 ? -6.988  15.794  1.170   1.00 53.98  ? 138 ARG A NH2 1 
ATOM   1063 N N   . VAL A 1 139 ? -6.404  7.637   2.854   1.00 28.33  ? 139 VAL A N   1 
ATOM   1064 C CA  . VAL A 1 139 ? -7.708  7.061   2.560   1.00 23.08  ? 139 VAL A CA  1 
ATOM   1065 C C   . VAL A 1 139 ? -8.764  8.161   2.556   1.00 21.70  ? 139 VAL A C   1 
ATOM   1066 O O   . VAL A 1 139 ? -8.753  9.050   3.404   1.00 26.94  ? 139 VAL A O   1 
ATOM   1067 C CB  . VAL A 1 139 ? -8.095  5.967   3.578   1.00 28.30  ? 139 VAL A CB  1 
ATOM   1068 C CG1 . VAL A 1 139 ? -9.533  5.511   3.368   1.00 23.35  ? 139 VAL A CG1 1 
ATOM   1069 C CG2 . VAL A 1 139 ? -7.142  4.780   3.470   1.00 22.44  ? 139 VAL A CG2 1 
ATOM   1070 N N   . VAL A 1 140 ? -9.687  8.137   1.593   1.00 21.58  ? 140 VAL A N   1 
ATOM   1071 C CA  . VAL A 1 140 ? -10.686 9.204   1.576   1.00 24.80  ? 140 VAL A CA  1 
ATOM   1072 C C   . VAL A 1 140 ? -12.093 8.615   1.548   1.00 24.07  ? 140 VAL A C   1 
ATOM   1073 O O   . VAL A 1 140 ? -13.020 9.350   1.893   1.00 30.54  ? 140 VAL A O   1 
ATOM   1074 C CB  . VAL A 1 140 ? -10.508 10.192  0.403   1.00 32.68  ? 140 VAL A CB  1 
ATOM   1075 C CG1 . VAL A 1 140 ? -9.279  11.079  0.611   1.00 27.16  ? 140 VAL A CG1 1 
ATOM   1076 C CG2 . VAL A 1 140 ? -10.431 9.452   -0.925  1.00 32.11  ? 140 VAL A CG2 1 
ATOM   1077 N N   . GLU A 1 141 ? -12.235 7.354   1.170   1.00 28.00  ? 141 GLU A N   1 
ATOM   1078 C CA  . GLU A 1 141 ? -13.458 6.590   1.370   1.00 24.89  ? 141 GLU A CA  1 
ATOM   1079 C C   . GLU A 1 141 ? -13.096 5.142   1.725   1.00 32.68  ? 141 GLU A C   1 
ATOM   1080 O O   . GLU A 1 141 ? -12.048 4.637   1.321   1.00 25.37  ? 141 GLU A O   1 
ATOM   1081 C CB  . GLU A 1 141 ? -14.397 6.531   0.181   1.00 22.77  ? 141 GLU A CB  1 
ATOM   1082 C CG  . GLU A 1 141 ? -14.600 7.816   -0.603  1.00 26.23  ? 141 GLU A CG  1 
ATOM   1083 C CD  . GLU A 1 141 ? -15.280 7.471   -1.922  1.00 34.82  ? 141 GLU A CD  1 
ATOM   1084 O OE1 . GLU A 1 141 ? -16.175 6.598   -1.870  1.00 42.30  ? 141 GLU A OE1 1 
ATOM   1085 O OE2 . GLU A 1 141 ? -14.924 8.028   -2.978  1.00 60.45  ? 141 GLU A OE2 1 
ATOM   1086 N N   . GLY A 1 142 ? -13.988 4.494   2.469   1.00 25.89  ? 142 GLY A N   1 
ATOM   1087 C CA  . GLY A 1 142 ? -13.822 3.105   2.842   1.00 18.58  ? 142 GLY A CA  1 
ATOM   1088 C C   . GLY A 1 142 ? -12.922 2.847   4.018   1.00 12.76  ? 142 GLY A C   1 
ATOM   1089 O O   . GLY A 1 142 ? -12.354 1.758   4.161   1.00 23.75  ? 142 GLY A O   1 
ATOM   1090 N N   . LEU A 1 143 ? -12.730 3.768   4.947   1.00 18.62  ? 143 LEU A N   1 
ATOM   1091 C CA  . LEU A 1 143 ? -11.939 3.457   6.129   1.00 17.39  ? 143 LEU A CA  1 
ATOM   1092 C C   . LEU A 1 143 ? -12.524 2.284   6.907   1.00 23.86  ? 143 LEU A C   1 
ATOM   1093 O O   . LEU A 1 143 ? -11.786 1.562   7.578   1.00 20.62  ? 143 LEU A O   1 
ATOM   1094 C CB  . LEU A 1 143 ? -11.853 4.695   7.021   1.00 21.40  ? 143 LEU A CB  1 
ATOM   1095 C CG  . LEU A 1 143 ? -10.827 4.591   8.156   1.00 25.39  ? 143 LEU A CG  1 
ATOM   1096 C CD1 . LEU A 1 143 ? -9.443  4.341   7.559   1.00 24.00  ? 143 LEU A CD1 1 
ATOM   1097 C CD2 . LEU A 1 143 ? -10.871 5.821   9.034   1.00 26.80  ? 143 LEU A CD2 1 
ATOM   1098 N N   . ASP A 1 144 ? -13.841 2.084   6.835   1.00 23.64  ? 144 ASP A N   1 
ATOM   1099 C CA  . ASP A 1 144 ? -14.441 0.916   7.490   1.00 27.98  ? 144 ASP A CA  1 
ATOM   1100 C C   . ASP A 1 144 ? -13.928 -0.377  6.871   1.00 27.61  ? 144 ASP A C   1 
ATOM   1101 O O   . ASP A 1 144 ? -13.767 -1.391  7.546   1.00 20.82  ? 144 ASP A O   1 
ATOM   1102 C CB  . ASP A 1 144 ? -15.970 0.975   7.418   1.00 26.92  ? 144 ASP A CB  1 
ATOM   1103 C CG  . ASP A 1 144 ? -16.519 1.185   6.023   1.00 27.78  ? 144 ASP A CG  1 
ATOM   1104 O OD1 . ASP A 1 144 ? -16.114 2.154   5.343   1.00 36.06  ? 144 ASP A OD1 1 
ATOM   1105 O OD2 . ASP A 1 144 ? -17.362 0.384   5.565   1.00 26.31  ? 144 ASP A OD2 1 
ATOM   1106 N N   . VAL A 1 145 ? -13.653 -0.363  5.560   1.00 22.08  ? 145 VAL A N   1 
ATOM   1107 C CA  . VAL A 1 145 ? -13.123 -1.565  4.910   1.00 22.62  ? 145 VAL A CA  1 
ATOM   1108 C C   . VAL A 1 145 ? -11.737 -1.865  5.474   1.00 20.97  ? 145 VAL A C   1 
ATOM   1109 O O   . VAL A 1 145 ? -11.383 -3.018  5.714   1.00 23.52  ? 145 VAL A O   1 
ATOM   1110 C CB  . VAL A 1 145 ? -13.096 -1.421  3.380   1.00 23.76  ? 145 VAL A CB  1 
ATOM   1111 C CG1 . VAL A 1 145 ? -12.740 -2.728  2.673   1.00 21.10  ? 145 VAL A CG1 1 
ATOM   1112 C CG2 . VAL A 1 145 ? -14.444 -0.922  2.852   1.00 23.60  ? 145 VAL A CG2 1 
ATOM   1113 N N   . VAL A 1 146 ? -10.949 -0.818  5.693   1.00 25.27  ? 146 VAL A N   1 
ATOM   1114 C CA  . VAL A 1 146 ? -9.657  -0.915  6.363   1.00 22.09  ? 146 VAL A CA  1 
ATOM   1115 C C   . VAL A 1 146 ? -9.827  -1.562  7.737   1.00 28.00  ? 146 VAL A C   1 
ATOM   1116 O O   . VAL A 1 146 ? -9.073  -2.467  8.122   1.00 19.66  ? 146 VAL A O   1 
ATOM   1117 C CB  . VAL A 1 146 ? -9.003  0.475   6.480   1.00 22.45  ? 146 VAL A CB  1 
ATOM   1118 C CG1 . VAL A 1 146 ? -7.676  0.430   7.221   1.00 23.87  ? 146 VAL A CG1 1 
ATOM   1119 C CG2 . VAL A 1 146 ? -8.791  1.079   5.091   1.00 27.80  ? 146 VAL A CG2 1 
ATOM   1120 N N   . LYS A 1 147 ? -10.822 -1.138  8.525   1.00 25.22  ? 147 LYS A N   1 
ATOM   1121 C CA  . LYS A 1 147 ? -10.973 -1.706  9.868   1.00 25.52  ? 147 LYS A CA  1 
ATOM   1122 C C   . LYS A 1 147 ? -11.343 -3.183  9.783   1.00 15.86  ? 147 LYS A C   1 
ATOM   1123 O O   . LYS A 1 147 ? -10.903 -3.973  10.611  1.00 21.64  ? 147 LYS A O   1 
ATOM   1124 C CB  . LYS A 1 147 ? -12.019 -0.961  10.698  1.00 22.41  ? 147 LYS A CB  1 
ATOM   1125 C CG  . LYS A 1 147 ? -11.736 0.527   10.888  1.00 19.41  ? 147 LYS A CG  1 
ATOM   1126 C CD  . LYS A 1 147 ? -10.501 0.707   11.750  1.00 22.22  ? 147 LYS A CD  1 
ATOM   1127 C CE  . LYS A 1 147 ? -10.606 -0.025  13.078  1.00 24.23  ? 147 LYS A CE  1 
ATOM   1128 N NZ  . LYS A 1 147 ? -9.579  0.471   14.049  1.00 24.78  ? 147 LYS A NZ  1 
ATOM   1129 N N   . ALA A 1 148 ? -12.132 -3.529  8.769   1.00 18.52  ? 148 ALA A N   1 
ATOM   1130 C CA  . ALA A 1 148 ? -12.503 -4.911  8.551   1.00 19.21  ? 148 ALA A CA  1 
ATOM   1131 C C   . ALA A 1 148 ? -11.258 -5.756  8.309   1.00 30.41  ? 148 ALA A C   1 
ATOM   1132 O O   . ALA A 1 148 ? -11.151 -6.892  8.770   1.00 22.38  ? 148 ALA A O   1 
ATOM   1133 C CB  . ALA A 1 148 ? -13.477 -5.068  7.386   1.00 17.64  ? 148 ALA A CB  1 
ATOM   1134 N N   . VAL A 1 149 ? -10.278 -5.238  7.571   1.00 25.16  ? 149 VAL A N   1 
ATOM   1135 C CA  . VAL A 1 149 ? -9.098  -6.073  7.291   1.00 19.97  ? 149 VAL A CA  1 
ATOM   1136 C C   . VAL A 1 149 ? -8.300  -6.196  8.577   1.00 13.86  ? 149 VAL A C   1 
ATOM   1137 O O   . VAL A 1 149 ? -7.744  -7.240  8.916   1.00 20.29  ? 149 VAL A O   1 
ATOM   1138 C CB  . VAL A 1 149 ? -8.265  -5.473  6.141   1.00 21.27  ? 149 VAL A CB  1 
ATOM   1139 C CG1 . VAL A 1 149 ? -6.914  -6.164  5.992   1.00 19.15  ? 149 VAL A CG1 1 
ATOM   1140 C CG2 . VAL A 1 149 ? -9.063  -5.573  4.851   1.00 17.79  ? 149 VAL A CG2 1 
ATOM   1141 N N   . GLU A 1 150 ? -8.287  -5.070  9.297   1.00 20.92  ? 150 GLU A N   1 
ATOM   1142 C CA  . GLU A 1 150 ? -7.565  -5.008  10.551  1.00 20.88  ? 150 GLU A CA  1 
ATOM   1143 C C   . GLU A 1 150 ? -8.058  -6.074  11.525  1.00 22.41  ? 150 GLU A C   1 
ATOM   1144 O O   . GLU A 1 150 ? -7.276  -6.661  12.267  1.00 20.30  ? 150 GLU A O   1 
ATOM   1145 C CB  . GLU A 1 150 ? -7.697  -3.633  11.203  1.00 16.04  ? 150 GLU A CB  1 
ATOM   1146 C CG  . GLU A 1 150 ? -6.897  -3.511  12.498  1.00 17.08  ? 150 GLU A CG  1 
ATOM   1147 C CD  . GLU A 1 150 ? -7.099  -2.165  13.161  1.00 20.00  ? 150 GLU A CD  1 
ATOM   1148 O OE1 . GLU A 1 150 ? -7.868  -1.346  12.604  1.00 27.12  ? 150 GLU A OE1 1 
ATOM   1149 O OE2 . GLU A 1 150 ? -6.491  -1.922  14.226  1.00 31.47  ? 150 GLU A OE2 1 
ATOM   1150 N N   . SER A 1 151 ? -9.361  -6.340  11.528  1.00 21.37  ? 151 SER A N   1 
ATOM   1151 C CA  . SER A 1 151 ? -9.867  -7.317  12.503  1.00 18.56  ? 151 SER A CA  1 
ATOM   1152 C C   . SER A 1 151 ? -9.409  -8.729  12.221  1.00 19.99  ? 151 SER A C   1 
ATOM   1153 O O   . SER A 1 151 ? -9.515  -9.654  13.041  1.00 23.20  ? 151 SER A O   1 
ATOM   1154 C CB  . SER A 1 151 ? -11.399 -7.201  12.491  1.00 21.13  ? 151 SER A CB  1 
ATOM   1155 O OG  . SER A 1 151 ? -11.900 -7.843  11.335  1.00 21.88  ? 151 SER A OG  1 
ATOM   1156 N N   . ASN A 1 152 ? -8.841  -8.960  11.042  1.00 22.73  ? 152 ASN A N   1 
ATOM   1157 C CA  . ASN A 1 152 ? -8.232  -10.214 10.659  1.00 16.44  ? 152 ASN A CA  1 
ATOM   1158 C C   . ASN A 1 152 ? -6.720  -10.293 10.865  1.00 18.40  ? 152 ASN A C   1 
ATOM   1159 O O   . ASN A 1 152 ? -6.083  -11.274 10.456  1.00 18.80  ? 152 ASN A O   1 
ATOM   1160 C CB  . ASN A 1 152 ? -8.531  -10.470 9.172   1.00 22.07  ? 152 ASN A CB  1 
ATOM   1161 C CG  . ASN A 1 152 ? -9.996  -10.835 9.003   1.00 28.20  ? 152 ASN A CG  1 
ATOM   1162 O OD1 . ASN A 1 152 ? -10.348 -11.996 9.213   1.00 25.81  ? 152 ASN A OD1 1 
ATOM   1163 N ND2 . ASN A 1 152 ? -10.785 -9.835  8.646   1.00 19.61  ? 152 ASN A ND2 1 
ATOM   1164 N N   . GLY A 1 153 ? -6.132  -9.296  11.514  1.00 22.68  ? 153 GLY A N   1 
ATOM   1165 C CA  . GLY A 1 153 ? -4.706  -9.316  11.799  1.00 18.64  ? 153 GLY A CA  1 
ATOM   1166 C C   . GLY A 1 153 ? -4.372  -9.979  13.115  1.00 25.97  ? 153 GLY A C   1 
ATOM   1167 O O   . GLY A 1 153 ? -5.282  -10.305 13.882  1.00 23.68  ? 153 GLY A O   1 
ATOM   1168 N N   . SER A 1 154 ? -3.094  -10.187 13.402  1.00 20.75  ? 154 SER A N   1 
ATOM   1169 C CA  . SER A 1 154 ? -2.652  -10.771 14.671  1.00 20.63  ? 154 SER A CA  1 
ATOM   1170 C C   . SER A 1 154 ? -1.446  -9.982  15.177  1.00 28.91  ? 154 SER A C   1 
ATOM   1171 O O   . SER A 1 154 ? -0.814  -9.300  14.368  1.00 24.56  ? 154 SER A O   1 
ATOM   1172 C CB  . SER A 1 154 ? -2.318  -12.249 14.536  1.00 17.38  ? 154 SER A CB  1 
ATOM   1173 O OG  . SER A 1 154 ? -1.169  -12.525 13.734  1.00 23.11  ? 154 SER A OG  1 
ATOM   1174 N N   . GLN A 1 155 ? -1.145  -10.074 16.462  1.00 25.57  ? 155 GLN A N   1 
ATOM   1175 C CA  . GLN A 1 155 ? -0.014  -9.331  17.031  1.00 27.81  ? 155 GLN A CA  1 
ATOM   1176 C C   . GLN A 1 155 ? 1.253   -9.754  16.277  1.00 30.14  ? 155 GLN A C   1 
ATOM   1177 O O   . GLN A 1 155 ? 2.152   -8.953  16.014  1.00 26.10  ? 155 GLN A O   1 
ATOM   1178 C CB  . GLN A 1 155 ? 0.092   -9.550  18.533  1.00 25.48  ? 155 GLN A CB  1 
ATOM   1179 C CG  . GLN A 1 155 ? -0.907  -8.800  19.411  1.00 20.05  ? 155 GLN A CG  1 
ATOM   1180 C CD  . GLN A 1 155 ? -0.870  -9.223  20.871  1.00 19.07  ? 155 GLN A CD  1 
ATOM   1181 O OE1 . GLN A 1 155 ? -1.485  -8.602  21.747  1.00 29.17  ? 155 GLN A OE1 1 
ATOM   1182 N NE2 . GLN A 1 155 ? -0.144  -10.294 21.171  1.00 17.67  ? 155 GLN A NE2 1 
ATOM   1183 N N   . SER A 1 156 ? 1.257   -11.035 15.933  1.00 21.69  ? 156 SER A N   1 
ATOM   1184 C CA  . SER A 1 156 ? 2.306   -11.699 15.186  1.00 26.09  ? 156 SER A CA  1 
ATOM   1185 C C   . SER A 1 156 ? 2.432   -11.161 13.763  1.00 26.12  ? 156 SER A C   1 
ATOM   1186 O O   . SER A 1 156 ? 3.479   -11.378 13.145  1.00 28.96  ? 156 SER A O   1 
ATOM   1187 C CB  . SER A 1 156 ? 2.063   -13.215 15.141  1.00 15.83  ? 156 SER A CB  1 
ATOM   1188 O OG  . SER A 1 156 ? 1.242   -13.595 14.045  1.00 22.22  ? 156 SER A OG  1 
ATOM   1189 N N   . GLY A 1 157 ? 1.417   -10.502 13.226  1.00 25.36  ? 157 GLY A N   1 
ATOM   1190 C CA  . GLY A 1 157 ? 1.379   -10.016 11.864  1.00 22.13  ? 157 GLY A CA  1 
ATOM   1191 C C   . GLY A 1 157 ? 0.689   -10.911 10.866  1.00 19.22  ? 157 GLY A C   1 
ATOM   1192 O O   . GLY A 1 157 ? 0.270   -10.483 9.776   1.00 25.74  ? 157 GLY A O   1 
ATOM   1193 N N   . LYS A 1 158 ? 0.553   -12.204 11.164  1.00 20.26  ? 158 LYS A N   1 
ATOM   1194 C CA  . LYS A 1 158 ? -0.067  -13.120 10.217  1.00 26.45  ? 158 LYS A CA  1 
ATOM   1195 C C   . LYS A 1 158 ? -1.587  -12.949 10.176  1.00 27.06  ? 158 LYS A C   1 
ATOM   1196 O O   . LYS A 1 158 ? -2.213  -12.908 11.238  1.00 24.95  ? 158 LYS A O   1 
ATOM   1197 C CB  . LYS A 1 158 ? 0.304   -14.564 10.587  1.00 34.17  ? 158 LYS A CB  1 
ATOM   1198 C CG  . LYS A 1 158 ? -0.354  -15.602 9.685   1.00 50.02  ? 158 LYS A CG  1 
ATOM   1199 C CD  . LYS A 1 158 ? 0.147   -17.013 9.957   1.00 61.54  ? 158 LYS A CD  1 
ATOM   1200 C CE  . LYS A 1 158 ? -0.664  -18.069 9.217   1.00 61.79  ? 158 LYS A CE  1 
ATOM   1201 N NZ  . LYS A 1 158 ? 0.028   -18.560 7.993   1.00 69.33  ? 158 LYS A NZ  1 
ATOM   1202 N N   . PRO A 1 159 ? -2.193  -12.842 8.998   1.00 27.68  ? 159 PRO A N   1 
ATOM   1203 C CA  . PRO A 1 159 ? -3.656  -12.758 8.887   1.00 21.32  ? 159 PRO A CA  1 
ATOM   1204 C C   . PRO A 1 159 ? -4.359  -14.057 9.281   1.00 22.43  ? 159 PRO A C   1 
ATOM   1205 O O   . PRO A 1 159 ? -3.805  -15.152 9.206   1.00 26.35  ? 159 PRO A O   1 
ATOM   1206 C CB  . PRO A 1 159 ? -3.896  -12.494 7.400   1.00 22.44  ? 159 PRO A CB  1 
ATOM   1207 C CG  . PRO A 1 159 ? -2.572  -12.071 6.841   1.00 32.49  ? 159 PRO A CG  1 
ATOM   1208 C CD  . PRO A 1 159 ? -1.530  -12.768 7.676   1.00 30.07  ? 159 PRO A CD  1 
ATOM   1209 N N   . VAL A 1 160 ? -5.628  -13.988 9.704   1.00 24.69  ? 160 VAL A N   1 
ATOM   1210 C CA  . VAL A 1 160 ? -6.346  -15.225 10.007  1.00 22.58  ? 160 VAL A CA  1 
ATOM   1211 C C   . VAL A 1 160 ? -6.999  -15.728 8.725   1.00 21.26  ? 160 VAL A C   1 
ATOM   1212 O O   . VAL A 1 160 ? -7.345  -16.897 8.580   1.00 29.21  ? 160 VAL A O   1 
ATOM   1213 C CB  . VAL A 1 160 ? -7.428  -15.124 11.090  1.00 30.73  ? 160 VAL A CB  1 
ATOM   1214 C CG1 . VAL A 1 160 ? -6.842  -15.170 12.495  1.00 44.60  ? 160 VAL A CG1 1 
ATOM   1215 C CG2 . VAL A 1 160 ? -8.241  -13.853 10.948  1.00 22.11  ? 160 VAL A CG2 1 
ATOM   1216 N N   . LYS A 1 161 ? -7.172  -14.839 7.753   1.00 23.36  ? 161 LYS A N   1 
ATOM   1217 C CA  . LYS A 1 161 ? -7.575  -15.333 6.440   1.00 28.76  ? 161 LYS A CA  1 
ATOM   1218 C C   . LYS A 1 161 ? -7.188  -14.327 5.345   1.00 23.08  ? 161 LYS A C   1 
ATOM   1219 O O   . LYS A 1 161 ? -6.804  -13.213 5.706   1.00 20.75  ? 161 LYS A O   1 
ATOM   1220 C CB  . LYS A 1 161 ? -9.067  -15.617 6.382   1.00 40.67  ? 161 LYS A CB  1 
ATOM   1221 C CG  . LYS A 1 161 ? -9.959  -14.500 6.903   1.00 37.95  ? 161 LYS A CG  1 
ATOM   1222 C CD  . LYS A 1 161 ? -11.419 -14.863 6.625   1.00 35.88  ? 161 LYS A CD  1 
ATOM   1223 C CE  . LYS A 1 161 ? -12.158 -15.189 7.909   1.00 38.91  ? 161 LYS A CE  1 
ATOM   1224 N NZ  . LYS A 1 161 ? -13.585 -15.532 7.629   1.00 51.87  ? 161 LYS A NZ  1 
ATOM   1225 N N   . ASP A 1 162 ? -7.318  -14.771 4.106   1.00 24.15  ? 162 ASP A N   1 
ATOM   1226 C CA  . ASP A 1 162 ? -6.923  -14.022 2.918   1.00 24.39  ? 162 ASP A CA  1 
ATOM   1227 C C   . ASP A 1 162 ? -7.735  -12.752 2.712   1.00 20.37  ? 162 ASP A C   1 
ATOM   1228 O O   . ASP A 1 162 ? -8.927  -12.696 2.439   1.00 22.85  ? 162 ASP A O   1 
ATOM   1229 C CB  . ASP A 1 162 ? -7.002  -14.937 1.693   1.00 26.87  ? 162 ASP A CB  1 
ATOM   1230 C CG  . ASP A 1 162 ? -5.849  -15.926 1.642   1.00 35.38  ? 162 ASP A CG  1 
ATOM   1231 O OD1 . ASP A 1 162 ? -4.941  -15.813 2.489   1.00 37.89  ? 162 ASP A OD1 1 
ATOM   1232 O OD2 . ASP A 1 162 ? -5.818  -16.825 0.773   1.00 38.87  ? 162 ASP A OD2 1 
ATOM   1233 N N   . CYS A 1 163 ? -7.025  -11.633 2.840   1.00 18.79  ? 163 CYS A N   1 
ATOM   1234 C CA  . CYS A 1 163 ? -7.544  -10.307 2.558   1.00 17.33  ? 163 CYS A CA  1 
ATOM   1235 C C   . CYS A 1 163 ? -6.909  -9.828  1.250   1.00 28.77  ? 163 CYS A C   1 
ATOM   1236 O O   . CYS A 1 163 ? -5.734  -9.444  1.245   1.00 22.39  ? 163 CYS A O   1 
ATOM   1237 C CB  . CYS A 1 163 ? -7.270  -9.388  3.747   1.00 18.25  ? 163 CYS A CB  1 
ATOM   1238 S SG  . CYS A 1 163 ? -7.956  -9.985  5.336   1.00 26.27  ? 163 CYS A SG  1 
ATOM   1239 N N   . MET A 1 164 ? -7.675  -9.895  0.172   1.00 24.98  ? 164 MET A N   1 
ATOM   1240 C CA  . MET A 1 164 ? -7.198  -9.662  -1.180  1.00 25.70  ? 164 MET A CA  1 
ATOM   1241 C C   . MET A 1 164 ? -7.699  -8.369  -1.817  1.00 30.41  ? 164 MET A C   1 
ATOM   1242 O O   . MET A 1 164 ? -8.808  -7.904  -1.576  1.00 23.31  ? 164 MET A O   1 
ATOM   1243 C CB  . MET A 1 164 ? -7.633  -10.812 -2.095  1.00 21.87  ? 164 MET A CB  1 
ATOM   1244 C CG  . MET A 1 164 ? -7.040  -12.163 -1.729  1.00 37.97  ? 164 MET A CG  1 
ATOM   1245 S SD  . MET A 1 164 ? -6.667  -13.124 -3.210  1.00 90.76  ? 164 MET A SD  1 
ATOM   1246 C CE  . MET A 1 164 ? -7.475  -12.143 -4.480  1.00 33.33  ? 164 MET A CE  1 
ATOM   1247 N N   . ILE A 1 165 ? -6.839  -7.810  -2.669  1.00 22.36  ? 165 ILE A N   1 
ATOM   1248 C CA  . ILE A 1 165 ? -7.170  -6.738  -3.589  1.00 20.57  ? 165 ILE A CA  1 
ATOM   1249 C C   . ILE A 1 165 ? -7.685  -7.394  -4.868  1.00 25.58  ? 165 ILE A C   1 
ATOM   1250 O O   . ILE A 1 165 ? -6.957  -7.740  -5.799  1.00 26.46  ? 165 ILE A O   1 
ATOM   1251 C CB  . ILE A 1 165 ? -5.955  -5.822  -3.833  1.00 24.04  ? 165 ILE A CB  1 
ATOM   1252 C CG1 . ILE A 1 165 ? -5.467  -5.113  -2.556  1.00 26.37  ? 165 ILE A CG1 1 
ATOM   1253 C CG2 . ILE A 1 165 ? -6.206  -4.803  -4.925  1.00 22.32  ? 165 ILE A CG2 1 
ATOM   1254 C CD1 . ILE A 1 165 ? -4.146  -4.382  -2.736  1.00 21.75  ? 165 ILE A CD1 1 
ATOM   1255 N N   . ALA A 1 166 ? -9.003  -7.604  -4.883  1.00 27.80  ? 166 ALA A N   1 
ATOM   1256 C CA  . ALA A 1 166 ? -9.714  -8.312  -5.931  1.00 27.87  ? 166 ALA A CA  1 
ATOM   1257 C C   . ALA A 1 166 ? -9.749  -7.521  -7.239  1.00 18.42  ? 166 ALA A C   1 
ATOM   1258 O O   . ALA A 1 166 ? -9.754  -8.122  -8.304  1.00 24.15  ? 166 ALA A O   1 
ATOM   1259 C CB  . ALA A 1 166 ? -11.154 -8.626  -5.511  1.00 23.56  ? 166 ALA A CB  1 
ATOM   1260 N N   . ASP A 1 167 ? -9.791  -6.207  -7.104  1.00 24.08  ? 167 ASP A N   1 
ATOM   1261 C CA  . ASP A 1 167 ? -9.773  -5.288  -8.217  1.00 21.04  ? 167 ASP A CA  1 
ATOM   1262 C C   . ASP A 1 167 ? -9.117  -3.982  -7.776  1.00 25.08  ? 167 ASP A C   1 
ATOM   1263 O O   . ASP A 1 167 ? -9.151  -3.713  -6.572  1.00 23.82  ? 167 ASP A O   1 
ATOM   1264 C CB  . ASP A 1 167 ? -11.176 -5.005  -8.752  1.00 21.95  ? 167 ASP A CB  1 
ATOM   1265 C CG  . ASP A 1 167 ? -11.109 -4.638  -10.224 1.00 32.65  ? 167 ASP A CG  1 
ATOM   1266 O OD1 . ASP A 1 167 ? -10.011 -4.591  -10.824 1.00 33.15  ? 167 ASP A OD1 1 
ATOM   1267 O OD2 . ASP A 1 167 ? -12.169 -4.373  -10.816 1.00 33.02  ? 167 ASP A OD2 1 
ATOM   1268 N N   . CYS A 1 168 ? -8.556  -3.228  -8.720  1.00 23.26  ? 168 CYS A N   1 
ATOM   1269 C CA  . CYS A 1 168 ? -7.908  -1.943  -8.429  1.00 23.25  ? 168 CYS A CA  1 
ATOM   1270 C C   . CYS A 1 168 ? -7.786  -1.098  -9.698  1.00 23.99  ? 168 CYS A C   1 
ATOM   1271 O O   . CYS A 1 168 ? -7.981  -1.617  -10.803 1.00 21.58  ? 168 CYS A O   1 
ATOM   1272 C CB  . CYS A 1 168 ? -6.529  -2.127  -7.782  1.00 21.05  ? 168 CYS A CB  1 
ATOM   1273 S SG  . CYS A 1 168 ? -5.364  -3.123  -8.750  1.00 24.64  ? 168 CYS A SG  1 
ATOM   1274 N N   . GLY A 1 169 ? -7.471  0.182   -9.536  1.00 24.03  ? 169 GLY A N   1 
ATOM   1275 C CA  . GLY A 1 169 ? -7.324  1.055   -10.682 1.00 27.31  ? 169 GLY A CA  1 
ATOM   1276 C C   . GLY A 1 169 ? -7.323  2.515   -10.288 1.00 23.21  ? 169 GLY A C   1 
ATOM   1277 O O   . GLY A 1 169 ? -7.306  2.849   -9.108  1.00 24.15  ? 169 GLY A O   1 
ATOM   1278 N N   . GLN A 1 170 ? -7.342  3.377   -11.298 1.00 26.45  ? 170 GLN A N   1 
ATOM   1279 C CA  . GLN A 1 170 ? -7.386  4.825   -11.147 1.00 28.14  ? 170 GLN A CA  1 
ATOM   1280 C C   . GLN A 1 170 ? -8.777  5.367   -11.455 1.00 25.94  ? 170 GLN A C   1 
ATOM   1281 O O   . GLN A 1 170 ? -9.442  4.964   -12.411 1.00 29.12  ? 170 GLN A O   1 
ATOM   1282 C CB  . GLN A 1 170 ? -6.344  5.491   -12.052 1.00 22.79  ? 170 GLN A CB  1 
ATOM   1283 C CG  . GLN A 1 170 ? -6.288  7.006   -11.955 1.00 25.94  ? 170 GLN A CG  1 
ATOM   1284 C CD  . GLN A 1 170 ? -5.026  7.566   -12.589 1.00 30.36  ? 170 GLN A CD  1 
ATOM   1285 O OE1 . GLN A 1 170 ? -4.259  6.884   -13.271 1.00 32.83  ? 170 GLN A OE1 1 
ATOM   1286 N NE2 . GLN A 1 170 ? -4.772  8.845   -12.354 1.00 29.65  ? 170 GLN A NE2 1 
ATOM   1287 N N   . LEU A 1 171 ? -9.241  6.303   -10.631 1.00 24.22  ? 171 LEU A N   1 
ATOM   1288 C CA  . LEU A 1 171 ? -10.569 6.858   -10.858 1.00 26.05  ? 171 LEU A CA  1 
ATOM   1289 C C   . LEU A 1 171 ? -10.556 8.123   -11.698 1.00 42.76  ? 171 LEU A C   1 
ATOM   1290 O O   . LEU A 1 171 ? -9.574  8.863   -11.674 1.00 34.80  ? 171 LEU A O   1 
ATOM   1291 C CB  . LEU A 1 171 ? -11.206 7.182   -9.498  1.00 31.12  ? 171 LEU A CB  1 
ATOM   1292 C CG  . LEU A 1 171 ? -11.559 5.941   -8.672  1.00 35.24  ? 171 LEU A CG  1 
ATOM   1293 C CD1 . LEU A 1 171 ? -12.136 6.347   -7.330  1.00 33.32  ? 171 LEU A CD1 1 
ATOM   1294 C CD2 . LEU A 1 171 ? -12.522 5.080   -9.469  1.00 25.98  ? 171 LEU A CD2 1 
ATOM   1295 N N   . LYS A 1 172 ? -11.651 8.373   -12.405 1.00 64.06  ? 172 LYS A N   1 
ATOM   1296 C CA  . LYS A 1 172 ? -11.789 9.573   -13.228 1.00 84.72  ? 172 LYS A CA  1 
ATOM   1297 C C   . LYS A 1 172 ? -10.817 9.500   -14.406 1.00 111.30 ? 172 LYS A C   1 
ATOM   1298 O O   . LYS A 1 172 ? -9.841  10.280  -14.446 1.00 145.31 ? 172 LYS A O   1 
ATOM   1299 C CB  . LYS A 1 172 ? -11.564 10.845  -12.418 1.00 78.70  ? 172 LYS A CB  1 
ATOM   1300 C CG  . LYS A 1 172 ? -12.254 10.917  -11.070 1.00 78.98  ? 172 LYS A CG  1 
ATOM   1301 C CD  . LYS A 1 172 ? -11.451 11.709  -10.047 1.00 79.93  ? 172 LYS A CD  1 
ATOM   1302 C CE  . LYS A 1 172 ? -10.266 12.422  -10.696 1.00 83.88  ? 172 LYS A CE  1 
ATOM   1303 N NZ  . LYS A 1 172 ? -9.715  13.512  -9.830  1.00 76.42  ? 172 LYS A NZ  1 
HETATM 1304 N N   A GLY B 2 .   ? 9.935   -3.732  7.074   0.62 21.00  ? 201 GLY A N   1 
HETATM 1305 C CA  A GLY B 2 .   ? 9.411   -2.701  8.029   0.62 21.00  ? 201 GLY A CA  1 
HETATM 1306 C C   A GLY B 2 .   ? 8.302   -1.869  7.386   0.62 21.00  ? 201 GLY A C   1 
HETATM 1307 O O   A GLY B 2 .   ? 8.363   -1.586  6.174   0.62 21.00  ? 201 GLY A O   1 
HETATM 1308 N N   A PRO C 3 .   ? 7.285   -1.487  8.165   0.62 21.00  ? 202 PRO A N   1 
HETATM 1309 C CA  A PRO C 3 .   ? 7.179   -1.814  9.595   0.62 21.00  ? 202 PRO A CA  1 
HETATM 1310 C C   A PRO C 3 .   ? 6.504   -3.198  9.882   0.62 21.00  ? 202 PRO A C   1 
HETATM 1311 O O   A PRO C 3 .   ? 6.089   -4.043  9.034   0.62 21.00  ? 202 PRO A O   1 
HETATM 1312 C CB  A PRO C 3 .   ? 6.299   -0.676  10.118  0.62 21.00  ? 202 PRO A CB  1 
HETATM 1313 C CG  A PRO C 3 .   ? 5.346   -0.371  8.946   0.62 21.00  ? 202 PRO A CG  1 
HETATM 1314 C CD  A PRO C 3 .   ? 6.115   -0.727  7.685   0.62 21.00  ? 202 PRO A CD  1 
HETATM 1315 O OXT A PRO C 3 .   ? 6.316   -3.528  11.055  0.62 21.00  ? 202 PRO A OXT 1 
HETATM 1316 O O   B HOH D 4 .   ? 5.075   -8.519  11.306  0.38 21.00  ? 203 HOH A O   1 
HETATM 1317 O O   B HOH D 4 .   ? 7.032   -1.404  9.666   0.38 21.00  ? 204 HOH A O   1 
HETATM 1318 O O   B HOH D 4 .   ? 6.266   -0.848  7.742   0.38 21.00  ? 205 HOH A O   1 
HETATM 1319 O O   B HOH D 4 .   ? 8.371   -1.604  6.277   0.38 21.00  ? 206 HOH A O   1 
HETATM 1320 O O   . HOH D 4 .   ? 7.178   -2.718  13.900  1.00 67.72  ? 207 HOH A O   1 
HETATM 1321 O O   . HOH D 4 .   ? 8.021   -5.170  6.363   1.00 53.67  ? 208 HOH A O   1 
HETATM 1322 O O   . HOH D 4 .   ? 9.049   -4.812  4.235   1.00 56.46  ? 209 HOH A O   1 
HETATM 1323 O O   . HOH D 4 .   ? 9.787   -5.566  9.004   1.00 54.34  ? 210 HOH A O   1 
HETATM 1324 O O   . HOH D 4 .   ? 13.791  -1.479  8.351   1.00 86.79  ? 211 HOH A O   1 
HETATM 1325 O O   . HOH D 4 .   ? 9.722   -3.706  11.339  1.00 64.23  ? 212 HOH A O   1 
HETATM 1326 O O   . HOH D 4 .   ? -3.204  16.903  2.896   1.00 63.31  ? 213 HOH A O   1 
HETATM 1327 O O   . HOH D 4 .   ? -3.544  13.075  -11.645 1.00 76.47  ? 214 HOH A O   1 
HETATM 1328 O O   . HOH D 4 .   ? -9.657  -15.093 -1.015  1.00 44.13  ? 215 HOH A O   1 
HETATM 1329 O O   . HOH D 4 .   ? -10.500 -15.027 -3.623  1.00 59.00  ? 216 HOH A O   1 
HETATM 1330 O O   . HOH D 4 .   ? -13.765 10.961  -3.004  1.00 48.15  ? 217 HOH A O   1 
HETATM 1331 O O   . HOH D 4 .   ? -14.216 -3.920  -9.176  1.00 36.25  ? 218 HOH A O   1 
HETATM 1332 O O   . HOH D 4 .   ? -15.970 -2.912  -3.801  1.00 41.87  ? 219 HOH A O   1 
HETATM 1333 O O   . HOH D 4 .   ? 8.503   18.303  0.776   1.00 45.70  ? 220 HOH A O   1 
HETATM 1334 O O   . HOH D 4 .   ? -10.488 -12.921 -0.023  1.00 26.26  ? 221 HOH A O   1 
HETATM 1335 O O   . HOH D 4 .   ? -19.279 -11.320 -1.872  1.00 48.70  ? 222 HOH A O   1 
HETATM 1336 O O   . HOH D 4 .   ? -16.274 -3.955  5.241   1.00 30.06  ? 223 HOH A O   1 
HETATM 1337 O O   . HOH D 4 .   ? -16.485 -9.051  4.829   1.00 35.93  ? 224 HOH A O   1 
HETATM 1338 O O   . HOH D 4 .   ? -19.926 -4.143  0.226   1.00 57.11  ? 225 HOH A O   1 
HETATM 1339 O O   . HOH D 4 .   ? 0.397   9.383   -17.761 1.00 39.02  ? 226 HOH A O   1 
HETATM 1340 O O   . HOH D 4 .   ? -14.797 -0.225  -11.459 1.00 49.24  ? 227 HOH A O   1 
HETATM 1341 O O   . HOH D 4 .   ? -15.617 5.140   -6.286  1.00 43.58  ? 228 HOH A O   1 
HETATM 1342 O O   . HOH D 4 .   ? -15.795 2.850   -0.213  1.00 42.04  ? 229 HOH A O   1 
HETATM 1343 O O   . HOH D 4 .   ? -17.284 0.494   0.052   1.00 42.26  ? 230 HOH A O   1 
HETATM 1344 O O   . HOH D 4 .   ? -0.265  -11.459 -7.319  1.00 36.32  ? 231 HOH A O   1 
HETATM 1345 O O   . HOH D 4 .   ? 0.953   10.202  -10.883 1.00 34.76  ? 232 HOH A O   1 
HETATM 1346 O O   . HOH D 4 .   ? 7.813   18.642  -2.725  1.00 39.37  ? 233 HOH A O   1 
HETATM 1347 O O   . HOH D 4 .   ? 3.681   11.435  -10.450 1.00 45.03  ? 234 HOH A O   1 
HETATM 1348 O O   . HOH D 4 .   ? 14.893  5.295   -9.564  1.00 27.15  ? 235 HOH A O   1 
HETATM 1349 O O   . HOH D 4 .   ? 5.138   4.176   -4.401  1.00 22.16  ? 236 HOH A O   1 
HETATM 1350 O O   . HOH D 4 .   ? 10.297  7.584   -1.961  1.00 25.69  ? 237 HOH A O   1 
HETATM 1351 O O   . HOH D 4 .   ? 2.540   7.632   -13.010 1.00 34.54  ? 238 HOH A O   1 
HETATM 1352 O O   . HOH D 4 .   ? 14.146  10.933  -5.691  1.00 43.89  ? 239 HOH A O   1 
HETATM 1353 O O   . HOH D 4 .   ? -16.948 9.328   3.906   1.00 65.54  ? 240 HOH A O   1 
HETATM 1354 O O   . HOH D 4 .   ? -6.592  -0.618  -14.800 1.00 32.98  ? 241 HOH A O   1 
HETATM 1355 O O   . HOH D 4 .   ? 6.610   -7.965  5.519   1.00 40.35  ? 242 HOH A O   1 
HETATM 1356 O O   . HOH D 4 .   ? 0.631   -5.341  -15.184 1.00 29.26  ? 243 HOH A O   1 
HETATM 1357 O O   . HOH D 4 .   ? -3.522  3.776   -17.534 1.00 46.47  ? 244 HOH A O   1 
HETATM 1358 O O   . HOH D 4 .   ? 3.609   4.154   -16.219 1.00 31.06  ? 245 HOH A O   1 
HETATM 1359 O O   . HOH D 4 .   ? -0.169  6.595   -18.237 1.00 41.27  ? 246 HOH A O   1 
HETATM 1360 O O   . HOH D 4 .   ? 12.589  -2.958  0.572   1.00 52.58  ? 247 HOH A O   1 
HETATM 1361 O O   . HOH D 4 .   ? 8.872   -1.698  -15.598 1.00 35.74  ? 248 HOH A O   1 
HETATM 1362 O O   . HOH D 4 .   ? -6.575  1.605   18.018  1.00 38.90  ? 249 HOH A O   1 
HETATM 1363 O O   . HOH D 4 .   ? 10.633  -10.213 -17.558 1.00 48.93  ? 250 HOH A O   1 
HETATM 1364 O O   . HOH D 4 .   ? 14.815  -5.712  -17.648 1.00 37.71  ? 251 HOH A O   1 
HETATM 1365 O O   . HOH D 4 .   ? 1.588   6.364   20.481  1.00 51.10  ? 252 HOH A O   1 
HETATM 1366 O O   . HOH D 4 .   ? 2.587   -14.143 -4.419  1.00 55.50  ? 253 HOH A O   1 
HETATM 1367 O O   . HOH D 4 .   ? -4.370  11.913  6.969   1.00 63.20  ? 254 HOH A O   1 
HETATM 1368 O O   . HOH D 4 .   ? 1.321   -9.685  -10.020 1.00 34.88  ? 255 HOH A O   1 
HETATM 1369 O O   . HOH D 4 .   ? 2.200   -1.308  -13.889 1.00 21.39  ? 256 HOH A O   1 
HETATM 1370 O O   . HOH D 4 .   ? -20.231 -3.368  5.938   1.00 61.90  ? 257 HOH A O   1 
HETATM 1371 O O   . HOH D 4 .   ? -12.508 8.638   6.446   1.00 33.74  ? 258 HOH A O   1 
HETATM 1372 O O   . HOH D 4 .   ? -0.954  -8.800  -7.617  1.00 28.85  ? 259 HOH A O   1 
HETATM 1373 O O   . HOH D 4 .   ? -2.046  -9.412  -11.416 1.00 39.76  ? 260 HOH A O   1 
HETATM 1374 O O   . HOH D 4 .   ? -4.277  -3.971  -16.405 1.00 54.64  ? 261 HOH A O   1 
HETATM 1375 O O   . HOH D 4 .   ? 0.411   -10.830 -2.195  1.00 22.39  ? 262 HOH A O   1 
HETATM 1376 O O   . HOH D 4 .   ? 1.562   -8.552  -0.239  1.00 19.63  ? 263 HOH A O   1 
HETATM 1377 O O   . HOH D 4 .   ? -5.200  -17.036 6.128   1.00 56.58  ? 264 HOH A O   1 
HETATM 1378 O O   . HOH D 4 .   ? -4.358  -11.616 3.774   1.00 25.67  ? 265 HOH A O   1 
HETATM 1379 O O   . HOH D 4 .   ? 3.094   -11.937 7.921   1.00 39.61  ? 266 HOH A O   1 
HETATM 1380 O O   . HOH D 4 .   ? 0.905   -13.764 5.117   1.00 44.82  ? 267 HOH A O   1 
HETATM 1381 O O   . HOH D 4 .   ? 5.841   -4.500  15.313  1.00 37.84  ? 268 HOH A O   1 
HETATM 1382 O O   . HOH D 4 .   ? 4.315   -10.814 9.600   1.00 39.85  ? 269 HOH A O   1 
HETATM 1383 O O   . HOH D 4 .   ? -7.117  3.427   -16.382 1.00 49.95  ? 270 HOH A O   1 
HETATM 1384 O O   . HOH D 4 .   ? -0.858  -5.398  18.053  1.00 22.98  ? 271 HOH A O   1 
HETATM 1385 O O   . HOH D 4 .   ? -1.631  1.824   18.763  1.00 39.31  ? 272 HOH A O   1 
HETATM 1386 O O   . HOH D 4 .   ? -7.403  -4.475  19.239  1.00 37.74  ? 273 HOH A O   1 
HETATM 1387 O O   . HOH D 4 .   ? -1.350  -6.208  -1.541  1.00 23.77  ? 274 HOH A O   1 
HETATM 1388 O O   . HOH D 4 .   ? 0.558   -12.055 -4.664  1.00 37.07  ? 275 HOH A O   1 
HETATM 1389 O O   . HOH D 4 .   ? 0.293   -13.593 0.104   1.00 74.63  ? 276 HOH A O   1 
HETATM 1390 O O   . HOH D 4 .   ? 8.668   -4.014  -2.498  1.00 28.69  ? 277 HOH A O   1 
HETATM 1391 O O   . HOH D 4 .   ? 10.238  -2.833  -13.071 1.00 33.18  ? 278 HOH A O   1 
HETATM 1392 O O   . HOH D 4 .   ? 16.716  -1.327  -8.494  1.00 62.81  ? 279 HOH A O   1 
HETATM 1393 O O   . HOH D 4 .   ? 13.133  8.634   -5.727  1.00 43.15  ? 280 HOH A O   1 
HETATM 1394 O O   . HOH D 4 .   ? 16.360  8.463   3.430   1.00 45.66  ? 281 HOH A O   1 
HETATM 1395 O O   . HOH D 4 .   ? 13.446  3.293   1.904   1.00 24.71  ? 282 HOH A O   1 
HETATM 1396 O O   . HOH D 4 .   ? 6.388   13.004  1.955   1.00 27.03  ? 283 HOH A O   1 
HETATM 1397 O O   . HOH D 4 .   ? 11.476  16.283  -3.123  1.00 41.67  ? 284 HOH A O   1 
HETATM 1398 O O   . HOH D 4 .   ? 12.619  15.597  4.100   1.00 56.83  ? 285 HOH A O   1 
HETATM 1399 O O   . HOH D 4 .   ? -1.138  17.709  2.290   1.00 49.39  ? 286 HOH A O   1 
HETATM 1400 O O   . HOH D 4 .   ? 6.986   11.416  4.144   1.00 25.99  ? 287 HOH A O   1 
HETATM 1401 O O   . HOH D 4 .   ? 0.281   12.940  6.142   1.00 29.00  ? 288 HOH A O   1 
HETATM 1402 O O   . HOH D 4 .   ? 1.763   15.881  7.184   1.00 38.69  ? 289 HOH A O   1 
HETATM 1403 O O   . HOH D 4 .   ? -4.616  11.994  9.290   1.00 44.35  ? 290 HOH A O   1 
HETATM 1404 O O   . HOH D 4 .   ? 12.708  1.320   8.281   1.00 51.79  ? 291 HOH A O   1 
HETATM 1405 O O   . HOH D 4 .   ? 19.739  0.878   2.743   1.00 57.11  ? 292 HOH A O   1 
HETATM 1406 O O   . HOH D 4 .   ? 20.173  1.442   -0.590  1.00 48.25  ? 293 HOH A O   1 
HETATM 1407 O O   . HOH D 4 .   ? 9.764   -6.153  11.641  1.00 53.65  ? 294 HOH A O   1 
HETATM 1408 O O   . HOH D 4 .   ? 21.612  4.171   1.780   1.00 74.67  ? 295 HOH A O   1 
HETATM 1409 O O   . HOH D 4 .   ? 17.663  3.148   -4.072  1.00 35.94  ? 296 HOH A O   1 
HETATM 1410 O O   . HOH D 4 .   ? 10.239  4.941   2.470   1.00 28.31  ? 297 HOH A O   1 
HETATM 1411 O O   . HOH D 4 .   ? 8.351   -0.859  -0.678  1.00 23.25  ? 298 HOH A O   1 
HETATM 1412 O O   . HOH D 4 .   ? -8.578  3.176   16.968  1.00 36.99  ? 299 HOH A O   1 
HETATM 1413 O O   . HOH D 4 .   ? -8.583  3.318   13.963  1.00 36.98  ? 300 HOH A O   1 
HETATM 1414 O O   . HOH D 4 .   ? -0.371  7.359   10.997  1.00 20.92  ? 301 HOH A O   1 
HETATM 1415 O O   . HOH D 4 .   ? 3.243   12.182  13.156  1.00 34.85  ? 302 HOH A O   1 
HETATM 1416 O O   . HOH D 4 .   ? -4.156  7.383   16.774  1.00 42.07  ? 303 HOH A O   1 
HETATM 1417 O O   . HOH D 4 .   ? -0.521  5.307   18.476  1.00 57.71  ? 304 HOH A O   1 
HETATM 1418 O O   . HOH D 4 .   ? 7.379   0.250   14.212  1.00 31.78  ? 305 HOH A O   1 
HETATM 1419 O O   . HOH D 4 .   ? 7.666   14.520  13.450  1.00 62.73  ? 306 HOH A O   1 
HETATM 1420 O O   . HOH D 4 .   ? 15.208  7.400   6.887   1.00 43.10  ? 307 HOH A O   1 
HETATM 1421 O O   . HOH D 4 .   ? 14.342  5.378   5.405   1.00 35.68  ? 308 HOH A O   1 
HETATM 1422 O O   . HOH D 4 .   ? 7.599   10.481  7.206   1.00 28.44  ? 309 HOH A O   1 
HETATM 1423 O O   . HOH D 4 .   ? 10.640  1.065   10.507  1.00 64.17  ? 310 HOH A O   1 
HETATM 1424 O O   . HOH D 4 .   ? -1.698  11.369  4.816   1.00 23.14  ? 311 HOH A O   1 
HETATM 1425 O O   . HOH D 4 .   ? -9.365  11.806  4.168   1.00 48.99  ? 312 HOH A O   1 
HETATM 1426 O O   . HOH D 4 .   ? -15.956 4.081   -2.182  1.00 40.40  ? 313 HOH A O   1 
HETATM 1427 O O   . HOH D 4 .   ? -13.669 6.486   4.922   1.00 29.85  ? 314 HOH A O   1 
HETATM 1428 O O   . HOH D 4 .   ? -17.905 -2.473  6.184   1.00 42.82  ? 315 HOH A O   1 
HETATM 1429 O O   . HOH D 4 .   ? -16.391 6.517   3.505   1.00 41.74  ? 316 HOH A O   1 
HETATM 1430 O O   . HOH D 4 .   ? -15.826 -1.833  9.624   1.00 25.36  ? 317 HOH A O   1 
HETATM 1431 O O   . HOH D 4 .   ? -6.532  0.670   15.178  1.00 22.28  ? 318 HOH A O   1 
HETATM 1432 O O   . HOH D 4 .   ? -13.941 -9.635  11.033  1.00 32.79  ? 319 HOH A O   1 
HETATM 1433 O O   . HOH D 4 .   ? -13.928 -10.313 8.621   1.00 35.98  ? 320 HOH A O   1 
HETATM 1434 O O   . HOH D 4 .   ? -2.778  -11.430 18.435  1.00 20.33  ? 321 HOH A O   1 
HETATM 1435 O O   . HOH D 4 .   ? 4.579   -8.255  15.088  1.00 30.76  ? 322 HOH A O   1 
HETATM 1436 O O   . HOH D 4 .   ? 6.788   -11.564 14.560  1.00 50.00  ? 323 HOH A O   1 
HETATM 1437 O O   . HOH D 4 .   ? -3.204  -14.494 4.170   1.00 36.74  ? 324 HOH A O   1 
HETATM 1438 O O   . HOH D 4 .   ? -8.938  -17.240 3.170   1.00 54.27  ? 325 HOH A O   1 
HETATM 1439 O O   . HOH D 4 .   ? -8.737  -10.548 -8.354  1.00 41.38  ? 326 HOH A O   1 
HETATM 1440 O O   . HOH D 4 .   ? -9.222  -4.888  -13.558 1.00 39.00  ? 327 HOH A O   1 
HETATM 1441 O O   . HOH D 4 .   ? -12.823 -2.101  -12.646 1.00 47.54  ? 328 HOH A O   1 
HETATM 1442 O O   . HOH D 4 .   ? -6.620  -2.498  -12.795 1.00 24.77  ? 329 HOH A O   1 
HETATM 1443 O O   . HOH D 4 .   ? -5.557  5.444   -16.026 1.00 55.90  ? 330 HOH A O   1 
HETATM 1444 O O   . HOH D 4 .   ? -7.252  2.226   -13.964 1.00 30.05  ? 331 HOH A O   1 
HETATM 1445 O O   . HOH D 4 .   ? -2.135  10.306  -14.051 1.00 48.36  ? 332 HOH A O   1 
HETATM 1446 O O   . HOH D 4 .   ? 6.299   -6.562  14.048  1.00 54.64  ? 333 HOH A O   1 
HETATM 1447 O O   . HOH D 4 .   ? 11.983  -4.293  -3.718  1.00 55.18  ? 334 HOH A O   1 
HETATM 1448 O O   . HOH D 4 .   ? 10.176  -3.370  0.798   1.00 65.81  ? 335 HOH A O   1 
HETATM 1449 O O   . HOH D 4 .   ? -15.626 -5.750  -2.791  1.00 43.58  ? 336 HOH A O   1 
HETATM 1450 O O   . HOH D 4 .   ? 8.406   -8.182  9.061   1.00 76.59  ? 337 HOH A O   1 
# 
loop_
_pdbx_poly_seq_scheme.asym_id 
_pdbx_poly_seq_scheme.entity_id 
_pdbx_poly_seq_scheme.seq_id 
_pdbx_poly_seq_scheme.mon_id 
_pdbx_poly_seq_scheme.ndb_seq_num 
_pdbx_poly_seq_scheme.pdb_seq_num 
_pdbx_poly_seq_scheme.auth_seq_num 
_pdbx_poly_seq_scheme.pdb_mon_id 
_pdbx_poly_seq_scheme.auth_mon_id 
_pdbx_poly_seq_scheme.pdb_strand_id 
_pdbx_poly_seq_scheme.pdb_ins_code 
_pdbx_poly_seq_scheme.hetero 
A 1 1   MET 1   1   1   MET MET A . n 
A 1 2   SER 2   2   2   SER SER A . n 
A 1 3   ARG 3   3   3   ARG ARG A . n 
A 1 4   SER 4   4   4   SER SER A . n 
A 1 5   LYS 5   5   5   LYS LYS A . n 
A 1 6   VAL 6   6   6   VAL VAL A . n 
A 1 7   PHE 7   7   7   PHE PHE A . n 
A 1 8   PHE 8   8   8   PHE PHE A . n 
A 1 9   ASP 9   9   9   ASP ASP A . n 
A 1 10  ILE 10  10  10  ILE ILE A . n 
A 1 11  THR 11  11  11  THR THR A . n 
A 1 12  ILE 12  12  12  ILE ILE A . n 
A 1 13  GLY 13  13  13  GLY GLY A . n 
A 1 14  GLY 14  14  14  GLY GLY A . n 
A 1 15  LYS 15  15  15  LYS LYS A . n 
A 1 16  ALA 16  16  16  ALA ALA A . n 
A 1 17  SER 17  17  17  SER SER A . n 
A 1 18  GLY 18  18  18  GLY GLY A . n 
A 1 19  ARG 19  19  19  ARG ARG A . n 
A 1 20  ILE 20  20  20  ILE ILE A . n 
A 1 21  VAL 21  21  21  VAL VAL A . n 
A 1 22  MET 22  22  22  MET MET A . n 
A 1 23  GLU 23  23  23  GLU GLU A . n 
A 1 24  LEU 24  24  24  LEU LEU A . n 
A 1 25  TYR 25  25  25  TYR TYR A . n 
A 1 26  ASP 26  26  26  ASP ASP A . n 
A 1 27  ASP 27  27  27  ASP ASP A . n 
A 1 28  VAL 28  28  28  VAL VAL A . n 
A 1 29  VAL 29  29  29  VAL VAL A . n 
A 1 30  PRO 30  30  30  PRO PRO A . n 
A 1 31  LYS 31  31  31  LYS LYS A . n 
A 1 32  THR 32  32  32  THR THR A . n 
A 1 33  ALA 33  33  33  ALA ALA A . n 
A 1 34  GLY 34  34  34  GLY GLY A . n 
A 1 35  ASN 35  35  35  ASN ASN A . n 
A 1 36  PHE 36  36  36  PHE PHE A . n 
A 1 37  ARG 37  37  37  ARG ARG A . n 
A 1 38  ALA 38  38  38  ALA ALA A . n 
A 1 39  LEU 39  39  39  LEU LEU A . n 
A 1 40  CYS 40  40  40  CYS CYS A . n 
A 1 41  THR 41  41  41  THR THR A . n 
A 1 42  GLY 42  42  42  GLY GLY A . n 
A 1 43  GLU 43  43  43  GLU GLU A . n 
A 1 44  ASN 44  44  44  ASN ASN A . n 
A 1 45  GLY 45  45  45  GLY GLY A . n 
A 1 46  ILE 46  46  46  ILE ILE A . n 
A 1 47  GLY 47  47  47  GLY GLY A . n 
A 1 48  LYS 48  48  48  LYS LYS A . n 
A 1 49  SER 49  49  49  SER SER A . n 
A 1 50  GLY 50  50  50  GLY GLY A . n 
A 1 51  LYS 51  51  51  LYS LYS A . n 
A 1 52  PRO 52  52  52  PRO PRO A . n 
A 1 53  LEU 53  53  53  LEU LEU A . n 
A 1 54  HIS 54  54  54  HIS HIS A . n 
A 1 55  PHE 55  55  55  PHE PHE A . n 
A 1 56  LYS 56  56  56  LYS LYS A . n 
A 1 57  GLY 57  57  57  GLY GLY A . n 
A 1 58  SER 58  58  58  SER SER A . n 
A 1 59  LYS 59  59  59  LYS LYS A . n 
A 1 60  PHE 60  60  60  PHE PHE A . n 
A 1 61  HIS 61  61  61  HIS HIS A . n 
A 1 62  ARG 62  62  62  ARG ARG A . n 
A 1 63  ILE 63  63  63  ILE ILE A . n 
A 1 64  ILE 64  64  64  ILE ILE A . n 
A 1 65  PRO 65  65  65  PRO PRO A . n 
A 1 66  ASN 66  66  66  ASN ASN A . n 
A 1 67  PHE 67  67  67  PHE PHE A . n 
A 1 68  MET 68  68  68  MET MET A . n 
A 1 69  ILE 69  69  69  ILE ILE A . n 
A 1 70  GLN 70  70  70  GLN GLN A . n 
A 1 71  GLY 71  71  71  GLY GLY A . n 
A 1 72  GLY 72  72  72  GLY GLY A . n 
A 1 73  ASP 73  73  73  ASP ASP A . n 
A 1 74  PHE 74  74  74  PHE PHE A . n 
A 1 75  THR 75  75  75  THR THR A . n 
A 1 76  ARG 76  76  76  ARG ARG A . n 
A 1 77  GLY 77  77  77  GLY GLY A . n 
A 1 78  ASN 78  78  78  ASN ASN A . n 
A 1 79  GLY 79  79  79  GLY GLY A . n 
A 1 80  THR 80  80  80  THR THR A . n 
A 1 81  GLY 81  81  81  GLY GLY A . n 
A 1 82  GLY 82  82  82  GLY GLY A . n 
A 1 83  GLU 83  83  83  GLU GLU A . n 
A 1 84  SER 84  84  84  SER SER A . n 
A 1 85  ILE 85  85  85  ILE ILE A . n 
A 1 86  TYR 86  86  86  TYR TYR A . n 
A 1 87  GLY 87  87  87  GLY GLY A . n 
A 1 88  GLU 88  88  88  GLU GLU A . n 
A 1 89  LYS 89  89  89  LYS LYS A . n 
A 1 90  PHE 90  90  90  PHE PHE A . n 
A 1 91  PRO 91  91  91  PRO PRO A . n 
A 1 92  ASP 92  92  92  ASP ASP A . n 
A 1 93  GLU 93  93  93  GLU GLU A . n 
A 1 94  ASN 94  94  94  ASN ASN A . n 
A 1 95  PHE 95  95  95  PHE PHE A . n 
A 1 96  LYS 96  96  96  LYS LYS A . n 
A 1 97  GLU 97  97  97  GLU GLU A . n 
A 1 98  LYS 98  98  98  LYS LYS A . n 
A 1 99  HIS 99  99  99  HIS HIS A . n 
A 1 100 THR 100 100 100 THR THR A . n 
A 1 101 GLY 101 101 101 GLY GLY A . n 
A 1 102 PRO 102 102 102 PRO PRO A . n 
A 1 103 GLY 103 103 103 GLY GLY A . n 
A 1 104 VAL 104 104 104 VAL VAL A . n 
A 1 105 LEU 105 105 105 LEU LEU A . n 
A 1 106 SER 106 106 106 SER SER A . n 
A 1 107 MET 107 107 107 MET MET A . n 
A 1 108 ALA 108 108 108 ALA ALA A . n 
A 1 109 ASN 109 109 109 ASN ASN A . n 
A 1 110 ALA 110 110 110 ALA ALA A . n 
A 1 111 GLY 111 111 111 GLY GLY A . n 
A 1 112 PRO 112 112 112 PRO PRO A . n 
A 1 113 ASN 113 113 113 ASN ASN A . n 
A 1 114 THR 114 114 114 THR THR A . n 
A 1 115 ASN 115 115 115 ASN ASN A . n 
A 1 116 GLY 116 116 116 GLY GLY A . n 
A 1 117 SER 117 117 117 SER SER A . n 
A 1 118 GLN 118 118 118 GLN GLN A . n 
A 1 119 PHE 119 119 119 PHE PHE A . n 
A 1 120 PHE 120 120 120 PHE PHE A . n 
A 1 121 LEU 121 121 121 LEU LEU A . n 
A 1 122 CYS 122 122 122 CYS CYS A . n 
A 1 123 THR 123 123 123 THR THR A . n 
A 1 124 VAL 124 124 124 VAL VAL A . n 
A 1 125 LYS 125 125 125 LYS LYS A . n 
A 1 126 THR 126 126 126 THR THR A . n 
A 1 127 GLU 127 127 127 GLU GLU A . n 
A 1 128 TRP 128 128 128 TRP TRP A . n 
A 1 129 LEU 129 129 129 LEU LEU A . n 
A 1 130 ASP 130 130 130 ASP ASP A . n 
A 1 131 GLY 131 131 131 GLY GLY A . n 
A 1 132 LYS 132 132 132 LYS LYS A . n 
A 1 133 HIS 133 133 133 HIS HIS A . n 
A 1 134 VAL 134 134 134 VAL VAL A . n 
A 1 135 VAL 135 135 135 VAL VAL A . n 
A 1 136 PHE 136 136 136 PHE PHE A . n 
A 1 137 GLY 137 137 137 GLY GLY A . n 
A 1 138 ARG 138 138 138 ARG ARG A . n 
A 1 139 VAL 139 139 139 VAL VAL A . n 
A 1 140 VAL 140 140 140 VAL VAL A . n 
A 1 141 GLU 141 141 141 GLU GLU A . n 
A 1 142 GLY 142 142 142 GLY GLY A . n 
A 1 143 LEU 143 143 143 LEU LEU A . n 
A 1 144 ASP 144 144 144 ASP ASP A . n 
A 1 145 VAL 145 145 145 VAL VAL A . n 
A 1 146 VAL 146 146 146 VAL VAL A . n 
A 1 147 LYS 147 147 147 LYS LYS A . n 
A 1 148 ALA 148 148 148 ALA ALA A . n 
A 1 149 VAL 149 149 149 VAL VAL A . n 
A 1 150 GLU 150 150 150 GLU GLU A . n 
A 1 151 SER 151 151 151 SER SER A . n 
A 1 152 ASN 152 152 152 ASN ASN A . n 
A 1 153 GLY 153 153 153 GLY GLY A . n 
A 1 154 SER 154 154 154 SER SER A . n 
A 1 155 GLN 155 155 155 GLN GLN A . n 
A 1 156 SER 156 156 156 SER SER A . n 
A 1 157 GLY 157 157 157 GLY GLY A . n 
A 1 158 LYS 158 158 158 LYS LYS A . n 
A 1 159 PRO 159 159 159 PRO PRO A . n 
A 1 160 VAL 160 160 160 VAL VAL A . n 
A 1 161 LYS 161 161 161 LYS LYS A . n 
A 1 162 ASP 162 162 162 ASP ASP A . n 
A 1 163 CYS 163 163 163 CYS CYS A . n 
A 1 164 MET 164 164 164 MET MET A . n 
A 1 165 ILE 165 165 165 ILE ILE A . n 
A 1 166 ALA 166 166 166 ALA ALA A . n 
A 1 167 ASP 167 167 167 ASP ASP A . n 
A 1 168 CYS 168 168 168 CYS CYS A . n 
A 1 169 GLY 169 169 169 GLY GLY A . n 
A 1 170 GLN 170 170 170 GLN GLN A . n 
A 1 171 LEU 171 171 171 LEU LEU A . n 
A 1 172 LYS 172 172 172 LYS LYS A . n 
A 1 173 ALA 173 173 ?   ?   ?   A . n 
# 
loop_
_pdbx_nonpoly_scheme.asym_id 
_pdbx_nonpoly_scheme.entity_id 
_pdbx_nonpoly_scheme.mon_id 
_pdbx_nonpoly_scheme.ndb_seq_num 
_pdbx_nonpoly_scheme.pdb_seq_num 
_pdbx_nonpoly_scheme.auth_seq_num 
_pdbx_nonpoly_scheme.pdb_mon_id 
_pdbx_nonpoly_scheme.auth_mon_id 
_pdbx_nonpoly_scheme.pdb_strand_id 
_pdbx_nonpoly_scheme.pdb_ins_code 
B 2 GLY 1   201 201 GLY GLY A . 
C 3 PRO 1   202 202 PRO PRO A . 
D 4 HOH 1   203 1   HOH HOH A . 
D 4 HOH 2   204 2   HOH HOH A . 
D 4 HOH 3   205 3   HOH HOH A . 
D 4 HOH 4   206 4   HOH HOH A . 
D 4 HOH 5   207 5   HOH HOH A . 
D 4 HOH 6   208 6   HOH HOH A . 
D 4 HOH 7   209 7   HOH HOH A . 
D 4 HOH 8   210 8   HOH HOH A . 
D 4 HOH 9   211 9   HOH HOH A . 
D 4 HOH 10  212 10  HOH HOH A . 
D 4 HOH 11  213 11  HOH HOH A . 
D 4 HOH 12  214 12  HOH HOH A . 
D 4 HOH 13  215 13  HOH HOH A . 
D 4 HOH 14  216 14  HOH HOH A . 
D 4 HOH 15  217 15  HOH HOH A . 
D 4 HOH 16  218 16  HOH HOH A . 
D 4 HOH 17  219 17  HOH HOH A . 
D 4 HOH 18  220 18  HOH HOH A . 
D 4 HOH 19  221 19  HOH HOH A . 
D 4 HOH 20  222 20  HOH HOH A . 
D 4 HOH 21  223 21  HOH HOH A . 
D 4 HOH 22  224 22  HOH HOH A . 
D 4 HOH 23  225 23  HOH HOH A . 
D 4 HOH 24  226 24  HOH HOH A . 
D 4 HOH 25  227 25  HOH HOH A . 
D 4 HOH 26  228 26  HOH HOH A . 
D 4 HOH 27  229 27  HOH HOH A . 
D 4 HOH 28  230 28  HOH HOH A . 
D 4 HOH 29  231 29  HOH HOH A . 
D 4 HOH 30  232 30  HOH HOH A . 
D 4 HOH 31  233 31  HOH HOH A . 
D 4 HOH 32  234 32  HOH HOH A . 
D 4 HOH 33  235 33  HOH HOH A . 
D 4 HOH 34  236 34  HOH HOH A . 
D 4 HOH 35  237 35  HOH HOH A . 
D 4 HOH 36  238 36  HOH HOH A . 
D 4 HOH 37  239 37  HOH HOH A . 
D 4 HOH 38  240 38  HOH HOH A . 
D 4 HOH 39  241 39  HOH HOH A . 
D 4 HOH 40  242 40  HOH HOH A . 
D 4 HOH 41  243 41  HOH HOH A . 
D 4 HOH 42  244 42  HOH HOH A . 
D 4 HOH 43  245 43  HOH HOH A . 
D 4 HOH 44  246 44  HOH HOH A . 
D 4 HOH 45  247 45  HOH HOH A . 
D 4 HOH 46  248 46  HOH HOH A . 
D 4 HOH 47  249 47  HOH HOH A . 
D 4 HOH 48  250 48  HOH HOH A . 
D 4 HOH 49  251 49  HOH HOH A . 
D 4 HOH 50  252 50  HOH HOH A . 
D 4 HOH 51  253 51  HOH HOH A . 
D 4 HOH 52  254 52  HOH HOH A . 
D 4 HOH 53  255 53  HOH HOH A . 
D 4 HOH 54  256 54  HOH HOH A . 
D 4 HOH 55  257 55  HOH HOH A . 
D 4 HOH 56  258 56  HOH HOH A . 
D 4 HOH 57  259 57  HOH HOH A . 
D 4 HOH 58  260 58  HOH HOH A . 
D 4 HOH 59  261 59  HOH HOH A . 
D 4 HOH 60  262 60  HOH HOH A . 
D 4 HOH 61  263 61  HOH HOH A . 
D 4 HOH 62  264 62  HOH HOH A . 
D 4 HOH 63  265 63  HOH HOH A . 
D 4 HOH 64  266 64  HOH HOH A . 
D 4 HOH 65  267 65  HOH HOH A . 
D 4 HOH 66  268 66  HOH HOH A . 
D 4 HOH 67  269 67  HOH HOH A . 
D 4 HOH 68  270 68  HOH HOH A . 
D 4 HOH 69  271 69  HOH HOH A . 
D 4 HOH 70  272 70  HOH HOH A . 
D 4 HOH 71  273 71  HOH HOH A . 
D 4 HOH 72  274 72  HOH HOH A . 
D 4 HOH 73  275 73  HOH HOH A . 
D 4 HOH 74  276 74  HOH HOH A . 
D 4 HOH 75  277 75  HOH HOH A . 
D 4 HOH 76  278 76  HOH HOH A . 
D 4 HOH 77  279 77  HOH HOH A . 
D 4 HOH 78  280 78  HOH HOH A . 
D 4 HOH 79  281 79  HOH HOH A . 
D 4 HOH 80  282 80  HOH HOH A . 
D 4 HOH 81  283 81  HOH HOH A . 
D 4 HOH 82  284 82  HOH HOH A . 
D 4 HOH 83  285 83  HOH HOH A . 
D 4 HOH 84  286 84  HOH HOH A . 
D 4 HOH 85  287 85  HOH HOH A . 
D 4 HOH 86  288 86  HOH HOH A . 
D 4 HOH 87  289 87  HOH HOH A . 
D 4 HOH 88  290 88  HOH HOH A . 
D 4 HOH 89  291 89  HOH HOH A . 
D 4 HOH 90  292 90  HOH HOH A . 
D 4 HOH 91  293 91  HOH HOH A . 
D 4 HOH 92  294 92  HOH HOH A . 
D 4 HOH 93  295 93  HOH HOH A . 
D 4 HOH 94  296 94  HOH HOH A . 
D 4 HOH 95  297 95  HOH HOH A . 
D 4 HOH 96  298 96  HOH HOH A . 
D 4 HOH 97  299 97  HOH HOH A . 
D 4 HOH 98  300 98  HOH HOH A . 
D 4 HOH 99  301 99  HOH HOH A . 
D 4 HOH 100 302 100 HOH HOH A . 
D 4 HOH 101 303 101 HOH HOH A . 
D 4 HOH 102 304 102 HOH HOH A . 
D 4 HOH 103 305 103 HOH HOH A . 
D 4 HOH 104 306 104 HOH HOH A . 
D 4 HOH 105 307 105 HOH HOH A . 
D 4 HOH 106 308 106 HOH HOH A . 
D 4 HOH 107 309 107 HOH HOH A . 
D 4 HOH 108 310 108 HOH HOH A . 
D 4 HOH 109 311 109 HOH HOH A . 
D 4 HOH 110 312 110 HOH HOH A . 
D 4 HOH 111 313 111 HOH HOH A . 
D 4 HOH 112 314 112 HOH HOH A . 
D 4 HOH 113 315 113 HOH HOH A . 
D 4 HOH 114 316 114 HOH HOH A . 
D 4 HOH 115 317 115 HOH HOH A . 
D 4 HOH 116 318 116 HOH HOH A . 
D 4 HOH 117 319 117 HOH HOH A . 
D 4 HOH 118 320 118 HOH HOH A . 
D 4 HOH 119 321 119 HOH HOH A . 
D 4 HOH 120 322 120 HOH HOH A . 
D 4 HOH 121 323 121 HOH HOH A . 
D 4 HOH 122 324 122 HOH HOH A . 
D 4 HOH 123 325 123 HOH HOH A . 
D 4 HOH 124 326 124 HOH HOH A . 
D 4 HOH 125 327 125 HOH HOH A . 
D 4 HOH 126 328 126 HOH HOH A . 
D 4 HOH 127 329 127 HOH HOH A . 
D 4 HOH 128 330 128 HOH HOH A . 
D 4 HOH 129 331 129 HOH HOH A . 
D 4 HOH 130 332 130 HOH HOH A . 
D 4 HOH 131 333 131 HOH HOH A . 
D 4 HOH 132 334 132 HOH HOH A . 
D 4 HOH 133 335 133 HOH HOH A . 
D 4 HOH 134 336 134 HOH HOH A . 
D 4 HOH 135 337 135 HOH HOH A . 
# 
_pdbx_struct_assembly.id                   1 
_pdbx_struct_assembly.details              author_defined_assembly 
_pdbx_struct_assembly.method_details       ? 
_pdbx_struct_assembly.oligomeric_details   monomeric 
_pdbx_struct_assembly.oligomeric_count     1 
# 
_pdbx_struct_assembly_gen.assembly_id       1 
_pdbx_struct_assembly_gen.oper_expression   1 
_pdbx_struct_assembly_gen.asym_id_list      A,B,C,D 
# 
_pdbx_struct_oper_list.id                   1 
_pdbx_struct_oper_list.type                 'identity operation' 
_pdbx_struct_oper_list.name                 1_555 
_pdbx_struct_oper_list.symmetry_operation   x,y,z 
_pdbx_struct_oper_list.matrix[1][1]         1.0000000000 
_pdbx_struct_oper_list.matrix[1][2]         0.0000000000 
_pdbx_struct_oper_list.matrix[1][3]         0.0000000000 
_pdbx_struct_oper_list.vector[1]            0.0000000000 
_pdbx_struct_oper_list.matrix[2][1]         0.0000000000 
_pdbx_struct_oper_list.matrix[2][2]         1.0000000000 
_pdbx_struct_oper_list.matrix[2][3]         0.0000000000 
_pdbx_struct_oper_list.vector[2]            0.0000000000 
_pdbx_struct_oper_list.matrix[3][1]         0.0000000000 
_pdbx_struct_oper_list.matrix[3][2]         0.0000000000 
_pdbx_struct_oper_list.matrix[3][3]         1.0000000000 
_pdbx_struct_oper_list.vector[3]            0.0000000000 
# 
loop_
_pdbx_audit_revision_history.ordinal 
_pdbx_audit_revision_history.data_content_type 
_pdbx_audit_revision_history.major_revision 
_pdbx_audit_revision_history.minor_revision 
_pdbx_audit_revision_history.revision_date 
1 'Structure model' 1 0 2007-08-14 
2 'Structure model' 1 1 2011-07-13 
3 'Structure model' 1 2 2023-08-30 
# 
_pdbx_audit_revision_details.ordinal             1 
_pdbx_audit_revision_details.revision_ordinal    1 
_pdbx_audit_revision_details.data_content_type   'Structure model' 
_pdbx_audit_revision_details.provider            repository 
_pdbx_audit_revision_details.type                'Initial release' 
_pdbx_audit_revision_details.description         ? 
_pdbx_audit_revision_details.details             ? 
# 
loop_
_pdbx_audit_revision_group.ordinal 
_pdbx_audit_revision_group.revision_ordinal 
_pdbx_audit_revision_group.data_content_type 
_pdbx_audit_revision_group.group 
1 2 'Structure model' 'Version format compliance' 
2 3 'Structure model' 'Data collection'           
3 3 'Structure model' 'Database references'       
4 3 'Structure model' 'Derived calculations'      
5 3 'Structure model' 'Refinement description'    
# 
loop_
_pdbx_audit_revision_category.ordinal 
_pdbx_audit_revision_category.revision_ordinal 
_pdbx_audit_revision_category.data_content_type 
_pdbx_audit_revision_category.category 
1 3 'Structure model' chem_comp_atom                
2 3 'Structure model' chem_comp_bond                
3 3 'Structure model' database_2                    
4 3 'Structure model' diffrn_source                 
5 3 'Structure model' pdbx_initial_refinement_model 
6 3 'Structure model' struct_conn                   
7 3 'Structure model' struct_site                   
# 
loop_
_pdbx_audit_revision_item.ordinal 
_pdbx_audit_revision_item.revision_ordinal 
_pdbx_audit_revision_item.data_content_type 
_pdbx_audit_revision_item.item 
1 3 'Structure model' '_database_2.pdbx_DOI'                 
2 3 'Structure model' '_database_2.pdbx_database_accession'  
3 3 'Structure model' '_diffrn_source.pdbx_synchrotron_site' 
4 3 'Structure model' '_struct_conn.pdbx_leaving_atom_flag'  
5 3 'Structure model' '_struct_site.pdbx_auth_asym_id'       
6 3 'Structure model' '_struct_site.pdbx_auth_comp_id'       
7 3 'Structure model' '_struct_site.pdbx_auth_seq_id'        
# 
loop_
_software.name 
_software.classification 
_software.version 
_software.citation_id 
_software.pdbx_ordinal 
SHELX     'model building'  . ? 1 
SHELXL-97 refinement        . ? 2 
MAR345dtb 'data collection' . ? 3 
MOSFLM    'data reduction'  . ? 4 
SCALA     'data scaling'    . ? 5 
SHELX     phasing           . ? 6 
# 
loop_
_pdbx_validate_rmsd_angle.id 
_pdbx_validate_rmsd_angle.PDB_model_num 
_pdbx_validate_rmsd_angle.auth_atom_id_1 
_pdbx_validate_rmsd_angle.auth_asym_id_1 
_pdbx_validate_rmsd_angle.auth_comp_id_1 
_pdbx_validate_rmsd_angle.auth_seq_id_1 
_pdbx_validate_rmsd_angle.PDB_ins_code_1 
_pdbx_validate_rmsd_angle.label_alt_id_1 
_pdbx_validate_rmsd_angle.auth_atom_id_2 
_pdbx_validate_rmsd_angle.auth_asym_id_2 
_pdbx_validate_rmsd_angle.auth_comp_id_2 
_pdbx_validate_rmsd_angle.auth_seq_id_2 
_pdbx_validate_rmsd_angle.PDB_ins_code_2 
_pdbx_validate_rmsd_angle.label_alt_id_2 
_pdbx_validate_rmsd_angle.auth_atom_id_3 
_pdbx_validate_rmsd_angle.auth_asym_id_3 
_pdbx_validate_rmsd_angle.auth_comp_id_3 
_pdbx_validate_rmsd_angle.auth_seq_id_3 
_pdbx_validate_rmsd_angle.PDB_ins_code_3 
_pdbx_validate_rmsd_angle.label_alt_id_3 
_pdbx_validate_rmsd_angle.angle_value 
_pdbx_validate_rmsd_angle.angle_target_value 
_pdbx_validate_rmsd_angle.angle_deviation 
_pdbx_validate_rmsd_angle.angle_standard_deviation 
_pdbx_validate_rmsd_angle.linker_flag 
1 1 NE A ARG 62 ? B CZ A ARG 62 ? B NH1 A ARG 62 ? B 123.35 120.30 3.05  0.50 N 
2 1 NE A ARG 62 ? A CZ A ARG 62 ? A NH2 A ARG 62 ? A 117.27 120.30 -3.03 0.50 N 
3 1 NE A ARG 62 ? B CZ A ARG 62 ? B NH2 A ARG 62 ? B 116.47 120.30 -3.83 0.50 N 
# 
loop_
_pdbx_validate_torsion.id 
_pdbx_validate_torsion.PDB_model_num 
_pdbx_validate_torsion.auth_comp_id 
_pdbx_validate_torsion.auth_asym_id 
_pdbx_validate_torsion.auth_seq_id 
_pdbx_validate_torsion.PDB_ins_code 
_pdbx_validate_torsion.label_alt_id 
_pdbx_validate_torsion.phi 
_pdbx_validate_torsion.psi 
1 1 PHE A 67 ? ? -150.10 -84.92 
2 1 GLU A 88 ? ? 114.35  -50.68 
# 
_pdbx_unobs_or_zero_occ_residues.id               1 
_pdbx_unobs_or_zero_occ_residues.PDB_model_num    1 
_pdbx_unobs_or_zero_occ_residues.polymer_flag     Y 
_pdbx_unobs_or_zero_occ_residues.occupancy_flag   1 
_pdbx_unobs_or_zero_occ_residues.auth_asym_id     A 
_pdbx_unobs_or_zero_occ_residues.auth_comp_id     ALA 
_pdbx_unobs_or_zero_occ_residues.auth_seq_id      173 
_pdbx_unobs_or_zero_occ_residues.PDB_ins_code     ? 
_pdbx_unobs_or_zero_occ_residues.label_asym_id    A 
_pdbx_unobs_or_zero_occ_residues.label_comp_id    ALA 
_pdbx_unobs_or_zero_occ_residues.label_seq_id     173 
# 
loop_
_chem_comp_atom.comp_id 
_chem_comp_atom.atom_id 
_chem_comp_atom.type_symbol 
_chem_comp_atom.pdbx_aromatic_flag 
_chem_comp_atom.pdbx_stereo_config 
_chem_comp_atom.pdbx_ordinal 
ALA N    N N N 1   
ALA CA   C N S 2   
ALA C    C N N 3   
ALA O    O N N 4   
ALA CB   C N N 5   
ALA OXT  O N N 6   
ALA H    H N N 7   
ALA H2   H N N 8   
ALA HA   H N N 9   
ALA HB1  H N N 10  
ALA HB2  H N N 11  
ALA HB3  H N N 12  
ALA HXT  H N N 13  
ARG N    N N N 14  
ARG CA   C N S 15  
ARG C    C N N 16  
ARG O    O N N 17  
ARG CB   C N N 18  
ARG CG   C N N 19  
ARG CD   C N N 20  
ARG NE   N N N 21  
ARG CZ   C N N 22  
ARG NH1  N N N 23  
ARG NH2  N N N 24  
ARG OXT  O N N 25  
ARG H    H N N 26  
ARG H2   H N N 27  
ARG HA   H N N 28  
ARG HB2  H N N 29  
ARG HB3  H N N 30  
ARG HG2  H N N 31  
ARG HG3  H N N 32  
ARG HD2  H N N 33  
ARG HD3  H N N 34  
ARG HE   H N N 35  
ARG HH11 H N N 36  
ARG HH12 H N N 37  
ARG HH21 H N N 38  
ARG HH22 H N N 39  
ARG HXT  H N N 40  
ASN N    N N N 41  
ASN CA   C N S 42  
ASN C    C N N 43  
ASN O    O N N 44  
ASN CB   C N N 45  
ASN CG   C N N 46  
ASN OD1  O N N 47  
ASN ND2  N N N 48  
ASN OXT  O N N 49  
ASN H    H N N 50  
ASN H2   H N N 51  
ASN HA   H N N 52  
ASN HB2  H N N 53  
ASN HB3  H N N 54  
ASN HD21 H N N 55  
ASN HD22 H N N 56  
ASN HXT  H N N 57  
ASP N    N N N 58  
ASP CA   C N S 59  
ASP C    C N N 60  
ASP O    O N N 61  
ASP CB   C N N 62  
ASP CG   C N N 63  
ASP OD1  O N N 64  
ASP OD2  O N N 65  
ASP OXT  O N N 66  
ASP H    H N N 67  
ASP H2   H N N 68  
ASP HA   H N N 69  
ASP HB2  H N N 70  
ASP HB3  H N N 71  
ASP HD2  H N N 72  
ASP HXT  H N N 73  
CYS N    N N N 74  
CYS CA   C N R 75  
CYS C    C N N 76  
CYS O    O N N 77  
CYS CB   C N N 78  
CYS SG   S N N 79  
CYS OXT  O N N 80  
CYS H    H N N 81  
CYS H2   H N N 82  
CYS HA   H N N 83  
CYS HB2  H N N 84  
CYS HB3  H N N 85  
CYS HG   H N N 86  
CYS HXT  H N N 87  
GLN N    N N N 88  
GLN CA   C N S 89  
GLN C    C N N 90  
GLN O    O N N 91  
GLN CB   C N N 92  
GLN CG   C N N 93  
GLN CD   C N N 94  
GLN OE1  O N N 95  
GLN NE2  N N N 96  
GLN OXT  O N N 97  
GLN H    H N N 98  
GLN H2   H N N 99  
GLN HA   H N N 100 
GLN HB2  H N N 101 
GLN HB3  H N N 102 
GLN HG2  H N N 103 
GLN HG3  H N N 104 
GLN HE21 H N N 105 
GLN HE22 H N N 106 
GLN HXT  H N N 107 
GLU N    N N N 108 
GLU CA   C N S 109 
GLU C    C N N 110 
GLU O    O N N 111 
GLU CB   C N N 112 
GLU CG   C N N 113 
GLU CD   C N N 114 
GLU OE1  O N N 115 
GLU OE2  O N N 116 
GLU OXT  O N N 117 
GLU H    H N N 118 
GLU H2   H N N 119 
GLU HA   H N N 120 
GLU HB2  H N N 121 
GLU HB3  H N N 122 
GLU HG2  H N N 123 
GLU HG3  H N N 124 
GLU HE2  H N N 125 
GLU HXT  H N N 126 
GLY N    N N N 127 
GLY CA   C N N 128 
GLY C    C N N 129 
GLY O    O N N 130 
GLY OXT  O N N 131 
GLY H    H N N 132 
GLY H2   H N N 133 
GLY HA2  H N N 134 
GLY HA3  H N N 135 
GLY HXT  H N N 136 
HIS N    N N N 137 
HIS CA   C N S 138 
HIS C    C N N 139 
HIS O    O N N 140 
HIS CB   C N N 141 
HIS CG   C Y N 142 
HIS ND1  N Y N 143 
HIS CD2  C Y N 144 
HIS CE1  C Y N 145 
HIS NE2  N Y N 146 
HIS OXT  O N N 147 
HIS H    H N N 148 
HIS H2   H N N 149 
HIS HA   H N N 150 
HIS HB2  H N N 151 
HIS HB3  H N N 152 
HIS HD1  H N N 153 
HIS HD2  H N N 154 
HIS HE1  H N N 155 
HIS HE2  H N N 156 
HIS HXT  H N N 157 
HOH O    O N N 158 
HOH H1   H N N 159 
HOH H2   H N N 160 
ILE N    N N N 161 
ILE CA   C N S 162 
ILE C    C N N 163 
ILE O    O N N 164 
ILE CB   C N S 165 
ILE CG1  C N N 166 
ILE CG2  C N N 167 
ILE CD1  C N N 168 
ILE OXT  O N N 169 
ILE H    H N N 170 
ILE H2   H N N 171 
ILE HA   H N N 172 
ILE HB   H N N 173 
ILE HG12 H N N 174 
ILE HG13 H N N 175 
ILE HG21 H N N 176 
ILE HG22 H N N 177 
ILE HG23 H N N 178 
ILE HD11 H N N 179 
ILE HD12 H N N 180 
ILE HD13 H N N 181 
ILE HXT  H N N 182 
LEU N    N N N 183 
LEU CA   C N S 184 
LEU C    C N N 185 
LEU O    O N N 186 
LEU CB   C N N 187 
LEU CG   C N N 188 
LEU CD1  C N N 189 
LEU CD2  C N N 190 
LEU OXT  O N N 191 
LEU H    H N N 192 
LEU H2   H N N 193 
LEU HA   H N N 194 
LEU HB2  H N N 195 
LEU HB3  H N N 196 
LEU HG   H N N 197 
LEU HD11 H N N 198 
LEU HD12 H N N 199 
LEU HD13 H N N 200 
LEU HD21 H N N 201 
LEU HD22 H N N 202 
LEU HD23 H N N 203 
LEU HXT  H N N 204 
LYS N    N N N 205 
LYS CA   C N S 206 
LYS C    C N N 207 
LYS O    O N N 208 
LYS CB   C N N 209 
LYS CG   C N N 210 
LYS CD   C N N 211 
LYS CE   C N N 212 
LYS NZ   N N N 213 
LYS OXT  O N N 214 
LYS H    H N N 215 
LYS H2   H N N 216 
LYS HA   H N N 217 
LYS HB2  H N N 218 
LYS HB3  H N N 219 
LYS HG2  H N N 220 
LYS HG3  H N N 221 
LYS HD2  H N N 222 
LYS HD3  H N N 223 
LYS HE2  H N N 224 
LYS HE3  H N N 225 
LYS HZ1  H N N 226 
LYS HZ2  H N N 227 
LYS HZ3  H N N 228 
LYS HXT  H N N 229 
MET N    N N N 230 
MET CA   C N S 231 
MET C    C N N 232 
MET O    O N N 233 
MET CB   C N N 234 
MET CG   C N N 235 
MET SD   S N N 236 
MET CE   C N N 237 
MET OXT  O N N 238 
MET H    H N N 239 
MET H2   H N N 240 
MET HA   H N N 241 
MET HB2  H N N 242 
MET HB3  H N N 243 
MET HG2  H N N 244 
MET HG3  H N N 245 
MET HE1  H N N 246 
MET HE2  H N N 247 
MET HE3  H N N 248 
MET HXT  H N N 249 
PHE N    N N N 250 
PHE CA   C N S 251 
PHE C    C N N 252 
PHE O    O N N 253 
PHE CB   C N N 254 
PHE CG   C Y N 255 
PHE CD1  C Y N 256 
PHE CD2  C Y N 257 
PHE CE1  C Y N 258 
PHE CE2  C Y N 259 
PHE CZ   C Y N 260 
PHE OXT  O N N 261 
PHE H    H N N 262 
PHE H2   H N N 263 
PHE HA   H N N 264 
PHE HB2  H N N 265 
PHE HB3  H N N 266 
PHE HD1  H N N 267 
PHE HD2  H N N 268 
PHE HE1  H N N 269 
PHE HE2  H N N 270 
PHE HZ   H N N 271 
PHE HXT  H N N 272 
PRO N    N N N 273 
PRO CA   C N S 274 
PRO C    C N N 275 
PRO O    O N N 276 
PRO CB   C N N 277 
PRO CG   C N N 278 
PRO CD   C N N 279 
PRO OXT  O N N 280 
PRO H    H N N 281 
PRO HA   H N N 282 
PRO HB2  H N N 283 
PRO HB3  H N N 284 
PRO HG2  H N N 285 
PRO HG3  H N N 286 
PRO HD2  H N N 287 
PRO HD3  H N N 288 
PRO HXT  H N N 289 
SER N    N N N 290 
SER CA   C N S 291 
SER C    C N N 292 
SER O    O N N 293 
SER CB   C N N 294 
SER OG   O N N 295 
SER OXT  O N N 296 
SER H    H N N 297 
SER H2   H N N 298 
SER HA   H N N 299 
SER HB2  H N N 300 
SER HB3  H N N 301 
SER HG   H N N 302 
SER HXT  H N N 303 
THR N    N N N 304 
THR CA   C N S 305 
THR C    C N N 306 
THR O    O N N 307 
THR CB   C N R 308 
THR OG1  O N N 309 
THR CG2  C N N 310 
THR OXT  O N N 311 
THR H    H N N 312 
THR H2   H N N 313 
THR HA   H N N 314 
THR HB   H N N 315 
THR HG1  H N N 316 
THR HG21 H N N 317 
THR HG22 H N N 318 
THR HG23 H N N 319 
THR HXT  H N N 320 
TRP N    N N N 321 
TRP CA   C N S 322 
TRP C    C N N 323 
TRP O    O N N 324 
TRP CB   C N N 325 
TRP CG   C Y N 326 
TRP CD1  C Y N 327 
TRP CD2  C Y N 328 
TRP NE1  N Y N 329 
TRP CE2  C Y N 330 
TRP CE3  C Y N 331 
TRP CZ2  C Y N 332 
TRP CZ3  C Y N 333 
TRP CH2  C Y N 334 
TRP OXT  O N N 335 
TRP H    H N N 336 
TRP H2   H N N 337 
TRP HA   H N N 338 
TRP HB2  H N N 339 
TRP HB3  H N N 340 
TRP HD1  H N N 341 
TRP HE1  H N N 342 
TRP HE3  H N N 343 
TRP HZ2  H N N 344 
TRP HZ3  H N N 345 
TRP HH2  H N N 346 
TRP HXT  H N N 347 
TYR N    N N N 348 
TYR CA   C N S 349 
TYR C    C N N 350 
TYR O    O N N 351 
TYR CB   C N N 352 
TYR CG   C Y N 353 
TYR CD1  C Y N 354 
TYR CD2  C Y N 355 
TYR CE1  C Y N 356 
TYR CE2  C Y N 357 
TYR CZ   C Y N 358 
TYR OH   O N N 359 
TYR OXT  O N N 360 
TYR H    H N N 361 
TYR H2   H N N 362 
TYR HA   H N N 363 
TYR HB2  H N N 364 
TYR HB3  H N N 365 
TYR HD1  H N N 366 
TYR HD2  H N N 367 
TYR HE1  H N N 368 
TYR HE2  H N N 369 
TYR HH   H N N 370 
TYR HXT  H N N 371 
VAL N    N N N 372 
VAL CA   C N S 373 
VAL C    C N N 374 
VAL O    O N N 375 
VAL CB   C N N 376 
VAL CG1  C N N 377 
VAL CG2  C N N 378 
VAL OXT  O N N 379 
VAL H    H N N 380 
VAL H2   H N N 381 
VAL HA   H N N 382 
VAL HB   H N N 383 
VAL HG11 H N N 384 
VAL HG12 H N N 385 
VAL HG13 H N N 386 
VAL HG21 H N N 387 
VAL HG22 H N N 388 
VAL HG23 H N N 389 
VAL HXT  H N N 390 
# 
loop_
_chem_comp_bond.comp_id 
_chem_comp_bond.atom_id_1 
_chem_comp_bond.atom_id_2 
_chem_comp_bond.value_order 
_chem_comp_bond.pdbx_aromatic_flag 
_chem_comp_bond.pdbx_stereo_config 
_chem_comp_bond.pdbx_ordinal 
ALA N   CA   sing N N 1   
ALA N   H    sing N N 2   
ALA N   H2   sing N N 3   
ALA CA  C    sing N N 4   
ALA CA  CB   sing N N 5   
ALA CA  HA   sing N N 6   
ALA C   O    doub N N 7   
ALA C   OXT  sing N N 8   
ALA CB  HB1  sing N N 9   
ALA CB  HB2  sing N N 10  
ALA CB  HB3  sing N N 11  
ALA OXT HXT  sing N N 12  
ARG N   CA   sing N N 13  
ARG N   H    sing N N 14  
ARG N   H2   sing N N 15  
ARG CA  C    sing N N 16  
ARG CA  CB   sing N N 17  
ARG CA  HA   sing N N 18  
ARG C   O    doub N N 19  
ARG C   OXT  sing N N 20  
ARG CB  CG   sing N N 21  
ARG CB  HB2  sing N N 22  
ARG CB  HB3  sing N N 23  
ARG CG  CD   sing N N 24  
ARG CG  HG2  sing N N 25  
ARG CG  HG3  sing N N 26  
ARG CD  NE   sing N N 27  
ARG CD  HD2  sing N N 28  
ARG CD  HD3  sing N N 29  
ARG NE  CZ   sing N N 30  
ARG NE  HE   sing N N 31  
ARG CZ  NH1  sing N N 32  
ARG CZ  NH2  doub N N 33  
ARG NH1 HH11 sing N N 34  
ARG NH1 HH12 sing N N 35  
ARG NH2 HH21 sing N N 36  
ARG NH2 HH22 sing N N 37  
ARG OXT HXT  sing N N 38  
ASN N   CA   sing N N 39  
ASN N   H    sing N N 40  
ASN N   H2   sing N N 41  
ASN CA  C    sing N N 42  
ASN CA  CB   sing N N 43  
ASN CA  HA   sing N N 44  
ASN C   O    doub N N 45  
ASN C   OXT  sing N N 46  
ASN CB  CG   sing N N 47  
ASN CB  HB2  sing N N 48  
ASN CB  HB3  sing N N 49  
ASN CG  OD1  doub N N 50  
ASN CG  ND2  sing N N 51  
ASN ND2 HD21 sing N N 52  
ASN ND2 HD22 sing N N 53  
ASN OXT HXT  sing N N 54  
ASP N   CA   sing N N 55  
ASP N   H    sing N N 56  
ASP N   H2   sing N N 57  
ASP CA  C    sing N N 58  
ASP CA  CB   sing N N 59  
ASP CA  HA   sing N N 60  
ASP C   O    doub N N 61  
ASP C   OXT  sing N N 62  
ASP CB  CG   sing N N 63  
ASP CB  HB2  sing N N 64  
ASP CB  HB3  sing N N 65  
ASP CG  OD1  doub N N 66  
ASP CG  OD2  sing N N 67  
ASP OD2 HD2  sing N N 68  
ASP OXT HXT  sing N N 69  
CYS N   CA   sing N N 70  
CYS N   H    sing N N 71  
CYS N   H2   sing N N 72  
CYS CA  C    sing N N 73  
CYS CA  CB   sing N N 74  
CYS CA  HA   sing N N 75  
CYS C   O    doub N N 76  
CYS C   OXT  sing N N 77  
CYS CB  SG   sing N N 78  
CYS CB  HB2  sing N N 79  
CYS CB  HB3  sing N N 80  
CYS SG  HG   sing N N 81  
CYS OXT HXT  sing N N 82  
GLN N   CA   sing N N 83  
GLN N   H    sing N N 84  
GLN N   H2   sing N N 85  
GLN CA  C    sing N N 86  
GLN CA  CB   sing N N 87  
GLN CA  HA   sing N N 88  
GLN C   O    doub N N 89  
GLN C   OXT  sing N N 90  
GLN CB  CG   sing N N 91  
GLN CB  HB2  sing N N 92  
GLN CB  HB3  sing N N 93  
GLN CG  CD   sing N N 94  
GLN CG  HG2  sing N N 95  
GLN CG  HG3  sing N N 96  
GLN CD  OE1  doub N N 97  
GLN CD  NE2  sing N N 98  
GLN NE2 HE21 sing N N 99  
GLN NE2 HE22 sing N N 100 
GLN OXT HXT  sing N N 101 
GLU N   CA   sing N N 102 
GLU N   H    sing N N 103 
GLU N   H2   sing N N 104 
GLU CA  C    sing N N 105 
GLU CA  CB   sing N N 106 
GLU CA  HA   sing N N 107 
GLU C   O    doub N N 108 
GLU C   OXT  sing N N 109 
GLU CB  CG   sing N N 110 
GLU CB  HB2  sing N N 111 
GLU CB  HB3  sing N N 112 
GLU CG  CD   sing N N 113 
GLU CG  HG2  sing N N 114 
GLU CG  HG3  sing N N 115 
GLU CD  OE1  doub N N 116 
GLU CD  OE2  sing N N 117 
GLU OE2 HE2  sing N N 118 
GLU OXT HXT  sing N N 119 
GLY N   CA   sing N N 120 
GLY N   H    sing N N 121 
GLY N   H2   sing N N 122 
GLY CA  C    sing N N 123 
GLY CA  HA2  sing N N 124 
GLY CA  HA3  sing N N 125 
GLY C   O    doub N N 126 
GLY C   OXT  sing N N 127 
GLY OXT HXT  sing N N 128 
HIS N   CA   sing N N 129 
HIS N   H    sing N N 130 
HIS N   H2   sing N N 131 
HIS CA  C    sing N N 132 
HIS CA  CB   sing N N 133 
HIS CA  HA   sing N N 134 
HIS C   O    doub N N 135 
HIS C   OXT  sing N N 136 
HIS CB  CG   sing N N 137 
HIS CB  HB2  sing N N 138 
HIS CB  HB3  sing N N 139 
HIS CG  ND1  sing Y N 140 
HIS CG  CD2  doub Y N 141 
HIS ND1 CE1  doub Y N 142 
HIS ND1 HD1  sing N N 143 
HIS CD2 NE2  sing Y N 144 
HIS CD2 HD2  sing N N 145 
HIS CE1 NE2  sing Y N 146 
HIS CE1 HE1  sing N N 147 
HIS NE2 HE2  sing N N 148 
HIS OXT HXT  sing N N 149 
HOH O   H1   sing N N 150 
HOH O   H2   sing N N 151 
ILE N   CA   sing N N 152 
ILE N   H    sing N N 153 
ILE N   H2   sing N N 154 
ILE CA  C    sing N N 155 
ILE CA  CB   sing N N 156 
ILE CA  HA   sing N N 157 
ILE C   O    doub N N 158 
ILE C   OXT  sing N N 159 
ILE CB  CG1  sing N N 160 
ILE CB  CG2  sing N N 161 
ILE CB  HB   sing N N 162 
ILE CG1 CD1  sing N N 163 
ILE CG1 HG12 sing N N 164 
ILE CG1 HG13 sing N N 165 
ILE CG2 HG21 sing N N 166 
ILE CG2 HG22 sing N N 167 
ILE CG2 HG23 sing N N 168 
ILE CD1 HD11 sing N N 169 
ILE CD1 HD12 sing N N 170 
ILE CD1 HD13 sing N N 171 
ILE OXT HXT  sing N N 172 
LEU N   CA   sing N N 173 
LEU N   H    sing N N 174 
LEU N   H2   sing N N 175 
LEU CA  C    sing N N 176 
LEU CA  CB   sing N N 177 
LEU CA  HA   sing N N 178 
LEU C   O    doub N N 179 
LEU C   OXT  sing N N 180 
LEU CB  CG   sing N N 181 
LEU CB  HB2  sing N N 182 
LEU CB  HB3  sing N N 183 
LEU CG  CD1  sing N N 184 
LEU CG  CD2  sing N N 185 
LEU CG  HG   sing N N 186 
LEU CD1 HD11 sing N N 187 
LEU CD1 HD12 sing N N 188 
LEU CD1 HD13 sing N N 189 
LEU CD2 HD21 sing N N 190 
LEU CD2 HD22 sing N N 191 
LEU CD2 HD23 sing N N 192 
LEU OXT HXT  sing N N 193 
LYS N   CA   sing N N 194 
LYS N   H    sing N N 195 
LYS N   H2   sing N N 196 
LYS CA  C    sing N N 197 
LYS CA  CB   sing N N 198 
LYS CA  HA   sing N N 199 
LYS C   O    doub N N 200 
LYS C   OXT  sing N N 201 
LYS CB  CG   sing N N 202 
LYS CB  HB2  sing N N 203 
LYS CB  HB3  sing N N 204 
LYS CG  CD   sing N N 205 
LYS CG  HG2  sing N N 206 
LYS CG  HG3  sing N N 207 
LYS CD  CE   sing N N 208 
LYS CD  HD2  sing N N 209 
LYS CD  HD3  sing N N 210 
LYS CE  NZ   sing N N 211 
LYS CE  HE2  sing N N 212 
LYS CE  HE3  sing N N 213 
LYS NZ  HZ1  sing N N 214 
LYS NZ  HZ2  sing N N 215 
LYS NZ  HZ3  sing N N 216 
LYS OXT HXT  sing N N 217 
MET N   CA   sing N N 218 
MET N   H    sing N N 219 
MET N   H2   sing N N 220 
MET CA  C    sing N N 221 
MET CA  CB   sing N N 222 
MET CA  HA   sing N N 223 
MET C   O    doub N N 224 
MET C   OXT  sing N N 225 
MET CB  CG   sing N N 226 
MET CB  HB2  sing N N 227 
MET CB  HB3  sing N N 228 
MET CG  SD   sing N N 229 
MET CG  HG2  sing N N 230 
MET CG  HG3  sing N N 231 
MET SD  CE   sing N N 232 
MET CE  HE1  sing N N 233 
MET CE  HE2  sing N N 234 
MET CE  HE3  sing N N 235 
MET OXT HXT  sing N N 236 
PHE N   CA   sing N N 237 
PHE N   H    sing N N 238 
PHE N   H2   sing N N 239 
PHE CA  C    sing N N 240 
PHE CA  CB   sing N N 241 
PHE CA  HA   sing N N 242 
PHE C   O    doub N N 243 
PHE C   OXT  sing N N 244 
PHE CB  CG   sing N N 245 
PHE CB  HB2  sing N N 246 
PHE CB  HB3  sing N N 247 
PHE CG  CD1  doub Y N 248 
PHE CG  CD2  sing Y N 249 
PHE CD1 CE1  sing Y N 250 
PHE CD1 HD1  sing N N 251 
PHE CD2 CE2  doub Y N 252 
PHE CD2 HD2  sing N N 253 
PHE CE1 CZ   doub Y N 254 
PHE CE1 HE1  sing N N 255 
PHE CE2 CZ   sing Y N 256 
PHE CE2 HE2  sing N N 257 
PHE CZ  HZ   sing N N 258 
PHE OXT HXT  sing N N 259 
PRO N   CA   sing N N 260 
PRO N   CD   sing N N 261 
PRO N   H    sing N N 262 
PRO CA  C    sing N N 263 
PRO CA  CB   sing N N 264 
PRO CA  HA   sing N N 265 
PRO C   O    doub N N 266 
PRO C   OXT  sing N N 267 
PRO CB  CG   sing N N 268 
PRO CB  HB2  sing N N 269 
PRO CB  HB3  sing N N 270 
PRO CG  CD   sing N N 271 
PRO CG  HG2  sing N N 272 
PRO CG  HG3  sing N N 273 
PRO CD  HD2  sing N N 274 
PRO CD  HD3  sing N N 275 
PRO OXT HXT  sing N N 276 
SER N   CA   sing N N 277 
SER N   H    sing N N 278 
SER N   H2   sing N N 279 
SER CA  C    sing N N 280 
SER CA  CB   sing N N 281 
SER CA  HA   sing N N 282 
SER C   O    doub N N 283 
SER C   OXT  sing N N 284 
SER CB  OG   sing N N 285 
SER CB  HB2  sing N N 286 
SER CB  HB3  sing N N 287 
SER OG  HG   sing N N 288 
SER OXT HXT  sing N N 289 
THR N   CA   sing N N 290 
THR N   H    sing N N 291 
THR N   H2   sing N N 292 
THR CA  C    sing N N 293 
THR CA  CB   sing N N 294 
THR CA  HA   sing N N 295 
THR C   O    doub N N 296 
THR C   OXT  sing N N 297 
THR CB  OG1  sing N N 298 
THR CB  CG2  sing N N 299 
THR CB  HB   sing N N 300 
THR OG1 HG1  sing N N 301 
THR CG2 HG21 sing N N 302 
THR CG2 HG22 sing N N 303 
THR CG2 HG23 sing N N 304 
THR OXT HXT  sing N N 305 
TRP N   CA   sing N N 306 
TRP N   H    sing N N 307 
TRP N   H2   sing N N 308 
TRP CA  C    sing N N 309 
TRP CA  CB   sing N N 310 
TRP CA  HA   sing N N 311 
TRP C   O    doub N N 312 
TRP C   OXT  sing N N 313 
TRP CB  CG   sing N N 314 
TRP CB  HB2  sing N N 315 
TRP CB  HB3  sing N N 316 
TRP CG  CD1  doub Y N 317 
TRP CG  CD2  sing Y N 318 
TRP CD1 NE1  sing Y N 319 
TRP CD1 HD1  sing N N 320 
TRP CD2 CE2  doub Y N 321 
TRP CD2 CE3  sing Y N 322 
TRP NE1 CE2  sing Y N 323 
TRP NE1 HE1  sing N N 324 
TRP CE2 CZ2  sing Y N 325 
TRP CE3 CZ3  doub Y N 326 
TRP CE3 HE3  sing N N 327 
TRP CZ2 CH2  doub Y N 328 
TRP CZ2 HZ2  sing N N 329 
TRP CZ3 CH2  sing Y N 330 
TRP CZ3 HZ3  sing N N 331 
TRP CH2 HH2  sing N N 332 
TRP OXT HXT  sing N N 333 
TYR N   CA   sing N N 334 
TYR N   H    sing N N 335 
TYR N   H2   sing N N 336 
TYR CA  C    sing N N 337 
TYR CA  CB   sing N N 338 
TYR CA  HA   sing N N 339 
TYR C   O    doub N N 340 
TYR C   OXT  sing N N 341 
TYR CB  CG   sing N N 342 
TYR CB  HB2  sing N N 343 
TYR CB  HB3  sing N N 344 
TYR CG  CD1  doub Y N 345 
TYR CG  CD2  sing Y N 346 
TYR CD1 CE1  sing Y N 347 
TYR CD1 HD1  sing N N 348 
TYR CD2 CE2  doub Y N 349 
TYR CD2 HD2  sing N N 350 
TYR CE1 CZ   doub Y N 351 
TYR CE1 HE1  sing N N 352 
TYR CE2 CZ   sing Y N 353 
TYR CE2 HE2  sing N N 354 
TYR CZ  OH   sing N N 355 
TYR OH  HH   sing N N 356 
TYR OXT HXT  sing N N 357 
VAL N   CA   sing N N 358 
VAL N   H    sing N N 359 
VAL N   H2   sing N N 360 
VAL CA  C    sing N N 361 
VAL CA  CB   sing N N 362 
VAL CA  HA   sing N N 363 
VAL C   O    doub N N 364 
VAL C   OXT  sing N N 365 
VAL CB  CG1  sing N N 366 
VAL CB  CG2  sing N N 367 
VAL CB  HB   sing N N 368 
VAL CG1 HG11 sing N N 369 
VAL CG1 HG12 sing N N 370 
VAL CG1 HG13 sing N N 371 
VAL CG2 HG21 sing N N 372 
VAL CG2 HG22 sing N N 373 
VAL CG2 HG23 sing N N 374 
VAL OXT HXT  sing N N 375 
# 
loop_
_pdbx_entity_nonpoly.entity_id 
_pdbx_entity_nonpoly.name 
_pdbx_entity_nonpoly.comp_id 
2 GLYCINE GLY 
3 PROLINE PRO 
4 water   HOH 
# 
_pdbx_initial_refinement_model.id               1 
_pdbx_initial_refinement_model.entity_id_list   ? 
_pdbx_initial_refinement_model.type             'experimental model' 
_pdbx_initial_refinement_model.source_name      PDB 
_pdbx_initial_refinement_model.accession_code   1E8K 
_pdbx_initial_refinement_model.details          'PDB ENTRY 1E8K' 
# 
